data_3ZXW
#
_entry.id   3ZXW
#
_cell.length_a   111.500
_cell.length_b   111.500
_cell.length_c   397.000
_cell.angle_alpha   90.00
_cell.angle_beta   90.00
_cell.angle_gamma   90.00
#
_symmetry.space_group_name_H-M   'P 43 21 2'
#
loop_
_entity.id
_entity.type
_entity.pdbx_description
1 polymer 'RIBULOSE BISPHOSPHATE CARBOXYLASE LARGE CHAIN'
2 polymer 'RIBULOSE BISPHOSPHATE CARBOXYLASE SMALL CHAIN'
3 non-polymer 'MAGNESIUM ION'
4 non-polymer 2-CARBOXYARABINITOL-1,5-DIPHOSPHATE
5 non-polymer GLYCEROL
6 water water
#
loop_
_entity_poly.entity_id
_entity_poly.type
_entity_poly.pdbx_seq_one_letter_code
_entity_poly.pdbx_strand_id
1 'polypeptide(L)'
;MAYTQSKSQKVGYQAGVKDYRLTYYTPDYTPKDTDILAAFRVTPQPGVPFEEAAAAVAAESSTGTWTTVWTDLLTDLDRY
KGCCYDIEPLPGEDNQFIAYIAYPLDLFEEGSVTNMLTSIVGNVFGFKALKALRLEDLRIPVAYLKTFQGPPHGIQVERD
KLNKYGRPLLGCTIKPKLGLSAKNYGRAVYECLRGGLDFT(KCX)DDENINSQPFQRWRDRFLFVADAIHKAQAETGEIK
GHYLNVTAPTCEEMLKRAEFAKELEMPIIMHDFLTAGFTANTTLSKWCRDNGMLLHIHRAMHAVMDRQKNHGIHFRVLAK
CLRMSGGDHIHTGTVVGKLEGDKAVTLGFVDLLRENYIEQDRSRGIYFTQDWASMPGVMAVASGGIHVWHMPALVDIFGD
DAVLQFGGGTLGHPWGNAPGATANRVALEACIQARNEGRDLMREGGDIIREAARWSPELAAACELWKEIKFEFEAQDTI
;
A,C,E,G
2 'polypeptide(L)'
;MKTLPKERRYETFSYLPPLSDAQIARQIQYAIDQGYHPCVEFNETSNAEIRYWTMWKLPLFNCTNAQDVLNEVQQCRSEY
PNCFIRVVAFDNIKQCQVMSFIVYKPNQANSGYSGYRY
;
B,D,F,H
#
# COMPACT_ATOMS: atom_id res chain seq x y z
N GLY A 12 -62.00 23.74 15.91
CA GLY A 12 -60.95 23.28 16.86
C GLY A 12 -60.77 21.77 16.82
N TYR A 13 -60.47 21.18 17.98
CA TYR A 13 -60.25 19.75 18.11
C TYR A 13 -61.56 19.01 18.39
N GLN A 14 -61.94 18.12 17.48
CA GLN A 14 -63.09 17.24 17.67
C GLN A 14 -62.61 15.79 17.73
N ALA A 15 -62.53 15.27 18.95
CA ALA A 15 -62.09 13.90 19.20
C ALA A 15 -63.03 12.87 18.56
N GLY A 16 -62.51 11.67 18.33
CA GLY A 16 -63.32 10.57 17.83
C GLY A 16 -63.02 10.11 16.41
N VAL A 17 -63.63 8.99 16.04
CA VAL A 17 -63.44 8.38 14.73
C VAL A 17 -64.36 9.02 13.70
N LYS A 18 -63.83 9.26 12.50
CA LYS A 18 -64.62 9.65 11.34
C LYS A 18 -64.00 9.05 10.08
N ASP A 19 -64.74 9.07 8.97
CA ASP A 19 -64.29 8.45 7.73
C ASP A 19 -63.00 9.07 7.21
N TYR A 20 -62.11 8.20 6.71
CA TYR A 20 -60.86 8.62 6.09
C TYR A 20 -61.11 9.54 4.89
N ARG A 21 -62.14 9.23 4.11
CA ARG A 21 -62.46 9.96 2.88
C ARG A 21 -62.71 11.45 3.07
N LEU A 22 -63.07 11.83 4.29
CA LEU A 22 -63.34 13.25 4.61
C LEU A 22 -62.10 14.13 4.49
N THR A 23 -60.92 13.53 4.64
CA THR A 23 -59.66 14.26 4.57
C THR A 23 -58.78 13.79 3.41
N TYR A 24 -58.83 12.50 3.11
CA TYR A 24 -57.81 11.85 2.27
C TYR A 24 -58.25 11.47 0.85
N TYR A 25 -59.53 11.68 0.52
CA TYR A 25 -59.98 11.55 -0.87
C TYR A 25 -60.25 12.94 -1.43
N THR A 26 -59.42 13.33 -2.40
CA THR A 26 -59.48 14.67 -3.00
C THR A 26 -59.42 14.54 -4.52
N PRO A 27 -60.57 14.23 -5.16
CA PRO A 27 -60.59 13.97 -6.60
C PRO A 27 -60.30 15.20 -7.47
N ASP A 28 -60.37 16.38 -6.88
CA ASP A 28 -60.08 17.65 -7.57
C ASP A 28 -58.60 18.06 -7.51
N TYR A 29 -57.78 17.25 -6.85
CA TYR A 29 -56.35 17.56 -6.70
C TYR A 29 -55.55 17.28 -7.98
N THR A 30 -54.72 18.25 -8.35
CA THR A 30 -53.78 18.10 -9.46
C THR A 30 -52.38 17.84 -8.90
N PRO A 31 -51.78 16.70 -9.26
CA PRO A 31 -50.44 16.35 -8.80
C PRO A 31 -49.39 17.39 -9.19
N LYS A 32 -48.46 17.67 -8.29
CA LYS A 32 -47.32 18.53 -8.57
C LYS A 32 -46.22 17.67 -9.22
N ASP A 33 -45.34 18.32 -9.96
CA ASP A 33 -44.19 17.64 -10.55
C ASP A 33 -43.17 17.18 -9.50
N THR A 34 -43.36 17.65 -8.25
CA THR A 34 -42.50 17.30 -7.13
C THR A 34 -43.10 16.17 -6.28
N ASP A 35 -44.34 15.79 -6.58
CA ASP A 35 -45.05 14.77 -5.81
C ASP A 35 -44.55 13.38 -6.19
N ILE A 36 -44.51 12.48 -5.21
N ILE A 36 -44.51 12.48 -5.21
CA ILE A 36 -44.37 11.06 -5.51
CA ILE A 36 -44.38 11.06 -5.51
C ILE A 36 -45.76 10.49 -5.76
C ILE A 36 -45.77 10.50 -5.76
N LEU A 37 -45.95 9.83 -6.90
CA LEU A 37 -47.26 9.27 -7.26
C LEU A 37 -47.23 7.75 -7.16
N ALA A 38 -48.30 7.18 -6.60
CA ALA A 38 -48.44 5.72 -6.49
C ALA A 38 -49.72 5.25 -7.20
N ALA A 39 -49.62 4.12 -7.90
CA ALA A 39 -50.79 3.44 -8.44
C ALA A 39 -50.99 2.10 -7.73
N PHE A 40 -52.02 2.03 -6.89
CA PHE A 40 -52.35 0.82 -6.11
C PHE A 40 -53.53 0.08 -6.74
N ARG A 41 -53.37 -1.23 -6.92
CA ARG A 41 -54.49 -2.09 -7.30
C ARG A 41 -55.17 -2.55 -6.01
N VAL A 42 -56.37 -2.03 -5.77
CA VAL A 42 -57.06 -2.20 -4.50
C VAL A 42 -58.24 -3.20 -4.61
N THR A 43 -58.26 -4.17 -3.69
CA THR A 43 -59.39 -5.10 -3.53
C THR A 43 -59.95 -4.92 -2.13
N PRO A 44 -61.03 -4.12 -2.00
CA PRO A 44 -61.59 -3.88 -0.68
C PRO A 44 -62.48 -5.02 -0.19
N GLN A 45 -62.72 -5.07 1.12
CA GLN A 45 -63.66 -6.02 1.71
C GLN A 45 -65.09 -5.66 1.27
N PRO A 46 -65.98 -6.67 1.16
CA PRO A 46 -67.39 -6.41 0.86
C PRO A 46 -68.00 -5.35 1.78
N GLY A 47 -68.69 -4.38 1.20
CA GLY A 47 -69.36 -3.33 1.99
C GLY A 47 -68.58 -2.04 2.20
N VAL A 48 -67.25 -2.09 2.00
CA VAL A 48 -66.40 -0.90 2.12
C VAL A 48 -66.35 -0.13 0.78
N PRO A 49 -66.82 1.13 0.77
CA PRO A 49 -66.84 1.93 -0.47
C PRO A 49 -65.43 2.15 -1.03
N PHE A 50 -65.33 2.24 -2.35
CA PHE A 50 -64.05 2.46 -3.03
C PHE A 50 -63.31 3.69 -2.49
N GLU A 51 -64.06 4.78 -2.33
CA GLU A 51 -63.51 6.05 -1.87
C GLU A 51 -62.91 5.95 -0.47
N GLU A 52 -63.53 5.14 0.39
CA GLU A 52 -63.05 4.96 1.75
C GLU A 52 -61.82 4.05 1.82
N ALA A 53 -61.79 3.03 0.96
CA ALA A 53 -60.65 2.13 0.83
C ALA A 53 -59.42 2.88 0.32
N ALA A 54 -59.62 3.67 -0.73
CA ALA A 54 -58.57 4.50 -1.31
C ALA A 54 -58.02 5.51 -0.31
N ALA A 55 -58.91 6.08 0.50
CA ALA A 55 -58.55 7.12 1.47
C ALA A 55 -57.82 6.55 2.67
N ALA A 56 -58.23 5.37 3.12
CA ALA A 56 -57.53 4.66 4.19
C ALA A 56 -56.08 4.36 3.79
N VAL A 57 -55.89 3.88 2.56
CA VAL A 57 -54.55 3.61 2.01
C VAL A 57 -53.72 4.89 1.97
N ALA A 58 -54.30 5.96 1.43
CA ALA A 58 -53.62 7.25 1.36
C ALA A 58 -53.26 7.80 2.74
N ALA A 59 -54.18 7.63 3.70
CA ALA A 59 -54.00 8.13 5.07
C ALA A 59 -52.92 7.40 5.88
N GLU A 60 -53.01 6.07 5.92
CA GLU A 60 -52.12 5.27 6.77
C GLU A 60 -50.72 5.11 6.17
N SER A 61 -50.56 5.57 4.93
CA SER A 61 -49.26 5.61 4.29
C SER A 61 -48.69 7.03 4.27
N SER A 62 -49.30 7.95 5.01
CA SER A 62 -48.81 9.32 5.07
C SER A 62 -48.86 9.98 6.46
N THR A 63 -50.04 10.47 6.86
CA THR A 63 -50.14 11.26 8.09
C THR A 63 -51.19 10.77 9.09
N GLY A 64 -52.10 9.93 8.62
CA GLY A 64 -53.30 9.60 9.40
C GLY A 64 -53.26 8.35 10.25
N THR A 65 -54.08 8.34 11.29
CA THR A 65 -54.36 7.13 12.05
C THR A 65 -55.89 6.92 12.21
N TRP A 66 -56.27 5.91 12.99
CA TRP A 66 -57.67 5.43 13.04
C TRP A 66 -58.67 6.40 13.70
N THR A 67 -58.15 7.35 14.48
CA THR A 67 -58.99 8.33 15.17
C THR A 67 -58.34 9.72 15.13
N THR A 68 -59.16 10.76 15.30
CA THR A 68 -58.69 12.16 15.22
C THR A 68 -57.78 12.53 16.40
N VAL A 69 -56.61 13.07 16.08
CA VAL A 69 -55.67 13.49 17.11
C VAL A 69 -55.52 15.02 17.14
N TRP A 70 -55.34 15.57 18.33
CA TRP A 70 -55.26 17.02 18.51
C TRP A 70 -53.99 17.62 17.91
N THR A 71 -52.90 16.86 17.94
CA THR A 71 -51.58 17.31 17.48
C THR A 71 -51.57 17.71 16.00
N ASP A 72 -52.54 17.21 15.22
CA ASP A 72 -52.77 17.63 13.85
C ASP A 72 -52.82 19.15 13.71
N LEU A 73 -53.37 19.81 14.72
CA LEU A 73 -53.63 21.25 14.68
C LEU A 73 -52.41 22.09 15.06
N LEU A 74 -51.37 21.43 15.57
CA LEU A 74 -50.07 22.08 15.79
C LEU A 74 -49.36 22.32 14.46
N THR A 75 -49.74 21.54 13.44
CA THR A 75 -49.10 21.59 12.14
C THR A 75 -50.11 21.91 11.03
N ASP A 76 -49.68 21.77 9.78
CA ASP A 76 -50.50 22.05 8.62
C ASP A 76 -50.76 20.75 7.87
N LEU A 77 -51.72 19.97 8.37
CA LEU A 77 -52.01 18.64 7.84
C LEU A 77 -52.26 18.62 6.34
N ASP A 78 -52.93 19.65 5.83
CA ASP A 78 -53.29 19.71 4.42
C ASP A 78 -52.10 19.70 3.46
N ARG A 79 -50.97 20.23 3.89
CA ARG A 79 -49.80 20.26 3.01
C ARG A 79 -48.89 19.03 3.17
N TYR A 80 -49.11 18.24 4.23
CA TYR A 80 -48.32 17.03 4.47
C TYR A 80 -49.04 15.73 4.11
N LYS A 81 -50.37 15.76 4.11
CA LYS A 81 -51.16 14.56 3.85
C LYS A 81 -50.93 14.00 2.44
N GLY A 82 -50.94 12.67 2.34
CA GLY A 82 -51.06 12.01 1.06
C GLY A 82 -52.54 12.06 0.69
N CYS A 83 -52.86 11.94 -0.58
CA CYS A 83 -54.26 11.98 -0.99
C CYS A 83 -54.52 11.16 -2.25
N CYS A 84 -55.65 10.46 -2.26
CA CYS A 84 -56.13 9.82 -3.46
C CYS A 84 -56.80 10.89 -4.32
N TYR A 85 -56.30 11.06 -5.55
CA TYR A 85 -56.78 12.12 -6.44
C TYR A 85 -57.51 11.56 -7.66
N ASP A 86 -57.46 10.24 -7.80
CA ASP A 86 -58.11 9.55 -8.91
C ASP A 86 -58.38 8.09 -8.54
N ILE A 87 -59.59 7.63 -8.88
CA ILE A 87 -59.99 6.22 -8.74
C ILE A 87 -60.38 5.68 -10.12
N GLU A 88 -59.77 4.57 -10.51
CA GLU A 88 -60.04 3.95 -11.80
C GLU A 88 -60.59 2.54 -11.56
N PRO A 89 -61.92 2.35 -11.70
CA PRO A 89 -62.52 1.03 -11.54
C PRO A 89 -62.04 0.08 -12.62
N LEU A 90 -61.95 -1.21 -12.27
CA LEU A 90 -61.48 -2.23 -13.21
C LEU A 90 -62.58 -3.28 -13.44
N PRO A 91 -63.51 -2.99 -14.37
CA PRO A 91 -64.69 -3.86 -14.59
C PRO A 91 -64.35 -5.27 -15.08
N GLY A 92 -63.20 -5.44 -15.71
CA GLY A 92 -62.72 -6.76 -16.13
C GLY A 92 -62.15 -7.59 -14.98
N GLU A 93 -62.15 -7.02 -13.78
CA GLU A 93 -61.60 -7.66 -12.59
C GLU A 93 -62.68 -7.83 -11.53
N ASP A 94 -62.41 -8.64 -10.52
CA ASP A 94 -63.37 -8.91 -9.46
C ASP A 94 -63.15 -8.00 -8.25
N ASN A 95 -64.03 -7.01 -8.11
CA ASN A 95 -63.97 -6.03 -7.02
C ASN A 95 -62.60 -5.33 -6.88
N GLN A 96 -62.11 -4.80 -7.99
CA GLN A 96 -60.81 -4.12 -8.04
C GLN A 96 -60.92 -2.72 -8.62
N PHE A 97 -60.04 -1.84 -8.14
CA PHE A 97 -59.83 -0.51 -8.74
C PHE A 97 -58.39 -0.05 -8.56
N ILE A 98 -57.95 0.89 -9.40
CA ILE A 98 -56.66 1.56 -9.20
C ILE A 98 -56.87 2.84 -8.42
N ALA A 99 -56.22 2.92 -7.26
CA ALA A 99 -56.16 4.17 -6.50
C ALA A 99 -54.88 4.90 -6.85
N TYR A 100 -55.02 6.13 -7.33
CA TYR A 100 -53.88 6.99 -7.64
C TYR A 100 -53.68 7.92 -6.46
N ILE A 101 -52.47 7.90 -5.89
CA ILE A 101 -52.20 8.64 -4.66
C ILE A 101 -50.97 9.55 -4.84
N ALA A 102 -51.06 10.76 -4.28
CA ALA A 102 -49.98 11.73 -4.37
C ALA A 102 -49.40 12.00 -3.00
N TYR A 103 -48.07 12.01 -2.91
CA TYR A 103 -47.36 12.24 -1.67
C TYR A 103 -46.44 13.44 -1.82
N PRO A 104 -46.57 14.45 -0.95
CA PRO A 104 -45.69 15.62 -1.00
C PRO A 104 -44.20 15.24 -0.83
N LEU A 105 -43.33 15.93 -1.56
CA LEU A 105 -41.88 15.71 -1.50
C LEU A 105 -41.32 15.71 -0.08
N ASP A 106 -41.86 16.57 0.77
CA ASP A 106 -41.38 16.77 2.15
C ASP A 106 -41.56 15.57 3.09
N LEU A 107 -42.31 14.56 2.64
CA LEU A 107 -42.55 13.38 3.47
C LEU A 107 -41.38 12.41 3.47
N PHE A 108 -40.44 12.59 2.54
CA PHE A 108 -39.44 11.56 2.26
C PHE A 108 -38.01 11.95 2.60
N GLU A 109 -37.28 11.01 3.20
CA GLU A 109 -35.87 11.23 3.48
C GLU A 109 -35.09 11.18 2.17
N GLU A 110 -34.31 12.24 1.94
CA GLU A 110 -33.43 12.35 0.77
C GLU A 110 -32.53 11.13 0.70
N GLY A 111 -32.46 10.51 -0.48
CA GLY A 111 -31.52 9.43 -0.74
C GLY A 111 -31.86 8.10 -0.10
N SER A 112 -33.07 7.97 0.44
CA SER A 112 -33.45 6.78 1.19
C SER A 112 -34.60 5.97 0.57
N VAL A 113 -34.25 4.99 -0.26
CA VAL A 113 -35.22 4.01 -0.76
C VAL A 113 -35.95 3.33 0.41
N THR A 114 -35.19 3.01 1.46
CA THR A 114 -35.76 2.45 2.67
C THR A 114 -36.92 3.29 3.23
N ASN A 115 -36.71 4.59 3.37
CA ASN A 115 -37.76 5.46 3.90
C ASN A 115 -38.96 5.56 2.95
N MET A 116 -38.70 5.69 1.66
CA MET A 116 -39.78 5.80 0.67
C MET A 116 -40.70 4.58 0.74
N LEU A 117 -40.10 3.41 0.75
CA LEU A 117 -40.84 2.16 0.85
C LEU A 117 -41.60 2.04 2.16
N THR A 118 -40.95 2.42 3.26
CA THR A 118 -41.57 2.36 4.59
C THR A 118 -42.91 3.12 4.61
N SER A 119 -42.93 4.32 4.03
CA SER A 119 -44.15 5.13 3.95
C SER A 119 -45.20 4.50 3.05
N ILE A 120 -44.85 4.26 1.80
CA ILE A 120 -45.81 3.84 0.78
C ILE A 120 -46.31 2.40 0.96
N VAL A 121 -45.43 1.48 1.34
CA VAL A 121 -45.82 0.07 1.49
C VAL A 121 -45.71 -0.50 2.92
N GLY A 122 -45.51 0.38 3.90
CA GLY A 122 -45.22 -0.03 5.28
C GLY A 122 -46.30 -0.79 6.03
N ASN A 123 -47.50 -0.22 6.11
CA ASN A 123 -48.57 -0.77 6.94
C ASN A 123 -49.86 -1.09 6.17
N VAL A 124 -50.03 -0.44 5.03
CA VAL A 124 -51.32 -0.43 4.33
C VAL A 124 -51.77 -1.79 3.75
N PHE A 125 -50.82 -2.69 3.52
CA PHE A 125 -51.15 -3.99 2.91
C PHE A 125 -51.86 -4.96 3.86
N GLY A 126 -51.80 -4.67 5.16
CA GLY A 126 -52.40 -5.52 6.19
C GLY A 126 -53.67 -4.97 6.79
N PHE A 127 -54.24 -3.96 6.13
CA PHE A 127 -55.44 -3.30 6.61
C PHE A 127 -56.65 -4.24 6.53
N LYS A 128 -57.36 -4.39 7.66
CA LYS A 128 -58.51 -5.30 7.75
C LYS A 128 -59.55 -5.01 6.69
N ALA A 129 -59.79 -3.73 6.41
CA ALA A 129 -60.82 -3.27 5.47
C ALA A 129 -60.52 -3.57 3.99
N LEU A 130 -59.34 -4.14 3.72
CA LEU A 130 -58.99 -4.59 2.38
C LEU A 130 -58.81 -6.11 2.37
N LYS A 131 -59.02 -6.72 1.20
CA LYS A 131 -58.79 -8.14 1.01
C LYS A 131 -57.41 -8.37 0.40
N ALA A 132 -57.02 -7.47 -0.50
CA ALA A 132 -55.74 -7.53 -1.20
C ALA A 132 -55.31 -6.14 -1.68
N LEU A 133 -54.01 -5.94 -1.82
CA LEU A 133 -53.46 -4.66 -2.26
C LEU A 133 -52.17 -4.92 -3.04
N ARG A 134 -52.03 -4.26 -4.18
CA ARG A 134 -50.81 -4.38 -4.97
C ARG A 134 -50.34 -3.02 -5.47
N LEU A 135 -49.08 -2.69 -5.18
CA LEU A 135 -48.48 -1.48 -5.73
C LEU A 135 -47.96 -1.78 -7.13
N GLU A 136 -48.52 -1.09 -8.12
CA GLU A 136 -48.21 -1.35 -9.53
C GLU A 136 -47.09 -0.45 -10.05
N ASP A 137 -47.09 0.82 -9.64
CA ASP A 137 -46.10 1.78 -10.15
C ASP A 137 -45.88 2.93 -9.18
N LEU A 138 -44.73 3.60 -9.33
CA LEU A 138 -44.42 4.83 -8.61
C LEU A 138 -43.86 5.85 -9.59
N ARG A 139 -44.37 7.07 -9.55
CA ARG A 139 -43.75 8.14 -10.29
C ARG A 139 -42.80 8.86 -9.33
N ILE A 140 -41.50 8.64 -9.53
CA ILE A 140 -40.49 9.31 -8.72
C ILE A 140 -40.14 10.64 -9.38
N PRO A 141 -40.39 11.75 -8.68
CA PRO A 141 -40.17 13.07 -9.26
C PRO A 141 -38.69 13.37 -9.38
N VAL A 142 -38.35 14.21 -10.36
CA VAL A 142 -36.97 14.60 -10.63
C VAL A 142 -36.26 15.17 -9.39
N ALA A 143 -36.96 15.97 -8.60
CA ALA A 143 -36.38 16.63 -7.42
C ALA A 143 -35.99 15.64 -6.31
N TYR A 144 -36.73 14.54 -6.20
CA TYR A 144 -36.35 13.47 -5.27
C TYR A 144 -35.20 12.61 -5.82
N LEU A 145 -35.24 12.33 -7.12
CA LEU A 145 -34.19 11.53 -7.77
C LEU A 145 -32.81 12.13 -7.65
N LYS A 146 -32.74 13.47 -7.66
CA LYS A 146 -31.45 14.17 -7.55
C LYS A 146 -30.77 13.96 -6.19
N THR A 147 -31.50 13.45 -5.20
CA THR A 147 -30.93 13.16 -3.88
C THR A 147 -30.28 11.77 -3.81
N PHE A 148 -30.37 11.00 -4.89
CA PHE A 148 -29.81 9.65 -4.96
C PHE A 148 -28.61 9.61 -5.88
N GLN A 149 -27.63 8.79 -5.55
CA GLN A 149 -26.49 8.56 -6.43
C GLN A 149 -26.92 7.85 -7.72
N GLY A 150 -27.78 6.84 -7.57
CA GLY A 150 -28.11 5.96 -8.67
C GLY A 150 -27.00 4.96 -8.86
N PRO A 151 -26.93 4.36 -10.07
CA PRO A 151 -25.92 3.34 -10.35
C PRO A 151 -24.50 3.89 -10.14
N PRO A 152 -23.58 3.07 -9.58
CA PRO A 152 -22.22 3.53 -9.40
C PRO A 152 -21.59 3.95 -10.73
N HIS A 153 -22.00 3.29 -11.82
CA HIS A 153 -21.44 3.57 -13.14
C HIS A 153 -22.49 3.71 -14.24
N GLY A 154 -23.29 2.67 -14.45
CA GLY A 154 -24.32 2.71 -15.49
C GLY A 154 -23.79 2.21 -16.84
N ILE A 155 -24.71 1.97 -17.78
CA ILE A 155 -24.39 1.31 -19.05
C ILE A 155 -23.20 1.92 -19.80
N GLN A 156 -23.27 3.22 -20.09
CA GLN A 156 -22.24 3.95 -20.85
C GLN A 156 -20.85 3.78 -20.22
N VAL A 157 -20.75 4.06 -18.93
CA VAL A 157 -19.47 4.06 -18.24
C VAL A 157 -18.94 2.62 -18.14
N GLU A 158 -19.84 1.68 -17.86
CA GLU A 158 -19.45 0.27 -17.78
C GLU A 158 -18.79 -0.22 -19.07
N ARG A 159 -19.43 0.07 -20.21
CA ARG A 159 -18.87 -0.32 -21.51
C ARG A 159 -17.51 0.33 -21.73
N ASP A 160 -17.37 1.60 -21.34
CA ASP A 160 -16.09 2.29 -21.43
C ASP A 160 -15.01 1.69 -20.53
N LYS A 161 -15.39 1.25 -19.33
CA LYS A 161 -14.45 0.61 -18.41
C LYS A 161 -14.00 -0.77 -18.90
N LEU A 162 -14.94 -1.52 -19.47
CA LEU A 162 -14.63 -2.88 -19.95
C LEU A 162 -14.14 -2.93 -21.38
N ASN A 163 -14.27 -1.81 -22.10
CA ASN A 163 -13.86 -1.72 -23.50
C ASN A 163 -14.65 -2.72 -24.35
N LYS A 164 -15.96 -2.84 -24.07
CA LYS A 164 -16.82 -3.77 -24.79
C LYS A 164 -18.00 -3.04 -25.40
N TYR A 165 -18.06 -3.05 -26.74
CA TYR A 165 -19.10 -2.34 -27.47
C TYR A 165 -19.79 -3.19 -28.54
N GLY A 166 -21.02 -2.82 -28.87
CA GLY A 166 -21.71 -3.34 -30.06
C GLY A 166 -22.55 -4.59 -29.91
N ARG A 167 -22.50 -5.21 -28.73
CA ARG A 167 -23.16 -6.49 -28.51
C ARG A 167 -23.57 -6.66 -27.05
N PRO A 168 -24.57 -7.52 -26.79
CA PRO A 168 -24.82 -7.97 -25.42
C PRO A 168 -23.57 -8.62 -24.85
N LEU A 169 -23.46 -8.63 -23.53
CA LEU A 169 -22.35 -9.31 -22.89
C LEU A 169 -22.79 -10.74 -22.52
N LEU A 170 -21.82 -11.60 -22.20
CA LEU A 170 -22.10 -13.02 -21.95
C LEU A 170 -21.54 -13.51 -20.63
N GLY A 171 -22.34 -14.27 -19.89
CA GLY A 171 -21.90 -14.88 -18.64
C GLY A 171 -22.38 -16.31 -18.41
N CYS A 172 -21.67 -17.04 -17.56
CA CYS A 172 -22.10 -18.35 -17.06
C CYS A 172 -22.15 -18.32 -15.52
N THR A 173 -23.22 -18.84 -14.93
CA THR A 173 -23.23 -19.09 -13.48
C THR A 173 -22.63 -20.46 -13.22
N ILE A 174 -21.65 -20.53 -12.32
CA ILE A 174 -21.01 -21.80 -11.97
C ILE A 174 -22.01 -22.75 -11.29
N LYS A 175 -22.01 -24.01 -11.71
CA LYS A 175 -22.86 -25.04 -11.12
C LYS A 175 -22.00 -26.25 -10.73
N PRO A 176 -22.46 -27.08 -9.75
CA PRO A 176 -23.70 -26.98 -8.96
C PRO A 176 -23.71 -25.73 -8.08
N LYS A 177 -24.91 -25.25 -7.78
CA LYS A 177 -25.08 -24.02 -7.00
C LYS A 177 -24.16 -24.01 -5.79
N LEU A 178 -24.16 -25.11 -5.04
CA LEU A 178 -23.38 -25.27 -3.82
C LEU A 178 -22.64 -26.61 -3.84
N GLY A 179 -21.55 -26.69 -3.10
CA GLY A 179 -20.82 -27.96 -2.93
C GLY A 179 -19.45 -28.05 -3.58
N LEU A 180 -19.12 -27.10 -4.44
CA LEU A 180 -17.78 -27.09 -5.06
C LEU A 180 -16.75 -26.45 -4.13
N SER A 181 -15.51 -26.94 -4.22
CA SER A 181 -14.41 -26.33 -3.48
C SER A 181 -13.95 -25.07 -4.19
N ALA A 182 -13.20 -24.23 -3.46
CA ALA A 182 -12.69 -22.98 -4.02
C ALA A 182 -11.80 -23.21 -5.25
N LYS A 183 -10.90 -24.19 -5.17
CA LYS A 183 -10.01 -24.51 -6.28
C LYS A 183 -10.78 -25.07 -7.49
N ASN A 184 -11.76 -25.93 -7.25
CA ASN A 184 -12.62 -26.43 -8.34
C ASN A 184 -13.46 -25.29 -8.95
N TYR A 185 -13.80 -24.32 -8.12
CA TYR A 185 -14.59 -23.17 -8.58
C TYR A 185 -13.77 -22.34 -9.57
N GLY A 186 -12.54 -22.03 -9.19
CA GLY A 186 -11.61 -21.29 -10.04
C GLY A 186 -11.30 -21.99 -11.35
N ARG A 187 -11.12 -23.32 -11.29
CA ARG A 187 -10.92 -24.13 -12.49
C ARG A 187 -12.07 -23.97 -13.48
N ALA A 188 -13.30 -24.05 -13.00
CA ALA A 188 -14.48 -23.87 -13.85
C ALA A 188 -14.58 -22.45 -14.42
N VAL A 189 -14.17 -21.47 -13.61
CA VAL A 189 -14.15 -20.06 -14.02
C VAL A 189 -13.16 -19.83 -15.16
N TYR A 190 -11.96 -20.38 -15.01
CA TYR A 190 -10.95 -20.27 -16.06
C TYR A 190 -11.43 -20.85 -17.38
N GLU A 191 -12.04 -22.03 -17.34
CA GLU A 191 -12.51 -22.73 -18.55
C GLU A 191 -13.69 -22.01 -19.23
N CYS A 192 -14.67 -21.57 -18.44
CA CYS A 192 -15.79 -20.76 -18.97
C CYS A 192 -15.26 -19.50 -19.67
N LEU A 193 -14.37 -18.76 -18.99
CA LEU A 193 -13.87 -17.49 -19.50
C LEU A 193 -12.99 -17.63 -20.74
N ARG A 194 -12.05 -18.57 -20.72
CA ARG A 194 -11.16 -18.80 -21.87
C ARG A 194 -11.95 -19.19 -23.14
N GLY A 195 -13.15 -19.72 -22.93
CA GLY A 195 -14.02 -20.18 -24.02
C GLY A 195 -14.80 -19.09 -24.75
N GLY A 196 -14.70 -17.85 -24.29
CA GLY A 196 -15.35 -16.74 -24.98
C GLY A 196 -16.40 -15.95 -24.22
N LEU A 197 -16.64 -16.32 -22.96
CA LEU A 197 -17.58 -15.55 -22.13
C LEU A 197 -16.88 -14.33 -21.55
N ASP A 198 -17.64 -13.25 -21.37
CA ASP A 198 -17.09 -12.04 -20.74
C ASP A 198 -17.02 -12.21 -19.23
N PHE A 199 -18.07 -12.86 -18.68
CA PHE A 199 -18.25 -12.98 -17.24
C PHE A 199 -18.58 -14.38 -16.79
N THR A 200 -18.08 -14.74 -15.62
CA THR A 200 -18.65 -15.84 -14.85
C THR A 200 -19.23 -15.23 -13.57
N ASP A 202 -20.64 -16.08 -9.19
CA ASP A 202 -21.08 -16.87 -8.04
C ASP A 202 -22.58 -17.03 -8.13
N ASP A 203 -23.10 -18.18 -7.72
CA ASP A 203 -24.54 -18.32 -7.58
C ASP A 203 -25.01 -17.38 -6.46
N GLU A 204 -26.27 -17.00 -6.49
CA GLU A 204 -26.78 -16.02 -5.52
C GLU A 204 -26.61 -16.46 -4.07
N ASN A 205 -26.57 -17.77 -3.83
CA ASN A 205 -26.42 -18.31 -2.48
C ASN A 205 -25.02 -18.76 -2.11
N ILE A 206 -24.08 -18.56 -3.03
CA ILE A 206 -22.67 -18.73 -2.73
C ILE A 206 -22.22 -17.47 -2.01
N ASN A 207 -22.00 -17.60 -0.71
CA ASN A 207 -21.50 -16.49 0.09
C ASN A 207 -20.18 -16.91 0.77
N SER A 208 -20.29 -17.47 1.97
CA SER A 208 -19.18 -18.20 2.59
C SER A 208 -19.76 -19.35 3.40
N GLN A 209 -19.31 -20.56 3.11
CA GLN A 209 -19.92 -21.77 3.69
C GLN A 209 -18.86 -22.81 4.05
N PRO A 210 -19.21 -23.81 4.88
CA PRO A 210 -18.24 -24.84 5.26
C PRO A 210 -17.55 -25.57 4.08
N PHE A 211 -18.23 -25.75 2.96
CA PHE A 211 -17.63 -26.41 1.80
C PHE A 211 -16.72 -25.47 1.00
N GLN A 212 -16.92 -24.16 1.16
CA GLN A 212 -16.13 -23.17 0.43
C GLN A 212 -16.18 -21.80 1.10
N ARG A 213 -15.04 -21.42 1.68
CA ARG A 213 -14.93 -20.12 2.36
C ARG A 213 -14.62 -19.00 1.36
N TRP A 214 -15.19 -17.83 1.61
CA TRP A 214 -15.21 -16.75 0.60
C TRP A 214 -13.82 -16.30 0.15
N ARG A 215 -12.90 -16.14 1.10
CA ARG A 215 -11.57 -15.61 0.78
C ARG A 215 -10.79 -16.56 -0.14
N ASP A 216 -10.90 -17.87 0.11
CA ASP A 216 -10.32 -18.89 -0.77
C ASP A 216 -10.89 -18.78 -2.18
N ARG A 217 -12.21 -18.65 -2.30
CA ARG A 217 -12.85 -18.46 -3.61
C ARG A 217 -12.33 -17.22 -4.33
N PHE A 218 -12.26 -16.09 -3.62
CA PHE A 218 -11.85 -14.82 -4.23
C PHE A 218 -10.45 -14.93 -4.84
N LEU A 219 -9.53 -15.54 -4.10
CA LEU A 219 -8.16 -15.74 -4.57
C LEU A 219 -8.07 -16.62 -5.83
N PHE A 220 -8.74 -17.77 -5.81
CA PHE A 220 -8.67 -18.70 -6.93
C PHE A 220 -9.39 -18.17 -8.17
N VAL A 221 -10.50 -17.47 -7.95
CA VAL A 221 -11.21 -16.81 -9.03
C VAL A 221 -10.34 -15.74 -9.69
N ALA A 222 -9.60 -14.97 -8.88
CA ALA A 222 -8.66 -13.96 -9.40
C ALA A 222 -7.56 -14.58 -10.26
N ASP A 223 -7.03 -15.72 -9.83
CA ASP A 223 -6.04 -16.48 -10.60
C ASP A 223 -6.62 -16.86 -11.96
N ALA A 224 -7.84 -17.40 -11.94
CA ALA A 224 -8.55 -17.83 -13.13
C ALA A 224 -8.79 -16.67 -14.12
N ILE A 225 -9.20 -15.51 -13.60
CA ILE A 225 -9.43 -14.34 -14.45
C ILE A 225 -8.14 -13.88 -15.12
N HIS A 226 -7.05 -13.84 -14.36
CA HIS A 226 -5.77 -13.39 -14.89
CA HIS A 226 -5.76 -13.40 -14.87
C HIS A 226 -5.30 -14.28 -16.04
N LYS A 227 -5.38 -15.60 -15.85
CA LYS A 227 -4.95 -16.56 -16.86
C LYS A 227 -5.82 -16.50 -18.13
N ALA A 228 -7.14 -16.46 -17.96
CA ALA A 228 -8.06 -16.38 -19.10
C ALA A 228 -7.95 -15.07 -19.88
N GLN A 229 -7.79 -13.95 -19.17
CA GLN A 229 -7.64 -12.64 -19.81
C GLN A 229 -6.34 -12.57 -20.63
N ALA A 230 -5.27 -13.13 -20.07
CA ALA A 230 -3.96 -13.14 -20.71
C ALA A 230 -3.97 -13.97 -22.00
N GLU A 231 -4.65 -15.12 -21.94
CA GLU A 231 -4.69 -16.04 -23.07
C GLU A 231 -5.62 -15.59 -24.19
N THR A 232 -6.63 -14.79 -23.86
CA THR A 232 -7.64 -14.41 -24.85
C THR A 232 -7.48 -12.97 -25.38
N GLY A 233 -6.83 -12.12 -24.60
CA GLY A 233 -6.70 -10.70 -24.95
C GLY A 233 -8.00 -9.92 -24.85
N GLU A 234 -8.97 -10.48 -24.13
CA GLU A 234 -10.22 -9.79 -23.84
C GLU A 234 -10.35 -9.59 -22.32
N ILE A 235 -10.89 -8.45 -21.92
CA ILE A 235 -11.13 -8.16 -20.51
C ILE A 235 -12.16 -9.14 -19.94
N LYS A 236 -11.80 -9.78 -18.83
CA LYS A 236 -12.66 -10.77 -18.19
C LYS A 236 -13.05 -10.33 -16.79
N GLY A 237 -14.20 -10.80 -16.32
CA GLY A 237 -14.64 -10.56 -14.95
C GLY A 237 -15.41 -11.73 -14.36
N HIS A 238 -15.62 -11.67 -13.06
CA HIS A 238 -16.42 -12.66 -12.36
C HIS A 238 -17.15 -11.94 -11.26
N TYR A 239 -18.47 -12.05 -11.24
CA TYR A 239 -19.24 -11.36 -10.20
C TYR A 239 -19.00 -12.08 -8.88
N LEU A 240 -18.05 -11.59 -8.11
CA LEU A 240 -17.80 -12.13 -6.78
C LEU A 240 -18.89 -11.68 -5.84
N ASN A 241 -19.56 -12.64 -5.22
CA ASN A 241 -20.68 -12.35 -4.34
C ASN A 241 -20.23 -11.85 -2.97
N VAL A 242 -20.61 -10.63 -2.62
CA VAL A 242 -20.27 -10.04 -1.31
C VAL A 242 -21.45 -10.01 -0.35
N THR A 243 -22.60 -10.55 -0.79
CA THR A 243 -23.76 -10.73 0.07
C THR A 243 -23.33 -11.40 1.37
N ALA A 244 -23.63 -10.77 2.50
CA ALA A 244 -23.03 -11.14 3.78
C ALA A 244 -24.03 -11.01 4.95
N PRO A 245 -23.69 -11.60 6.13
CA PRO A 245 -24.58 -11.45 7.29
C PRO A 245 -24.69 -10.01 7.82
N THR A 246 -23.61 -9.23 7.69
CA THR A 246 -23.52 -7.88 8.23
C THR A 246 -22.90 -6.89 7.23
N CYS A 247 -23.13 -5.59 7.43
CA CYS A 247 -22.55 -4.54 6.59
C CYS A 247 -21.01 -4.58 6.61
N GLU A 248 -20.44 -4.83 7.79
CA GLU A 248 -18.98 -4.95 7.97
C GLU A 248 -18.39 -6.05 7.09
N GLU A 249 -19.01 -7.22 7.16
CA GLU A 249 -18.59 -8.38 6.39
C GLU A 249 -18.80 -8.14 4.89
N MET A 250 -19.91 -7.51 4.54
CA MET A 250 -20.18 -7.13 3.15
C MET A 250 -19.02 -6.29 2.60
N LEU A 251 -18.64 -5.25 3.34
CA LEU A 251 -17.58 -4.33 2.91
C LEU A 251 -16.18 -4.94 2.97
N LYS A 252 -15.93 -5.81 3.95
CA LYS A 252 -14.68 -6.58 4.00
C LYS A 252 -14.47 -7.40 2.71
N ARG A 253 -15.52 -8.05 2.24
CA ARG A 253 -15.47 -8.85 1.01
C ARG A 253 -15.31 -7.97 -0.22
N ALA A 254 -16.06 -6.85 -0.27
CA ALA A 254 -15.88 -5.88 -1.33
C ALA A 254 -14.45 -5.33 -1.39
N GLU A 255 -13.89 -4.98 -0.24
CA GLU A 255 -12.52 -4.47 -0.19
C GLU A 255 -11.49 -5.49 -0.66
N PHE A 256 -11.73 -6.77 -0.37
CA PHE A 256 -10.80 -7.80 -0.84
C PHE A 256 -10.83 -8.01 -2.35
N ALA A 257 -12.03 -7.97 -2.95
CA ALA A 257 -12.17 -7.97 -4.40
C ALA A 257 -11.43 -6.78 -5.03
N LYS A 258 -11.47 -5.64 -4.35
CA LYS A 258 -10.77 -4.43 -4.79
C LYS A 258 -9.25 -4.62 -4.67
N GLU A 259 -8.83 -5.22 -3.56
CA GLU A 259 -7.42 -5.52 -3.33
C GLU A 259 -6.87 -6.45 -4.43
N LEU A 260 -7.71 -7.37 -4.90
CA LEU A 260 -7.35 -8.28 -5.97
C LEU A 260 -7.52 -7.65 -7.36
N GLU A 261 -7.85 -6.36 -7.38
CA GLU A 261 -8.08 -5.62 -8.63
C GLU A 261 -9.16 -6.27 -9.52
N MET A 262 -10.17 -6.85 -8.89
CA MET A 262 -11.33 -7.39 -9.60
C MET A 262 -12.20 -6.27 -10.14
N PRO A 263 -12.70 -6.41 -11.38
CA PRO A 263 -13.52 -5.33 -11.95
C PRO A 263 -14.99 -5.32 -11.50
N ILE A 264 -15.48 -6.42 -10.96
CA ILE A 264 -16.92 -6.56 -10.72
C ILE A 264 -17.27 -7.43 -9.50
N ILE A 265 -18.28 -6.99 -8.75
CA ILE A 265 -18.85 -7.79 -7.66
C ILE A 265 -20.36 -7.93 -7.85
N MET A 266 -20.98 -8.83 -7.10
CA MET A 266 -22.43 -8.96 -7.11
C MET A 266 -23.04 -8.85 -5.72
N HIS A 267 -24.32 -8.48 -5.67
CA HIS A 267 -25.04 -8.31 -4.42
C HIS A 267 -26.50 -8.71 -4.59
N ASP A 268 -27.04 -9.43 -3.60
CA ASP A 268 -28.45 -9.80 -3.59
C ASP A 268 -29.24 -8.73 -2.86
N PHE A 269 -29.77 -7.77 -3.61
CA PHE A 269 -30.25 -6.52 -3.01
C PHE A 269 -31.44 -6.67 -2.07
N LEU A 270 -32.31 -7.65 -2.32
CA LEU A 270 -33.49 -7.81 -1.48
C LEU A 270 -33.24 -8.64 -0.23
N THR A 271 -32.46 -9.72 -0.35
CA THR A 271 -32.20 -10.56 0.83
C THR A 271 -31.23 -9.86 1.80
N ALA A 272 -30.32 -9.07 1.24
CA ALA A 272 -29.46 -8.21 2.07
C ALA A 272 -30.21 -6.95 2.49
N GLY A 273 -31.02 -6.39 1.59
CA GLY A 273 -31.85 -5.23 1.89
C GLY A 273 -31.27 -3.92 1.42
N PHE A 274 -32.13 -2.90 1.33
CA PHE A 274 -31.78 -1.61 0.70
C PHE A 274 -30.77 -0.74 1.45
N THR A 275 -30.75 -0.81 2.77
CA THR A 275 -29.76 -0.08 3.56
C THR A 275 -28.34 -0.56 3.23
N ALA A 276 -28.13 -1.88 3.31
CA ALA A 276 -26.85 -2.48 2.90
C ALA A 276 -26.53 -2.21 1.43
N ASN A 277 -27.53 -2.37 0.55
CA ASN A 277 -27.29 -2.14 -0.88
C ASN A 277 -26.87 -0.70 -1.20
N THR A 278 -27.51 0.28 -0.55
CA THR A 278 -27.18 1.69 -0.77
C THR A 278 -25.76 1.97 -0.30
N THR A 279 -25.38 1.37 0.82
CA THR A 279 -24.00 1.41 1.33
C THR A 279 -23.03 0.88 0.28
N LEU A 280 -23.36 -0.28 -0.30
CA LEU A 280 -22.47 -0.93 -1.26
C LEU A 280 -22.37 -0.15 -2.58
N SER A 281 -23.51 0.38 -3.03
CA SER A 281 -23.54 1.20 -4.24
C SER A 281 -22.67 2.46 -4.11
N LYS A 282 -22.73 3.11 -2.95
CA LYS A 282 -21.85 4.26 -2.68
C LYS A 282 -20.39 3.81 -2.63
N TRP A 283 -20.15 2.66 -2.00
CA TRP A 283 -18.80 2.11 -1.93
C TRP A 283 -18.26 1.83 -3.34
N CYS A 284 -19.11 1.27 -4.20
CA CYS A 284 -18.72 0.92 -5.57
C CYS A 284 -18.37 2.16 -6.41
N ARG A 285 -19.14 3.23 -6.26
CA ARG A 285 -18.82 4.51 -6.90
C ARG A 285 -17.46 5.04 -6.41
N ASP A 286 -17.26 5.01 -5.10
CA ASP A 286 -16.02 5.47 -4.46
C ASP A 286 -14.79 4.67 -4.86
N ASN A 287 -14.99 3.43 -5.29
CA ASN A 287 -13.89 2.51 -5.54
C ASN A 287 -13.79 2.01 -7.00
N GLY A 288 -14.62 2.57 -7.88
CA GLY A 288 -14.62 2.20 -9.30
C GLY A 288 -14.99 0.75 -9.57
N MET A 289 -15.81 0.17 -8.69
CA MET A 289 -16.19 -1.23 -8.79
C MET A 289 -17.55 -1.38 -9.47
N LEU A 290 -17.63 -2.25 -10.48
CA LEU A 290 -18.91 -2.53 -11.13
C LEU A 290 -19.78 -3.39 -10.21
N LEU A 291 -21.08 -3.16 -10.25
CA LEU A 291 -21.98 -3.81 -9.30
C LEU A 291 -23.10 -4.58 -9.99
N HIS A 292 -22.98 -5.90 -9.96
CA HIS A 292 -24.02 -6.76 -10.53
C HIS A 292 -25.06 -7.05 -9.45
N ILE A 293 -26.33 -6.75 -9.74
CA ILE A 293 -27.38 -6.97 -8.76
C ILE A 293 -28.24 -8.20 -9.09
N HIS A 294 -28.31 -9.13 -8.15
CA HIS A 294 -29.18 -10.31 -8.28
C HIS A 294 -30.47 -10.03 -7.52
N ARG A 295 -31.61 -10.38 -8.11
CA ARG A 295 -32.91 -10.03 -7.54
C ARG A 295 -33.56 -11.16 -6.72
N ALA A 296 -32.75 -12.01 -6.11
CA ALA A 296 -33.25 -13.12 -5.28
C ALA A 296 -34.35 -12.68 -4.33
N MET A 297 -35.42 -13.48 -4.25
CA MET A 297 -36.59 -13.25 -3.39
C MET A 297 -37.67 -12.35 -4.01
N HIS A 298 -37.40 -11.71 -5.15
CA HIS A 298 -38.36 -10.79 -5.74
C HIS A 298 -39.75 -11.42 -6.01
N ALA A 299 -39.76 -12.67 -6.47
CA ALA A 299 -41.02 -13.34 -6.82
C ALA A 299 -41.89 -13.68 -5.62
N VAL A 300 -41.32 -13.62 -4.41
CA VAL A 300 -42.10 -13.70 -3.17
C VAL A 300 -43.13 -12.56 -3.10
N MET A 301 -42.75 -11.40 -3.65
CA MET A 301 -43.50 -10.16 -3.55
C MET A 301 -44.21 -9.78 -4.86
N ASP A 302 -43.60 -10.13 -5.99
CA ASP A 302 -43.98 -9.53 -7.25
C ASP A 302 -44.68 -10.43 -8.28
N ARG A 303 -44.98 -11.68 -7.91
CA ARG A 303 -45.53 -12.59 -8.91
C ARG A 303 -47.04 -12.46 -9.12
N GLN A 304 -47.79 -12.42 -8.02
CA GLN A 304 -49.25 -12.49 -8.10
C GLN A 304 -49.91 -11.14 -8.42
N LYS A 305 -50.93 -11.20 -9.26
CA LYS A 305 -51.58 -10.02 -9.82
C LYS A 305 -52.39 -9.25 -8.79
N ASN A 306 -52.91 -9.96 -7.78
CA ASN A 306 -53.81 -9.36 -6.79
C ASN A 306 -53.13 -8.66 -5.61
N HIS A 307 -51.89 -9.04 -5.31
CA HIS A 307 -51.27 -8.60 -4.06
C HIS A 307 -49.75 -8.57 -4.11
N GLY A 308 -49.18 -7.52 -3.54
CA GLY A 308 -47.73 -7.38 -3.41
C GLY A 308 -47.22 -6.09 -4.01
N ILE A 309 -46.03 -6.16 -4.61
CA ILE A 309 -45.39 -5.01 -5.23
C ILE A 309 -44.85 -5.45 -6.58
N HIS A 310 -45.26 -4.79 -7.66
CA HIS A 310 -44.80 -5.20 -8.99
C HIS A 310 -43.28 -5.04 -9.10
N PHE A 311 -42.65 -5.91 -9.88
CA PHE A 311 -41.21 -5.81 -10.07
C PHE A 311 -40.72 -4.44 -10.57
N ARG A 312 -41.51 -3.78 -11.40
CA ARG A 312 -41.10 -2.49 -11.97
C ARG A 312 -40.84 -1.43 -10.89
N VAL A 313 -41.55 -1.54 -9.76
CA VAL A 313 -41.32 -0.69 -8.59
C VAL A 313 -40.01 -1.08 -7.90
N LEU A 314 -39.79 -2.38 -7.72
CA LEU A 314 -38.53 -2.87 -7.14
C LEU A 314 -37.34 -2.50 -8.04
N ALA A 315 -37.59 -2.50 -9.36
CA ALA A 315 -36.57 -2.15 -10.34
C ALA A 315 -36.21 -0.67 -10.25
N LYS A 316 -37.21 0.18 -10.10
CA LYS A 316 -37.01 1.62 -9.94
C LYS A 316 -36.21 1.93 -8.67
N CYS A 317 -36.58 1.27 -7.57
CA CYS A 317 -35.89 1.40 -6.28
C CYS A 317 -34.42 0.99 -6.36
N LEU A 318 -34.15 -0.11 -7.06
CA LEU A 318 -32.78 -0.56 -7.27
C LEU A 318 -31.96 0.43 -8.09
N ARG A 319 -32.54 0.98 -9.15
CA ARG A 319 -31.84 2.00 -9.95
C ARG A 319 -31.46 3.18 -9.04
N MET A 320 -32.40 3.62 -8.21
CA MET A 320 -32.18 4.73 -7.27
C MET A 320 -31.11 4.39 -6.23
N SER A 321 -31.26 3.26 -5.56
CA SER A 321 -30.26 2.77 -4.59
C SER A 321 -28.92 2.59 -5.27
N GLY A 322 -28.93 1.86 -6.38
CA GLY A 322 -27.78 1.76 -7.26
C GLY A 322 -27.39 0.34 -7.61
N GLY A 323 -27.23 0.10 -8.91
CA GLY A 323 -26.65 -1.14 -9.43
C GLY A 323 -26.26 -0.92 -10.88
N ASP A 324 -25.24 -1.63 -11.36
CA ASP A 324 -24.81 -1.52 -12.76
C ASP A 324 -25.49 -2.55 -13.68
N HIS A 325 -25.71 -3.76 -13.17
CA HIS A 325 -26.59 -4.77 -13.81
C HIS A 325 -27.74 -5.10 -12.88
N ILE A 326 -28.87 -5.53 -13.46
CA ILE A 326 -29.92 -6.18 -12.68
C ILE A 326 -30.61 -7.25 -13.52
N HIS A 327 -30.91 -8.39 -12.90
CA HIS A 327 -31.68 -9.44 -13.58
C HIS A 327 -33.07 -8.94 -13.90
N THR A 328 -33.50 -9.17 -15.15
CA THR A 328 -34.78 -8.67 -15.65
C THR A 328 -35.67 -9.80 -16.17
N GLY A 329 -35.16 -11.01 -16.15
CA GLY A 329 -35.87 -12.18 -16.66
C GLY A 329 -35.40 -12.52 -18.07
N THR A 330 -36.00 -13.54 -18.66
CA THR A 330 -35.62 -14.02 -19.99
C THR A 330 -36.78 -14.00 -20.97
N VAL A 331 -38.00 -14.03 -20.42
CA VAL A 331 -39.23 -14.28 -21.18
C VAL A 331 -39.37 -15.76 -21.55
N VAL A 332 -38.31 -16.33 -22.12
CA VAL A 332 -38.36 -17.66 -22.74
C VAL A 332 -37.82 -18.82 -21.88
N GLY A 333 -37.09 -18.48 -20.81
CA GLY A 333 -36.43 -19.48 -19.97
C GLY A 333 -37.29 -20.10 -18.88
N LYS A 334 -36.65 -20.66 -17.85
CA LYS A 334 -37.33 -21.45 -16.80
C LYS A 334 -38.13 -20.63 -15.78
N LEU A 335 -37.82 -19.34 -15.67
CA LEU A 335 -38.56 -18.45 -14.75
C LEU A 335 -39.52 -17.56 -15.52
N GLU A 336 -40.61 -17.19 -14.86
CA GLU A 336 -41.68 -16.38 -15.46
C GLU A 336 -41.21 -14.99 -15.87
N GLY A 337 -41.85 -14.45 -16.90
CA GLY A 337 -41.54 -13.13 -17.42
C GLY A 337 -42.33 -12.84 -18.68
N ASP A 338 -43.54 -12.30 -18.50
CA ASP A 338 -44.39 -11.89 -19.61
C ASP A 338 -43.71 -10.82 -20.47
N LYS A 339 -43.89 -10.90 -21.80
CA LYS A 339 -43.17 -10.05 -22.74
C LYS A 339 -43.49 -8.56 -22.64
N ALA A 340 -44.78 -8.22 -22.62
CA ALA A 340 -45.22 -6.83 -22.55
C ALA A 340 -44.77 -6.15 -21.25
N VAL A 341 -44.94 -6.85 -20.13
CA VAL A 341 -44.55 -6.37 -18.80
C VAL A 341 -43.03 -6.15 -18.72
N THR A 342 -42.28 -7.13 -19.21
CA THR A 342 -40.83 -7.12 -19.17
C THR A 342 -40.24 -5.99 -20.01
N LEU A 343 -40.79 -5.75 -21.20
CA LEU A 343 -40.30 -4.67 -22.06
C LEU A 343 -40.54 -3.32 -21.40
N GLY A 344 -41.68 -3.19 -20.72
CA GLY A 344 -42.00 -2.02 -19.93
C GLY A 344 -40.94 -1.71 -18.88
N PHE A 345 -40.68 -2.64 -17.96
CA PHE A 345 -39.71 -2.36 -16.90
C PHE A 345 -38.24 -2.36 -17.34
N VAL A 346 -37.95 -3.01 -18.46
CA VAL A 346 -36.62 -2.91 -19.05
C VAL A 346 -36.34 -1.48 -19.52
N ASP A 347 -37.32 -0.86 -20.19
CA ASP A 347 -37.21 0.54 -20.58
C ASP A 347 -37.00 1.44 -19.37
N LEU A 348 -37.83 1.23 -18.34
CA LEU A 348 -37.76 2.00 -17.10
C LEU A 348 -36.39 1.91 -16.43
N LEU A 349 -35.71 0.80 -16.62
CA LEU A 349 -34.38 0.56 -16.03
C LEU A 349 -33.25 1.16 -16.84
N ARG A 350 -33.44 1.24 -18.16
CA ARG A 350 -32.34 1.58 -19.05
C ARG A 350 -32.42 2.98 -19.63
N GLU A 351 -33.62 3.49 -19.83
CA GLU A 351 -33.82 4.74 -20.57
C GLU A 351 -33.90 5.95 -19.65
N ASN A 352 -33.79 7.14 -20.23
CA ASN A 352 -33.83 8.39 -19.46
C ASN A 352 -35.24 8.93 -19.31
N TYR A 353 -36.07 8.67 -20.32
CA TYR A 353 -37.44 9.15 -20.32
C TYR A 353 -38.35 8.06 -20.86
N ILE A 354 -39.41 7.74 -20.12
CA ILE A 354 -40.31 6.66 -20.47
C ILE A 354 -41.73 7.18 -20.35
N GLU A 355 -42.43 7.24 -21.47
CA GLU A 355 -43.81 7.74 -21.52
C GLU A 355 -44.78 6.72 -20.94
N GLN A 356 -45.81 7.21 -20.24
CA GLN A 356 -46.90 6.39 -19.77
C GLN A 356 -47.37 5.45 -20.90
N ASP A 357 -47.54 4.17 -20.57
CA ASP A 357 -47.96 3.17 -21.55
C ASP A 357 -48.59 1.97 -20.84
N ARG A 358 -49.90 2.01 -20.67
CA ARG A 358 -50.64 0.98 -19.93
C ARG A 358 -50.60 -0.41 -20.56
N SER A 359 -50.41 -0.47 -21.88
CA SER A 359 -50.22 -1.75 -22.58
C SER A 359 -48.92 -2.44 -22.16
N ARG A 360 -48.05 -1.71 -21.48
CA ARG A 360 -46.82 -2.29 -20.96
C ARG A 360 -46.67 -2.07 -19.45
N GLY A 361 -47.79 -1.76 -18.82
CA GLY A 361 -47.85 -1.60 -17.37
C GLY A 361 -47.17 -0.35 -16.85
N ILE A 362 -46.91 0.59 -17.75
CA ILE A 362 -46.31 1.85 -17.37
C ILE A 362 -47.45 2.84 -17.05
N TYR A 363 -47.73 2.96 -15.75
CA TYR A 363 -48.81 3.79 -15.25
C TYR A 363 -48.49 5.30 -15.27
N PHE A 364 -47.19 5.63 -15.18
CA PHE A 364 -46.74 7.02 -15.11
C PHE A 364 -45.56 7.26 -16.03
N THR A 365 -45.54 8.45 -16.63
CA THR A 365 -44.37 8.95 -17.33
C THR A 365 -43.23 9.12 -16.30
N GLN A 366 -42.06 8.57 -16.61
CA GLN A 366 -40.92 8.62 -15.70
C GLN A 366 -39.73 9.31 -16.34
N ASP A 367 -39.33 10.45 -15.76
CA ASP A 367 -38.14 11.19 -16.15
C ASP A 367 -37.05 10.85 -15.15
N TRP A 368 -35.90 10.38 -15.65
CA TRP A 368 -34.82 9.95 -14.78
C TRP A 368 -33.76 11.01 -14.51
N ALA A 369 -33.90 12.18 -15.16
CA ALA A 369 -33.00 13.32 -14.97
C ALA A 369 -31.52 12.96 -15.06
N SER A 370 -31.18 12.18 -16.09
CA SER A 370 -29.80 11.73 -16.36
C SER A 370 -29.18 10.76 -15.34
N MET A 371 -29.99 10.22 -14.43
CA MET A 371 -29.53 9.10 -13.61
C MET A 371 -29.16 7.96 -14.58
N PRO A 372 -27.94 7.39 -14.43
CA PRO A 372 -27.47 6.37 -15.37
C PRO A 372 -28.40 5.16 -15.46
N GLY A 373 -28.39 4.50 -16.61
CA GLY A 373 -29.22 3.32 -16.83
C GLY A 373 -28.56 2.06 -16.32
N VAL A 374 -29.38 1.04 -16.05
CA VAL A 374 -28.90 -0.24 -15.56
C VAL A 374 -28.91 -1.28 -16.69
N MET A 375 -27.82 -2.04 -16.84
CA MET A 375 -27.77 -3.13 -17.83
C MET A 375 -28.79 -4.21 -17.47
N ALA A 376 -29.57 -4.65 -18.45
CA ALA A 376 -30.50 -5.76 -18.25
C ALA A 376 -29.75 -7.09 -18.23
N VAL A 377 -30.15 -8.00 -17.36
CA VAL A 377 -29.55 -9.34 -17.33
C VAL A 377 -30.61 -10.41 -17.59
N ALA A 378 -30.43 -11.17 -18.66
CA ALA A 378 -31.32 -12.28 -18.97
C ALA A 378 -30.66 -13.59 -18.57
N SER A 379 -31.27 -14.28 -17.60
CA SER A 379 -30.68 -15.48 -17.00
C SER A 379 -31.74 -16.47 -16.53
N GLY A 380 -31.48 -17.76 -16.72
CA GLY A 380 -32.33 -18.81 -16.16
C GLY A 380 -32.97 -19.73 -17.18
N GLY A 381 -32.37 -20.90 -17.38
CA GLY A 381 -32.91 -21.92 -18.27
C GLY A 381 -32.93 -21.55 -19.74
N ILE A 382 -31.96 -20.74 -20.15
CA ILE A 382 -31.81 -20.37 -21.56
C ILE A 382 -30.63 -21.11 -22.18
N HIS A 383 -30.75 -21.37 -23.48
CA HIS A 383 -29.69 -22.06 -24.22
C HIS A 383 -29.58 -21.50 -25.63
N VAL A 384 -28.67 -22.06 -26.42
CA VAL A 384 -28.34 -21.51 -27.74
C VAL A 384 -29.52 -21.22 -28.67
N TRP A 385 -30.57 -22.05 -28.59
CA TRP A 385 -31.77 -21.87 -29.42
C TRP A 385 -32.52 -20.57 -29.10
N HIS A 386 -32.35 -20.08 -27.88
CA HIS A 386 -33.04 -18.88 -27.43
C HIS A 386 -32.34 -17.60 -27.89
N MET A 387 -31.10 -17.74 -28.36
CA MET A 387 -30.24 -16.59 -28.69
C MET A 387 -30.88 -15.54 -29.62
N PRO A 388 -31.48 -15.96 -30.76
CA PRO A 388 -32.08 -14.95 -31.63
C PRO A 388 -33.18 -14.14 -30.95
N ALA A 389 -34.05 -14.83 -30.21
CA ALA A 389 -35.13 -14.17 -29.48
C ALA A 389 -34.58 -13.19 -28.45
N LEU A 390 -33.57 -13.63 -27.70
CA LEU A 390 -32.95 -12.83 -26.64
C LEU A 390 -32.36 -11.51 -27.15
N VAL A 391 -31.57 -11.61 -28.22
CA VAL A 391 -31.03 -10.42 -28.90
C VAL A 391 -32.15 -9.51 -29.39
N ASP A 392 -33.22 -10.11 -29.88
CA ASP A 392 -34.36 -9.35 -30.41
C ASP A 392 -35.15 -8.66 -29.31
N ILE A 393 -35.31 -9.33 -28.17
CA ILE A 393 -36.08 -8.80 -27.05
C ILE A 393 -35.33 -7.70 -26.28
N PHE A 394 -34.06 -7.94 -25.98
CA PHE A 394 -33.32 -7.06 -25.07
C PHE A 394 -32.37 -6.08 -25.76
N GLY A 395 -31.92 -6.42 -26.97
CA GLY A 395 -30.99 -5.58 -27.72
C GLY A 395 -29.57 -5.64 -27.15
N ASP A 396 -28.79 -4.59 -27.39
CA ASP A 396 -27.36 -4.58 -27.02
C ASP A 396 -27.10 -4.46 -25.52
N ASP A 397 -27.88 -3.63 -24.84
CA ASP A 397 -27.55 -3.26 -23.48
C ASP A 397 -28.08 -4.26 -22.46
N ALA A 398 -27.50 -5.45 -22.52
CA ALA A 398 -27.95 -6.59 -21.75
C ALA A 398 -26.80 -7.55 -21.54
N VAL A 399 -26.86 -8.29 -20.45
CA VAL A 399 -25.95 -9.41 -20.25
C VAL A 399 -26.80 -10.68 -20.38
N LEU A 400 -26.28 -11.66 -21.13
CA LEU A 400 -27.00 -12.91 -21.31
C LEU A 400 -26.26 -14.02 -20.56
N GLN A 401 -26.91 -14.62 -19.58
CA GLN A 401 -26.25 -15.58 -18.70
C GLN A 401 -26.72 -17.02 -18.87
N PHE A 402 -25.75 -17.91 -19.05
CA PHE A 402 -25.99 -19.31 -19.35
C PHE A 402 -25.24 -20.20 -18.34
N GLY A 403 -25.90 -20.57 -17.25
CA GLY A 403 -25.30 -21.45 -16.25
C GLY A 403 -25.26 -22.89 -16.73
N GLY A 404 -26.41 -23.57 -16.63
CA GLY A 404 -26.58 -24.92 -17.19
C GLY A 404 -26.31 -24.96 -18.69
N GLY A 405 -26.73 -23.92 -19.41
CA GLY A 405 -26.50 -23.80 -20.85
C GLY A 405 -25.05 -23.69 -21.29
N THR A 406 -24.14 -23.60 -20.33
CA THR A 406 -22.70 -23.64 -20.60
C THR A 406 -22.07 -24.91 -20.01
N LEU A 407 -22.28 -25.12 -18.71
CA LEU A 407 -21.68 -26.24 -17.98
C LEU A 407 -22.37 -27.59 -18.25
N GLY A 408 -23.48 -27.55 -18.98
CA GLY A 408 -24.21 -28.74 -19.37
C GLY A 408 -23.95 -29.20 -20.81
N HIS A 409 -23.09 -28.48 -21.50
CA HIS A 409 -22.65 -28.82 -22.86
C HIS A 409 -22.00 -30.21 -22.86
N PRO A 410 -22.24 -31.02 -23.91
CA PRO A 410 -21.70 -32.38 -24.00
C PRO A 410 -20.18 -32.50 -23.81
N TRP A 411 -19.43 -31.50 -24.28
CA TRP A 411 -17.95 -31.54 -24.21
C TRP A 411 -17.35 -30.70 -23.07
N GLY A 412 -18.18 -30.14 -22.20
CA GLY A 412 -17.68 -29.40 -21.05
C GLY A 412 -17.74 -27.89 -21.17
N ASN A 413 -16.96 -27.21 -20.34
CA ASN A 413 -17.07 -25.77 -20.13
C ASN A 413 -16.63 -24.89 -21.30
N ALA A 414 -15.38 -25.03 -21.71
CA ALA A 414 -14.83 -24.16 -22.76
C ALA A 414 -15.59 -24.27 -24.09
N PRO A 415 -15.88 -25.50 -24.58
CA PRO A 415 -16.74 -25.63 -25.75
C PRO A 415 -18.15 -25.06 -25.50
N GLY A 416 -18.66 -25.23 -24.28
CA GLY A 416 -19.96 -24.68 -23.91
C GLY A 416 -20.00 -23.16 -24.08
N ALA A 417 -18.94 -22.51 -23.63
CA ALA A 417 -18.77 -21.07 -23.73
C ALA A 417 -18.64 -20.61 -25.18
N THR A 418 -17.84 -21.34 -25.96
CA THR A 418 -17.63 -21.03 -27.37
C THR A 418 -18.95 -21.12 -28.14
N ALA A 419 -19.70 -22.20 -27.87
CA ALA A 419 -21.04 -22.36 -28.43
C ALA A 419 -21.89 -21.10 -28.26
N ASN A 420 -22.00 -20.62 -27.02
CA ASN A 420 -22.78 -19.41 -26.71
C ASN A 420 -22.22 -18.15 -27.39
N ARG A 421 -20.90 -17.99 -27.34
CA ARG A 421 -20.22 -16.86 -27.97
C ARG A 421 -20.40 -16.82 -29.50
N VAL A 422 -20.25 -17.98 -30.14
CA VAL A 422 -20.48 -18.09 -31.59
C VAL A 422 -21.93 -17.71 -31.92
N ALA A 423 -22.87 -18.32 -31.20
CA ALA A 423 -24.30 -18.07 -31.40
C ALA A 423 -24.66 -16.58 -31.32
N LEU A 424 -24.08 -15.89 -30.33
CA LEU A 424 -24.35 -14.46 -30.13
C LEU A 424 -23.81 -13.61 -31.26
N GLU A 425 -22.54 -13.80 -31.59
CA GLU A 425 -21.91 -13.01 -32.65
C GLU A 425 -22.58 -13.26 -34.01
N ALA A 426 -23.02 -14.50 -34.25
CA ALA A 426 -23.81 -14.83 -35.44
C ALA A 426 -25.10 -14.01 -35.48
N CYS A 427 -25.82 -13.97 -34.36
CA CYS A 427 -27.07 -13.22 -34.26
C CYS A 427 -26.89 -11.70 -34.39
N ILE A 428 -25.77 -11.20 -33.88
CA ILE A 428 -25.44 -9.77 -33.97
C ILE A 428 -25.06 -9.39 -35.41
N GLN A 429 -24.20 -10.20 -36.03
CA GLN A 429 -23.82 -10.00 -37.43
C GLN A 429 -25.06 -10.00 -38.32
N ALA A 430 -25.90 -11.02 -38.15
CA ALA A 430 -27.14 -11.17 -38.92
C ALA A 430 -28.05 -9.95 -38.77
N ARG A 431 -28.24 -9.50 -37.53
CA ARG A 431 -29.07 -8.32 -37.25
C ARG A 431 -28.52 -7.06 -37.91
N ASN A 432 -27.19 -6.90 -37.84
CA ASN A 432 -26.51 -5.77 -38.46
C ASN A 432 -26.44 -5.88 -39.99
N GLU A 433 -27.06 -6.93 -40.53
CA GLU A 433 -27.17 -7.11 -41.98
C GLU A 433 -28.60 -6.95 -42.47
N GLY A 434 -29.52 -6.61 -41.56
CA GLY A 434 -30.90 -6.32 -41.90
C GLY A 434 -31.84 -7.50 -41.79
N ARG A 435 -31.29 -8.67 -41.45
CA ARG A 435 -32.05 -9.92 -41.36
C ARG A 435 -33.00 -9.93 -40.17
N ASP A 436 -34.20 -10.47 -40.40
CA ASP A 436 -35.24 -10.55 -39.37
C ASP A 436 -34.91 -11.69 -38.40
N LEU A 437 -34.63 -11.32 -37.15
CA LEU A 437 -34.25 -12.29 -36.13
C LEU A 437 -35.39 -13.19 -35.66
N MET A 438 -36.63 -12.68 -35.73
CA MET A 438 -37.79 -13.40 -35.19
C MET A 438 -38.31 -14.52 -36.11
N ARG A 439 -38.10 -14.39 -37.41
CA ARG A 439 -38.49 -15.46 -38.36
C ARG A 439 -37.31 -16.24 -38.93
N GLU A 440 -36.15 -15.61 -39.05
CA GLU A 440 -34.95 -16.28 -39.55
C GLU A 440 -34.08 -16.82 -38.41
N GLY A 441 -34.63 -16.86 -37.20
CA GLY A 441 -33.91 -17.28 -35.99
C GLY A 441 -33.21 -18.62 -36.09
N GLY A 442 -33.98 -19.68 -36.38
CA GLY A 442 -33.44 -21.02 -36.54
C GLY A 442 -32.40 -21.13 -37.65
N ASP A 443 -32.59 -20.36 -38.71
CA ASP A 443 -31.70 -20.37 -39.87
C ASP A 443 -30.31 -19.84 -39.52
N ILE A 444 -30.27 -18.72 -38.79
CA ILE A 444 -29.01 -18.11 -38.37
C ILE A 444 -28.20 -19.05 -37.47
N ILE A 445 -28.89 -19.71 -36.54
CA ILE A 445 -28.29 -20.70 -35.66
C ILE A 445 -27.75 -21.91 -36.42
N ARG A 446 -28.55 -22.40 -37.38
CA ARG A 446 -28.14 -23.52 -38.23
C ARG A 446 -26.92 -23.20 -39.11
N GLU A 447 -26.89 -21.99 -39.65
CA GLU A 447 -25.78 -21.53 -40.50
C GLU A 447 -24.45 -21.50 -39.78
N ALA A 448 -24.47 -21.07 -38.52
CA ALA A 448 -23.27 -21.00 -37.70
C ALA A 448 -22.90 -22.37 -37.12
N ALA A 449 -23.91 -23.22 -36.92
CA ALA A 449 -23.71 -24.60 -36.46
C ALA A 449 -22.87 -25.42 -37.45
N ARG A 450 -22.96 -25.07 -38.73
CA ARG A 450 -22.14 -25.69 -39.78
C ARG A 450 -20.65 -25.36 -39.61
N TRP A 451 -20.37 -24.12 -39.22
CA TRP A 451 -19.00 -23.64 -39.03
C TRP A 451 -18.44 -23.99 -37.64
N SER A 452 -19.34 -24.15 -36.66
CA SER A 452 -18.93 -24.37 -35.26
C SER A 452 -19.43 -25.72 -34.70
N PRO A 453 -18.50 -26.68 -34.51
CA PRO A 453 -18.80 -27.99 -33.94
C PRO A 453 -19.31 -27.87 -32.49
N GLU A 454 -18.79 -26.89 -31.75
CA GLU A 454 -19.24 -26.60 -30.40
C GLU A 454 -20.72 -26.24 -30.39
N LEU A 455 -21.10 -25.34 -31.30
CA LEU A 455 -22.50 -24.91 -31.43
C LEU A 455 -23.41 -26.05 -31.86
N ALA A 456 -22.94 -26.86 -32.82
CA ALA A 456 -23.70 -28.00 -33.31
C ALA A 456 -24.06 -28.98 -32.20
N ALA A 457 -23.08 -29.32 -31.36
CA ALA A 457 -23.29 -30.23 -30.22
C ALA A 457 -24.27 -29.68 -29.18
N ALA A 458 -24.24 -28.37 -28.94
CA ALA A 458 -25.18 -27.72 -28.04
C ALA A 458 -26.58 -27.65 -28.65
N CYS A 459 -26.63 -27.43 -29.96
CA CYS A 459 -27.89 -27.37 -30.70
C CYS A 459 -28.66 -28.68 -30.59
N GLU A 460 -27.95 -29.79 -30.79
CA GLU A 460 -28.57 -31.11 -30.79
C GLU A 460 -29.10 -31.52 -29.43
N LEU A 461 -28.31 -31.25 -28.39
CA LEU A 461 -28.67 -31.63 -27.02
C LEU A 461 -29.95 -30.97 -26.53
N TRP A 462 -30.11 -29.69 -26.83
CA TRP A 462 -31.19 -28.89 -26.24
C TRP A 462 -32.34 -28.53 -27.20
N LYS A 463 -32.37 -29.16 -28.38
CA LYS A 463 -33.36 -28.80 -29.42
C LYS A 463 -34.83 -29.08 -29.05
N GLU A 464 -35.06 -29.97 -28.10
CA GLU A 464 -36.43 -30.28 -27.68
C GLU A 464 -36.87 -29.50 -26.43
N ILE A 465 -35.95 -28.72 -25.86
CA ILE A 465 -36.17 -28.08 -24.56
C ILE A 465 -36.82 -26.69 -24.64
N LYS A 466 -38.07 -26.61 -24.20
CA LYS A 466 -38.82 -25.37 -24.14
C LYS A 466 -39.49 -25.23 -22.78
N PHE A 467 -39.74 -23.98 -22.38
CA PHE A 467 -40.47 -23.67 -21.17
C PHE A 467 -41.68 -22.83 -21.54
N GLU A 468 -42.81 -23.50 -21.74
CA GLU A 468 -44.05 -22.82 -22.14
C GLU A 468 -45.16 -23.02 -21.10
N PHE A 469 -45.31 -22.02 -20.25
CA PHE A 469 -46.35 -21.99 -19.23
C PHE A 469 -47.02 -20.62 -19.22
N GLU A 470 -48.30 -20.60 -18.85
CA GLU A 470 -49.05 -19.35 -18.73
C GLU A 470 -48.52 -18.52 -17.55
N ALA A 471 -48.31 -17.23 -17.78
CA ALA A 471 -47.77 -16.33 -16.76
C ALA A 471 -48.88 -15.83 -15.82
N GLN A 472 -48.51 -15.56 -14.57
CA GLN A 472 -49.41 -14.97 -13.57
C GLN A 472 -49.36 -13.45 -13.63
N ASP A 473 -48.13 -12.91 -13.70
CA ASP A 473 -47.89 -11.47 -13.74
C ASP A 473 -48.05 -10.95 -15.17
N THR A 474 -49.28 -10.59 -15.53
CA THR A 474 -49.62 -10.18 -16.89
C THR A 474 -50.48 -8.91 -16.89
N ILE A 475 -50.52 -8.22 -18.03
CA ILE A 475 -51.37 -7.03 -18.20
C ILE A 475 -52.84 -7.45 -18.31
N SER B 14 -14.86 -11.95 -33.77
CA SER B 14 -13.57 -12.69 -33.79
C SER B 14 -13.77 -14.20 -33.63
N TYR B 15 -15.01 -14.58 -33.32
CA TYR B 15 -15.38 -15.98 -33.18
C TYR B 15 -16.14 -16.47 -34.42
N LEU B 16 -16.28 -15.57 -35.40
CA LEU B 16 -16.89 -15.88 -36.69
C LEU B 16 -15.81 -15.95 -37.77
N PRO B 17 -16.14 -16.54 -38.94
CA PRO B 17 -15.21 -16.47 -40.07
C PRO B 17 -14.90 -15.03 -40.44
N PRO B 18 -13.67 -14.75 -40.94
CA PRO B 18 -13.28 -13.40 -41.36
C PRO B 18 -14.29 -12.80 -42.33
N LEU B 19 -14.57 -11.51 -42.19
CA LEU B 19 -15.59 -10.84 -43.00
C LEU B 19 -15.07 -10.42 -44.36
N SER B 20 -15.91 -10.58 -45.38
CA SER B 20 -15.62 -10.09 -46.72
C SER B 20 -15.87 -8.58 -46.78
N ASP B 21 -15.38 -7.94 -47.85
CA ASP B 21 -15.57 -6.50 -48.04
C ASP B 21 -17.04 -6.12 -48.14
N ALA B 22 -17.86 -7.00 -48.72
CA ALA B 22 -19.30 -6.79 -48.82
C ALA B 22 -19.97 -6.87 -47.45
N GLN B 23 -19.49 -7.77 -46.60
CA GLN B 23 -20.00 -7.93 -45.25
C GLN B 23 -19.60 -6.76 -44.35
N ILE B 24 -18.36 -6.32 -44.49
CA ILE B 24 -17.84 -5.15 -43.79
C ILE B 24 -18.63 -3.89 -44.16
N ALA B 25 -18.83 -3.68 -45.46
CA ALA B 25 -19.59 -2.52 -45.95
C ALA B 25 -21.05 -2.54 -45.51
N ARG B 26 -21.63 -3.73 -45.41
CA ARG B 26 -23.00 -3.89 -44.93
C ARG B 26 -23.13 -3.55 -43.43
N GLN B 27 -22.12 -3.94 -42.64
CA GLN B 27 -22.06 -3.58 -41.22
C GLN B 27 -21.97 -2.05 -41.05
N ILE B 28 -21.11 -1.42 -41.86
CA ILE B 28 -20.92 0.02 -41.84
C ILE B 28 -22.16 0.78 -42.29
N GLN B 29 -22.81 0.28 -43.35
CA GLN B 29 -24.05 0.88 -43.86
C GLN B 29 -25.17 0.84 -42.81
N TYR B 30 -25.22 -0.26 -42.06
CA TYR B 30 -26.19 -0.41 -40.96
C TYR B 30 -26.04 0.71 -39.93
N ALA B 31 -24.80 1.03 -39.58
CA ALA B 31 -24.49 2.13 -38.66
C ALA B 31 -24.98 3.46 -39.20
N ILE B 32 -24.63 3.74 -40.46
CA ILE B 32 -25.03 4.97 -41.15
C ILE B 32 -26.56 5.12 -41.19
N ASP B 33 -27.25 4.02 -41.51
CA ASP B 33 -28.71 4.00 -41.58
C ASP B 33 -29.38 4.30 -40.24
N GLN B 34 -28.69 3.98 -39.14
CA GLN B 34 -29.19 4.24 -37.80
C GLN B 34 -28.90 5.68 -37.34
N GLY B 35 -28.03 6.36 -38.08
CA GLY B 35 -27.65 7.74 -37.77
C GLY B 35 -26.37 7.84 -36.98
N TYR B 36 -25.67 6.73 -36.84
CA TYR B 36 -24.39 6.68 -36.11
C TYR B 36 -23.27 7.26 -36.96
N HIS B 37 -22.20 7.69 -36.29
CA HIS B 37 -21.08 8.35 -36.95
C HIS B 37 -19.85 7.45 -36.97
N PRO B 38 -19.43 7.02 -38.16
CA PRO B 38 -18.28 6.12 -38.30
C PRO B 38 -16.96 6.83 -38.02
N CYS B 39 -15.98 6.07 -37.55
CA CYS B 39 -14.66 6.58 -37.27
C CYS B 39 -13.67 5.43 -37.45
N VAL B 40 -12.47 5.77 -37.91
CA VAL B 40 -11.42 4.78 -38.13
C VAL B 40 -10.28 5.01 -37.15
N GLU B 41 -9.84 3.93 -36.50
CA GLU B 41 -8.70 4.00 -35.60
C GLU B 41 -7.76 2.81 -35.79
N PHE B 42 -6.51 2.99 -35.38
CA PHE B 42 -5.47 1.98 -35.59
C PHE B 42 -4.52 1.88 -34.39
N ASN B 43 -3.92 0.71 -34.22
CA ASN B 43 -2.98 0.44 -33.13
C ASN B 43 -2.06 -0.71 -33.49
N GLU B 44 -0.89 -0.77 -32.85
CA GLU B 44 0.07 -1.85 -33.07
C GLU B 44 -0.41 -3.20 -32.50
N THR B 45 -1.24 -3.16 -31.47
CA THR B 45 -1.82 -4.36 -30.86
C THR B 45 -3.35 -4.27 -30.82
N SER B 46 -4.01 -5.43 -30.91
CA SER B 46 -5.48 -5.49 -30.86
C SER B 46 -5.99 -5.92 -29.48
N ASN B 47 -5.08 -5.99 -28.52
CA ASN B 47 -5.43 -6.34 -27.14
C ASN B 47 -6.41 -5.34 -26.53
N ALA B 48 -7.41 -5.86 -25.81
CA ALA B 48 -8.48 -5.03 -25.23
C ALA B 48 -8.04 -4.25 -23.99
N GLU B 49 -6.88 -4.61 -23.42
CA GLU B 49 -6.29 -3.88 -22.32
C GLU B 49 -5.73 -2.52 -22.76
N ILE B 50 -5.48 -2.39 -24.05
CA ILE B 50 -5.11 -1.11 -24.65
C ILE B 50 -6.35 -0.23 -24.70
N ARG B 51 -6.37 0.80 -23.85
CA ARG B 51 -7.54 1.66 -23.71
C ARG B 51 -7.81 2.51 -24.94
N TYR B 52 -6.74 3.11 -25.49
CA TYR B 52 -6.89 4.02 -26.62
C TYR B 52 -6.12 3.54 -27.84
N TRP B 53 -6.79 3.57 -28.98
CA TRP B 53 -6.15 3.37 -30.27
C TRP B 53 -5.91 4.76 -30.84
N THR B 54 -5.07 4.85 -31.87
CA THR B 54 -4.81 6.13 -32.50
C THR B 54 -5.88 6.41 -33.55
N MET B 55 -6.51 7.58 -33.44
CA MET B 55 -7.57 7.98 -34.36
C MET B 55 -6.98 8.32 -35.73
N TRP B 56 -7.59 7.79 -36.78
CA TRP B 56 -7.26 8.16 -38.16
C TRP B 56 -8.07 9.39 -38.55
N LYS B 57 -7.38 10.51 -38.75
CA LYS B 57 -7.99 11.80 -39.11
C LYS B 57 -9.07 12.24 -38.09
N LEU B 58 -10.32 12.33 -38.55
CA LEU B 58 -11.45 12.67 -37.69
C LEU B 58 -12.63 11.75 -38.00
N PRO B 59 -13.61 11.66 -37.07
CA PRO B 59 -14.81 10.86 -37.35
C PRO B 59 -15.54 11.39 -38.58
N LEU B 60 -16.08 10.47 -39.38
CA LEU B 60 -16.79 10.85 -40.60
C LEU B 60 -18.21 11.24 -40.28
N PHE B 61 -18.41 12.51 -39.90
CA PHE B 61 -19.74 13.02 -39.60
C PHE B 61 -20.52 13.25 -40.89
N ASN B 62 -21.76 12.77 -40.90
CA ASN B 62 -22.68 12.91 -42.04
C ASN B 62 -22.28 12.19 -43.35
N CYS B 63 -21.48 11.12 -43.22
CA CYS B 63 -21.23 10.22 -44.35
C CYS B 63 -22.45 9.34 -44.58
N THR B 64 -23.01 9.42 -45.78
CA THR B 64 -24.18 8.61 -46.14
C THR B 64 -23.77 7.38 -46.95
N ASN B 65 -22.50 7.37 -47.39
CA ASN B 65 -21.97 6.29 -48.20
C ASN B 65 -20.93 5.46 -47.45
N ALA B 66 -21.17 4.15 -47.39
CA ALA B 66 -20.28 3.21 -46.70
C ALA B 66 -18.93 3.05 -47.41
N GLN B 67 -18.90 3.31 -48.71
CA GLN B 67 -17.68 3.23 -49.50
C GLN B 67 -16.66 4.29 -49.08
N ASP B 68 -17.15 5.48 -48.75
CA ASP B 68 -16.32 6.58 -48.25
C ASP B 68 -15.58 6.20 -46.97
N VAL B 69 -16.22 5.36 -46.14
CA VAL B 69 -15.60 4.84 -44.93
C VAL B 69 -14.53 3.82 -45.30
N LEU B 70 -14.86 2.90 -46.22
CA LEU B 70 -13.90 1.92 -46.72
C LEU B 70 -12.67 2.57 -47.37
N ASN B 71 -12.89 3.70 -48.04
CA ASN B 71 -11.81 4.48 -48.65
C ASN B 71 -10.77 4.94 -47.65
N GLU B 72 -11.24 5.41 -46.48
CA GLU B 72 -10.35 5.86 -45.41
C GLU B 72 -9.60 4.71 -44.76
N VAL B 73 -10.23 3.54 -44.74
CA VAL B 73 -9.59 2.30 -44.25
C VAL B 73 -8.41 1.92 -45.15
N GLN B 74 -8.62 1.98 -46.47
CA GLN B 74 -7.57 1.66 -47.45
C GLN B 74 -6.39 2.61 -47.35
N GLN B 75 -6.69 3.91 -47.23
CA GLN B 75 -5.67 4.96 -47.09
C GLN B 75 -4.87 4.79 -45.80
N CYS B 76 -5.55 4.37 -44.74
CA CYS B 76 -4.91 4.08 -43.46
C CYS B 76 -4.00 2.85 -43.55
N ARG B 77 -4.50 1.81 -44.23
CA ARG B 77 -3.74 0.57 -44.43
C ARG B 77 -2.44 0.77 -45.21
N SER B 78 -2.49 1.62 -46.22
CA SER B 78 -1.32 1.92 -47.06
C SER B 78 -0.22 2.62 -46.26
N GLU B 79 -0.61 3.56 -45.39
CA GLU B 79 0.34 4.27 -44.55
C GLU B 79 0.81 3.45 -43.35
N TYR B 80 -0.08 2.61 -42.82
CA TYR B 80 0.24 1.77 -41.66
C TYR B 80 -0.12 0.30 -41.91
N PRO B 81 0.74 -0.42 -42.65
CA PRO B 81 0.48 -1.84 -42.94
C PRO B 81 0.81 -2.76 -41.78
N ASN B 82 1.59 -2.25 -40.82
CA ASN B 82 1.99 -3.03 -39.64
C ASN B 82 1.06 -2.86 -38.43
N CYS B 83 -0.06 -2.17 -38.64
CA CYS B 83 -1.01 -1.88 -37.57
C CYS B 83 -2.37 -2.52 -37.78
N PHE B 84 -3.02 -2.88 -36.68
CA PHE B 84 -4.43 -3.30 -36.70
C PHE B 84 -5.28 -2.09 -37.00
N ILE B 85 -6.37 -2.31 -37.75
CA ILE B 85 -7.31 -1.24 -38.06
C ILE B 85 -8.72 -1.71 -37.74
N ARG B 86 -9.51 -0.84 -37.10
CA ARG B 86 -10.91 -1.13 -36.84
C ARG B 86 -11.81 0.06 -37.18
N VAL B 87 -13.07 -0.25 -37.42
CA VAL B 87 -14.10 0.76 -37.65
C VAL B 87 -15.03 0.80 -36.45
N VAL B 88 -15.24 1.99 -35.94
CA VAL B 88 -16.17 2.20 -34.83
C VAL B 88 -17.24 3.20 -35.24
N ALA B 89 -18.40 3.11 -34.61
CA ALA B 89 -19.46 4.09 -34.79
C ALA B 89 -19.98 4.50 -33.43
N PHE B 90 -20.37 5.77 -33.33
CA PHE B 90 -20.93 6.27 -32.07
C PHE B 90 -22.24 7.01 -32.25
N ASP B 91 -23.04 6.98 -31.19
CA ASP B 91 -24.27 7.72 -31.08
C ASP B 91 -23.92 8.97 -30.25
N ASN B 92 -24.04 10.14 -30.86
CA ASN B 92 -23.68 11.39 -30.18
C ASN B 92 -24.74 11.86 -29.17
N ILE B 93 -25.99 11.46 -29.39
CA ILE B 93 -27.10 11.81 -28.50
C ILE B 93 -26.97 11.07 -27.17
N LYS B 94 -26.69 9.78 -27.23
CA LYS B 94 -26.43 8.98 -26.02
C LYS B 94 -24.97 9.10 -25.60
N GLN B 95 -24.15 9.66 -26.49
CA GLN B 95 -22.69 9.72 -26.33
C GLN B 95 -22.07 8.38 -25.92
N CYS B 96 -22.24 7.38 -26.77
CA CYS B 96 -21.67 6.08 -26.54
C CYS B 96 -21.27 5.43 -27.86
N GLN B 97 -20.25 4.58 -27.81
CA GLN B 97 -19.84 3.80 -28.95
C GLN B 97 -20.78 2.60 -29.10
N VAL B 98 -21.32 2.44 -30.30
CA VAL B 98 -22.39 1.46 -30.55
C VAL B 98 -21.97 0.27 -31.43
N MET B 99 -20.81 0.39 -32.07
CA MET B 99 -20.18 -0.76 -32.72
C MET B 99 -18.67 -0.62 -32.85
N SER B 100 -18.00 -1.78 -32.93
CA SER B 100 -16.55 -1.85 -33.07
C SER B 100 -16.20 -3.23 -33.58
N PHE B 101 -15.51 -3.26 -34.72
CA PHE B 101 -15.01 -4.53 -35.29
C PHE B 101 -13.74 -4.28 -36.10
N ILE B 102 -12.78 -5.19 -35.93
CA ILE B 102 -11.51 -5.13 -36.65
C ILE B 102 -11.75 -5.38 -38.14
N VAL B 103 -11.17 -4.52 -38.99
CA VAL B 103 -11.31 -4.66 -40.43
C VAL B 103 -10.02 -5.13 -41.12
N TYR B 104 -8.89 -4.98 -40.42
CA TYR B 104 -7.59 -5.38 -40.95
C TYR B 104 -6.61 -5.82 -39.85
N LYS B 105 -6.06 -7.02 -40.03
CA LYS B 105 -4.98 -7.52 -39.18
C LYS B 105 -3.67 -7.52 -39.99
N PRO B 106 -2.60 -6.94 -39.43
CA PRO B 106 -1.31 -6.82 -40.14
C PRO B 106 -0.66 -8.18 -40.45
N GLY C 12 -9.05 60.18 30.23
CA GLY C 12 -9.99 59.09 30.61
C GLY C 12 -11.00 58.76 29.52
N TYR C 13 -12.09 58.11 29.91
CA TYR C 13 -13.14 57.72 28.97
C TYR C 13 -14.08 58.89 28.67
N GLN C 14 -14.18 59.23 27.38
CA GLN C 14 -15.12 60.24 26.91
C GLN C 14 -16.05 59.63 25.87
N ALA C 15 -17.26 59.29 26.30
CA ALA C 15 -18.26 58.64 25.44
C ALA C 15 -18.74 59.55 24.32
N GLY C 16 -19.15 58.93 23.21
CA GLY C 16 -19.71 59.68 22.07
C GLY C 16 -18.91 59.60 20.78
N VAL C 17 -19.52 60.10 19.72
CA VAL C 17 -18.91 60.08 18.40
C VAL C 17 -17.95 61.24 18.22
N LYS C 18 -16.78 60.96 17.65
CA LYS C 18 -15.86 61.99 17.17
C LYS C 18 -15.27 61.55 15.85
N ASP C 19 -14.63 62.47 15.14
CA ASP C 19 -14.06 62.17 13.83
C ASP C 19 -12.99 61.09 13.91
N TYR C 20 -13.02 60.17 12.94
CA TYR C 20 -12.00 59.13 12.79
C TYR C 20 -10.60 59.73 12.64
N ARG C 21 -10.52 60.87 11.95
CA ARG C 21 -9.25 61.54 11.65
C ARG C 21 -8.43 61.92 12.88
N LEU C 22 -9.12 62.11 14.01
CA LEU C 22 -8.46 62.47 15.27
C LEU C 22 -7.54 61.37 15.81
N THR C 23 -7.85 60.12 15.48
CA THR C 23 -7.05 58.98 15.94
C THR C 23 -6.30 58.29 14.79
N TYR C 24 -6.94 58.23 13.63
CA TYR C 24 -6.54 57.29 12.57
C TYR C 24 -5.84 57.89 11.36
N TYR C 25 -5.70 59.21 11.35
CA TYR C 25 -4.89 59.89 10.33
C TYR C 25 -3.62 60.42 10.97
N THR C 26 -2.48 59.88 10.54
CA THR C 26 -1.18 60.21 11.12
C THR C 26 -0.17 60.47 10.01
N PRO C 27 -0.21 61.68 9.41
CA PRO C 27 0.68 62.00 8.29
C PRO C 27 2.18 62.07 8.66
N ASP C 28 2.50 62.02 9.94
CA ASP C 28 3.89 62.03 10.41
C ASP C 28 4.45 60.63 10.68
N TYR C 29 3.63 59.60 10.51
CA TYR C 29 4.07 58.23 10.77
C TYR C 29 4.95 57.69 9.64
N THR C 30 6.07 57.08 10.02
CA THR C 30 6.94 56.39 9.08
C THR C 30 6.77 54.88 9.26
N PRO C 31 6.33 54.17 8.20
CA PRO C 31 6.06 52.72 8.25
C PRO C 31 7.27 51.89 8.66
N LYS C 32 7.03 50.89 9.51
CA LYS C 32 8.06 49.94 9.90
C LYS C 32 8.17 48.87 8.84
N ASP C 33 9.34 48.23 8.74
CA ASP C 33 9.56 47.12 7.82
C ASP C 33 8.72 45.87 8.12
N THR C 34 8.05 45.85 9.28
CA THR C 34 7.19 44.74 9.70
C THR C 34 5.70 45.05 9.49
N ASP C 35 5.38 46.30 9.15
CA ASP C 35 4.00 46.70 8.89
C ASP C 35 3.48 46.11 7.59
N ILE C 36 2.18 45.79 7.55
N ILE C 36 2.19 45.80 7.55
CA ILE C 36 1.51 45.55 6.28
CA ILE C 36 1.51 45.55 6.29
C ILE C 36 1.05 46.90 5.74
C ILE C 36 1.05 46.90 5.74
N LEU C 37 1.41 47.19 4.49
CA LEU C 37 0.99 48.44 3.86
C LEU C 37 -0.06 48.20 2.78
N ALA C 38 -1.08 49.05 2.77
CA ALA C 38 -2.16 48.98 1.78
C ALA C 38 -2.32 50.31 1.04
N ALA C 39 -2.47 50.25 -0.27
CA ALA C 39 -2.81 51.43 -1.08
C ALA C 39 -4.25 51.29 -1.58
N PHE C 40 -5.15 52.12 -1.04
CA PHE C 40 -6.55 52.14 -1.44
C PHE C 40 -6.83 53.31 -2.38
N ARG C 41 -7.56 53.05 -3.46
CA ARG C 41 -8.09 54.13 -4.31
C ARG C 41 -9.48 54.46 -3.78
N VAL C 42 -9.61 55.67 -3.22
CA VAL C 42 -10.79 56.06 -2.47
C VAL C 42 -11.63 57.11 -3.22
N THR C 43 -12.93 56.88 -3.32
CA THR C 43 -13.89 57.87 -3.82
C THR C 43 -14.90 58.19 -2.73
N PRO C 44 -14.70 59.33 -2.02
CA PRO C 44 -15.61 59.65 -0.93
C PRO C 44 -16.93 60.24 -1.44
N GLN C 45 -17.95 60.23 -0.58
CA GLN C 45 -19.19 60.94 -0.85
C GLN C 45 -18.88 62.45 -0.89
N PRO C 46 -19.60 63.20 -1.76
CA PRO C 46 -19.41 64.66 -1.79
C PRO C 46 -19.58 65.27 -0.40
N GLY C 47 -18.67 66.15 -0.02
CA GLY C 47 -18.71 66.78 1.30
C GLY C 47 -17.85 66.09 2.34
N VAL C 48 -17.44 64.84 2.08
CA VAL C 48 -16.59 64.11 3.01
C VAL C 48 -15.11 64.44 2.75
N PRO C 49 -14.42 65.02 3.75
CA PRO C 49 -13.01 65.39 3.56
C PRO C 49 -12.15 64.16 3.34
N PHE C 50 -11.14 64.28 2.47
CA PHE C 50 -10.21 63.20 2.16
C PHE C 50 -9.61 62.53 3.41
N GLU C 51 -9.20 63.36 4.37
CA GLU C 51 -8.61 62.91 5.63
C GLU C 51 -9.55 62.02 6.43
N GLU C 52 -10.82 62.39 6.47
CA GLU C 52 -11.82 61.64 7.23
C GLU C 52 -12.19 60.31 6.57
N ALA C 53 -12.25 60.32 5.23
CA ALA C 53 -12.52 59.10 4.46
C ALA C 53 -11.40 58.08 4.65
N ALA C 54 -10.16 58.55 4.47
CA ALA C 54 -8.95 57.74 4.68
C ALA C 54 -8.91 57.18 6.10
N ALA C 55 -9.23 58.03 7.08
CA ALA C 55 -9.21 57.64 8.48
C ALA C 55 -10.25 56.58 8.80
N ALA C 56 -11.46 56.75 8.28
CA ALA C 56 -12.52 55.76 8.44
C ALA C 56 -12.11 54.38 7.93
N VAL C 57 -11.46 54.36 6.76
CA VAL C 57 -10.99 53.12 6.15
C VAL C 57 -9.93 52.45 7.04
N ALA C 58 -8.97 53.24 7.50
CA ALA C 58 -7.92 52.78 8.42
C ALA C 58 -8.51 52.23 9.71
N ALA C 59 -9.47 52.94 10.28
CA ALA C 59 -10.11 52.58 11.55
C ALA C 59 -10.95 51.31 11.48
N GLU C 60 -11.84 51.23 10.50
CA GLU C 60 -12.80 50.13 10.40
C GLU C 60 -12.17 48.87 9.80
N SER C 61 -10.91 48.97 9.37
CA SER C 61 -10.15 47.81 8.91
C SER C 61 -9.08 47.37 9.93
N SER C 62 -9.17 47.92 11.15
CA SER C 62 -8.21 47.58 12.20
C SER C 62 -8.79 47.49 13.60
N THR C 63 -9.00 48.63 14.26
CA THR C 63 -9.37 48.64 15.68
C THR C 63 -10.62 49.45 16.02
N GLY C 64 -11.04 50.32 15.13
CA GLY C 64 -12.07 51.30 15.47
C GLY C 64 -13.50 50.94 15.12
N THR C 65 -14.44 51.61 15.78
CA THR C 65 -15.84 51.61 15.36
C THR C 65 -16.41 53.05 15.36
N TRP C 66 -17.72 53.18 15.15
CA TRP C 66 -18.38 54.47 14.86
C TRP C 66 -18.51 55.44 16.05
N THR C 67 -18.29 54.94 17.26
CA THR C 67 -18.36 55.74 18.49
C THR C 67 -17.25 55.28 19.46
N THR C 68 -16.89 56.15 20.39
CA THR C 68 -15.80 55.87 21.34
C THR C 68 -16.22 54.77 22.32
N VAL C 69 -15.34 53.81 22.55
CA VAL C 69 -15.59 52.74 23.51
C VAL C 69 -14.60 52.81 24.67
N TRP C 70 -15.07 52.51 25.87
CA TRP C 70 -14.23 52.54 27.08
C TRP C 70 -13.13 51.48 27.06
N THR C 71 -13.45 50.32 26.49
CA THR C 71 -12.52 49.17 26.47
C THR C 71 -11.19 49.45 25.78
N ASP C 72 -11.16 50.46 24.91
CA ASP C 72 -9.94 50.97 24.29
C ASP C 72 -8.81 51.23 25.30
N LEU C 73 -9.20 51.69 26.49
CA LEU C 73 -8.24 52.11 27.52
C LEU C 73 -7.72 50.96 28.38
N LEU C 74 -8.31 49.77 28.23
CA LEU C 74 -7.78 48.54 28.82
C LEU C 74 -6.50 48.12 28.10
N THR C 75 -6.38 48.54 26.84
CA THR C 75 -5.24 48.18 26.01
C THR C 75 -4.48 49.42 25.53
N ASP C 76 -3.53 49.22 24.62
CA ASP C 76 -2.73 50.31 24.06
C ASP C 76 -3.05 50.50 22.58
N LEU C 77 -4.14 51.22 22.32
CA LEU C 77 -4.64 51.41 20.96
C LEU C 77 -3.60 51.94 19.99
N ASP C 78 -2.74 52.84 20.48
CA ASP C 78 -1.73 53.49 19.64
C ASP C 78 -0.79 52.52 18.92
N ARG C 79 -0.55 51.35 19.53
CA ARG C 79 0.35 50.38 18.91
C ARG C 79 -0.40 49.28 18.14
N TYR C 80 -1.73 49.27 18.25
CA TYR C 80 -2.56 48.29 17.54
C TYR C 80 -3.29 48.88 16.33
N LYS C 81 -3.64 50.16 16.43
CA LYS C 81 -4.39 50.84 15.37
C LYS C 81 -3.69 50.81 14.01
N GLY C 82 -4.49 50.67 12.96
CA GLY C 82 -4.03 50.96 11.61
C GLY C 82 -4.04 52.47 11.47
N CYS C 83 -3.27 53.00 10.53
CA CYS C 83 -3.31 54.43 10.31
C CYS C 83 -3.00 54.81 8.89
N CYS C 84 -3.77 55.75 8.37
CA CYS C 84 -3.43 56.37 7.11
C CYS C 84 -2.28 57.33 7.37
N TYR C 85 -1.17 57.10 6.68
CA TYR C 85 0.06 57.88 6.89
C TYR C 85 0.38 58.76 5.69
N ASP C 86 -0.32 58.54 4.58
CA ASP C 86 -0.15 59.34 3.37
C ASP C 86 -1.43 59.35 2.54
N ILE C 87 -1.74 60.53 1.99
CA ILE C 87 -2.87 60.75 1.08
C ILE C 87 -2.34 61.34 -0.21
N GLU C 88 -2.60 60.66 -1.32
CA GLU C 88 -2.14 61.09 -2.64
C GLU C 88 -3.34 61.33 -3.59
N PRO C 89 -3.78 62.58 -3.72
CA PRO C 89 -4.87 62.90 -4.66
C PRO C 89 -4.52 62.53 -6.09
N LEU C 90 -5.54 62.26 -6.91
CA LEU C 90 -5.33 61.79 -8.27
C LEU C 90 -5.79 62.81 -9.32
N PRO C 91 -4.86 63.31 -10.14
CA PRO C 91 -5.12 64.40 -11.08
C PRO C 91 -6.16 64.09 -12.16
N GLY C 92 -6.02 62.94 -12.82
CA GLY C 92 -6.82 62.63 -14.01
C GLY C 92 -8.20 62.02 -13.75
N GLU C 93 -8.52 61.78 -12.48
CA GLU C 93 -9.77 61.11 -12.11
C GLU C 93 -10.75 62.05 -11.42
N ASP C 94 -11.95 61.55 -11.15
CA ASP C 94 -13.02 62.35 -10.56
C ASP C 94 -13.21 62.05 -9.06
N ASN C 95 -12.75 62.98 -8.23
CA ASN C 95 -12.88 62.91 -6.75
C ASN C 95 -12.21 61.67 -6.10
N GLN C 96 -11.06 61.29 -6.64
CA GLN C 96 -10.33 60.12 -6.18
C GLN C 96 -8.99 60.47 -5.54
N PHE C 97 -8.55 59.64 -4.60
CA PHE C 97 -7.20 59.74 -4.03
C PHE C 97 -6.71 58.38 -3.57
N ILE C 98 -5.39 58.20 -3.54
CA ILE C 98 -4.80 57.00 -2.95
C ILE C 98 -4.56 57.24 -1.46
N ALA C 99 -5.12 56.36 -0.62
CA ALA C 99 -4.82 56.34 0.81
C ALA C 99 -3.84 55.22 1.12
N TYR C 100 -2.74 55.57 1.79
CA TYR C 100 -1.74 54.58 2.21
C TYR C 100 -1.92 54.30 3.69
N ILE C 101 -2.13 53.02 4.01
CA ILE C 101 -2.46 52.63 5.37
C ILE C 101 -1.48 51.59 5.88
N ALA C 102 -1.02 51.79 7.12
CA ALA C 102 -0.08 50.89 7.76
C ALA C 102 -0.79 50.11 8.85
N TYR C 103 -0.59 48.79 8.84
CA TYR C 103 -1.16 47.90 9.84
C TYR C 103 -0.02 47.21 10.60
N PRO C 104 -0.03 47.27 11.93
CA PRO C 104 1.00 46.56 12.72
C PRO C 104 0.95 45.05 12.48
N LEU C 105 2.12 44.43 12.50
CA LEU C 105 2.25 42.98 12.31
C LEU C 105 1.35 42.17 13.23
N ASP C 106 1.20 42.64 14.48
CA ASP C 106 0.44 41.93 15.52
C ASP C 106 -1.05 41.76 15.24
N LEU C 107 -1.57 42.49 14.26
CA LEU C 107 -3.00 42.41 13.94
C LEU C 107 -3.39 41.14 13.20
N PHE C 108 -2.40 40.45 12.63
CA PHE C 108 -2.67 39.38 11.66
C PHE C 108 -2.36 37.97 12.14
N GLU C 109 -3.22 37.03 11.76
CA GLU C 109 -2.97 35.62 12.05
C GLU C 109 -1.87 35.09 11.13
N GLU C 110 -0.87 34.47 11.74
CA GLU C 110 0.23 33.85 11.03
C GLU C 110 -0.30 32.83 10.02
N GLY C 111 0.17 32.93 8.78
CA GLY C 111 -0.14 31.97 7.74
C GLY C 111 -1.57 31.99 7.21
N SER C 112 -2.31 33.07 7.46
CA SER C 112 -3.72 33.16 7.12
C SER C 112 -4.05 34.31 6.17
N VAL C 113 -4.01 34.04 4.87
CA VAL C 113 -4.50 34.99 3.86
C VAL C 113 -5.94 35.41 4.16
N THR C 114 -6.75 34.43 4.57
CA THR C 114 -8.14 34.66 4.97
C THR C 114 -8.26 35.75 6.04
N ASN C 115 -7.46 35.65 7.10
CA ASN C 115 -7.47 36.69 8.13
C ASN C 115 -6.99 38.04 7.65
N MET C 116 -5.91 38.06 6.87
CA MET C 116 -5.39 39.29 6.30
C MET C 116 -6.46 40.04 5.49
N LEU C 117 -7.14 39.31 4.60
CA LEU C 117 -8.20 39.90 3.77
C LEU C 117 -9.39 40.35 4.59
N THR C 118 -9.73 39.56 5.61
CA THR C 118 -10.87 39.87 6.48
C THR C 118 -10.72 41.25 7.13
N SER C 119 -9.51 41.55 7.61
CA SER C 119 -9.22 42.85 8.21
C SER C 119 -9.23 43.94 7.15
N ILE C 120 -8.40 43.76 6.13
CA ILE C 120 -8.13 44.83 5.18
C ILE C 120 -9.31 45.13 4.24
N VAL C 121 -10.03 44.09 3.79
CA VAL C 121 -11.15 44.30 2.87
C VAL C 121 -12.53 43.84 3.39
N GLY C 122 -12.61 43.51 4.68
CA GLY C 122 -13.82 42.93 5.25
C GLY C 122 -15.07 43.78 5.24
N ASN C 123 -14.98 44.99 5.79
CA ASN C 123 -16.17 45.86 5.95
C ASN C 123 -16.08 47.21 5.24
N VAL C 124 -14.86 47.68 5.00
CA VAL C 124 -14.66 49.07 4.58
C VAL C 124 -15.28 49.46 3.23
N PHE C 125 -15.47 48.48 2.34
CA PHE C 125 -15.95 48.76 0.98
C PHE C 125 -17.43 49.16 0.93
N GLY C 126 -18.17 48.89 2.01
CA GLY C 126 -19.61 49.17 2.05
C GLY C 126 -19.99 50.39 2.86
N PHE C 127 -18.99 51.16 3.26
CA PHE C 127 -19.17 52.32 4.13
C PHE C 127 -19.96 53.42 3.43
N LYS C 128 -21.03 53.89 4.07
CA LYS C 128 -21.91 54.89 3.49
C LYS C 128 -21.18 56.15 3.04
N ALA C 129 -20.20 56.57 3.84
CA ALA C 129 -19.41 57.80 3.59
C ALA C 129 -18.50 57.72 2.36
N LEU C 130 -18.44 56.56 1.74
CA LEU C 130 -17.71 56.38 0.49
C LEU C 130 -18.68 56.06 -0.64
N LYS C 131 -18.29 56.41 -1.86
CA LYS C 131 -19.02 56.04 -3.06
C LYS C 131 -18.41 54.79 -3.69
N ALA C 132 -17.08 54.68 -3.57
CA ALA C 132 -16.31 53.61 -4.17
C ALA C 132 -14.96 53.44 -3.48
N LEU C 133 -14.43 52.22 -3.54
CA LEU C 133 -13.13 51.89 -2.96
C LEU C 133 -12.50 50.72 -3.71
N ARG C 134 -11.21 50.85 -4.02
CA ARG C 134 -10.45 49.78 -4.65
C ARG C 134 -9.11 49.59 -3.94
N LEU C 135 -8.83 48.35 -3.53
CA LEU C 135 -7.51 48.03 -3.01
C LEU C 135 -6.59 47.76 -4.19
N GLU C 136 -5.54 48.57 -4.31
CA GLU C 136 -4.63 48.49 -5.44
C GLU C 136 -3.43 47.60 -5.20
N ASP C 137 -2.87 47.65 -3.99
CA ASP C 137 -1.63 46.93 -3.70
C ASP C 137 -1.49 46.68 -2.21
N LEU C 138 -0.67 45.71 -1.87
CA LEU C 138 -0.31 45.42 -0.49
C LEU C 138 1.19 45.18 -0.41
N ARG C 139 1.82 45.78 0.58
CA ARG C 139 3.22 45.48 0.85
C ARG C 139 3.24 44.43 1.95
N ILE C 140 3.52 43.19 1.58
CA ILE C 140 3.61 42.11 2.58
C ILE C 140 5.04 42.08 3.13
N PRO C 141 5.18 42.33 4.44
CA PRO C 141 6.51 42.39 5.05
C PRO C 141 7.11 41.01 5.20
N VAL C 142 8.44 40.94 5.15
CA VAL C 142 9.19 39.68 5.21
C VAL C 142 8.82 38.84 6.45
N ALA C 143 8.63 39.50 7.58
CA ALA C 143 8.30 38.82 8.84
C ALA C 143 6.97 38.06 8.78
N TYR C 144 5.99 38.62 8.06
CA TYR C 144 4.71 37.95 7.88
C TYR C 144 4.81 36.82 6.86
N LEU C 145 5.55 37.09 5.78
CA LEU C 145 5.77 36.09 4.71
C LEU C 145 6.36 34.79 5.20
N LYS C 146 7.27 34.86 6.16
CA LYS C 146 7.90 33.67 6.74
C LYS C 146 6.91 32.75 7.48
N THR C 147 5.71 33.26 7.77
CA THR C 147 4.66 32.46 8.42
C THR C 147 3.81 31.66 7.42
N PHE C 148 4.11 31.81 6.13
CA PHE C 148 3.38 31.13 5.07
C PHE C 148 4.27 30.11 4.38
N GLN C 149 3.68 29.02 3.93
CA GLN C 149 4.40 28.04 3.12
C GLN C 149 4.79 28.61 1.75
N GLY C 150 3.84 29.26 1.09
CA GLY C 150 4.04 29.71 -0.27
C GLY C 150 3.75 28.56 -1.21
N PRO C 151 4.25 28.66 -2.46
CA PRO C 151 3.99 27.58 -3.42
C PRO C 151 4.50 26.25 -2.89
N PRO C 152 3.76 25.17 -3.16
CA PRO C 152 4.22 23.84 -2.78
C PRO C 152 5.59 23.52 -3.37
N HIS C 153 5.87 24.05 -4.57
CA HIS C 153 7.14 23.77 -5.26
C HIS C 153 7.80 25.03 -5.84
N GLY C 154 7.09 25.72 -6.74
CA GLY C 154 7.66 26.91 -7.39
C GLY C 154 8.40 26.58 -8.68
N ILE C 155 8.71 27.62 -9.46
CA ILE C 155 9.26 27.45 -10.81
C ILE C 155 10.47 26.51 -10.88
N GLN C 156 11.50 26.78 -10.09
CA GLN C 156 12.74 25.99 -10.12
C GLN C 156 12.49 24.51 -9.86
N VAL C 157 11.80 24.20 -8.77
CA VAL C 157 11.54 22.81 -8.39
C VAL C 157 10.63 22.12 -9.41
N GLU C 158 9.62 22.81 -9.92
CA GLU C 158 8.72 22.23 -10.92
C GLU C 158 9.46 21.75 -12.17
N ARG C 159 10.33 22.62 -12.70
CA ARG C 159 11.13 22.28 -13.87
C ARG C 159 12.01 21.08 -13.61
N ASP C 160 12.63 21.05 -12.42
CA ASP C 160 13.44 19.92 -11.99
C ASP C 160 12.64 18.62 -11.87
N LYS C 161 11.40 18.74 -11.37
CA LYS C 161 10.50 17.57 -11.23
C LYS C 161 10.03 17.05 -12.58
N LEU C 162 9.74 17.98 -13.49
CA LEU C 162 9.26 17.63 -14.82
C LEU C 162 10.40 17.41 -15.84
N ASN C 163 11.62 17.76 -15.46
CA ASN C 163 12.79 17.66 -16.34
C ASN C 163 12.60 18.44 -17.67
N LYS C 164 12.04 19.65 -17.57
CA LYS C 164 11.75 20.49 -18.73
C LYS C 164 12.40 21.85 -18.56
N TYR C 165 13.30 22.19 -19.48
CA TYR C 165 14.08 23.42 -19.38
C TYR C 165 14.15 24.19 -20.68
N GLY C 166 14.38 25.49 -20.58
CA GLY C 166 14.74 26.33 -21.72
C GLY C 166 13.63 26.85 -22.62
N ARG C 167 12.38 26.64 -22.20
CA ARG C 167 11.22 27.06 -23.00
C ARG C 167 9.96 27.15 -22.16
N PRO C 168 8.97 27.95 -22.60
CA PRO C 168 7.64 27.89 -21.97
C PRO C 168 7.04 26.51 -22.09
N LEU C 169 6.16 26.18 -21.15
CA LEU C 169 5.45 24.91 -21.22
C LEU C 169 4.18 25.11 -22.05
N LEU C 170 3.64 24.02 -22.61
CA LEU C 170 2.46 24.09 -23.47
C LEU C 170 1.31 23.23 -22.97
N GLY C 171 0.09 23.79 -22.99
CA GLY C 171 -1.11 23.07 -22.58
C GLY C 171 -2.31 23.28 -23.49
N CYS C 172 -3.28 22.36 -23.41
CA CYS C 172 -4.59 22.49 -24.09
C CYS C 172 -5.72 22.27 -23.07
N THR C 173 -6.73 23.12 -23.10
CA THR C 173 -7.94 22.90 -22.31
C THR C 173 -8.93 22.14 -23.16
N ILE C 174 -9.41 21.01 -22.63
CA ILE C 174 -10.37 20.19 -23.36
C ILE C 174 -11.70 20.92 -23.52
N LYS C 175 -12.24 20.86 -24.73
CA LYS C 175 -13.52 21.49 -25.07
C LYS C 175 -14.37 20.46 -25.80
N PRO C 176 -15.72 20.61 -25.78
CA PRO C 176 -16.49 21.67 -25.10
C PRO C 176 -16.26 21.65 -23.60
N LYS C 177 -16.36 22.83 -22.98
CA LYS C 177 -16.19 22.99 -21.53
C LYS C 177 -16.87 21.86 -20.77
N LEU C 178 -18.16 21.64 -21.05
CA LEU C 178 -18.95 20.60 -20.40
C LEU C 178 -19.69 19.75 -21.44
N GLY C 179 -20.06 18.53 -21.05
CA GLY C 179 -20.87 17.67 -21.92
C GLY C 179 -20.19 16.44 -22.47
N LEU C 180 -18.86 16.36 -22.33
CA LEU C 180 -18.13 15.16 -22.78
C LEU C 180 -18.12 14.04 -21.73
N SER C 181 -18.19 12.79 -22.20
CA SER C 181 -18.03 11.63 -21.32
C SER C 181 -16.58 11.52 -20.86
N ALA C 182 -16.36 10.75 -19.80
CA ALA C 182 -15.02 10.51 -19.26
C ALA C 182 -14.11 9.87 -20.30
N LYS C 183 -14.63 8.88 -21.02
CA LYS C 183 -13.86 8.19 -22.03
C LYS C 183 -13.46 9.11 -23.20
N ASN C 184 -14.39 9.95 -23.63
CA ASN C 184 -14.12 10.90 -24.72
C ASN C 184 -13.15 11.98 -24.29
N TYR C 185 -13.20 12.31 -22.99
CA TYR C 185 -12.28 13.25 -22.39
C TYR C 185 -10.86 12.69 -22.43
N GLY C 186 -10.72 11.42 -22.07
CA GLY C 186 -9.42 10.74 -22.09
C GLY C 186 -8.83 10.59 -23.49
N ARG C 187 -9.68 10.34 -24.48
CA ARG C 187 -9.22 10.25 -25.88
C ARG C 187 -8.62 11.58 -26.35
N ALA C 188 -9.33 12.67 -26.07
CA ALA C 188 -8.85 14.00 -26.44
C ALA C 188 -7.55 14.34 -25.72
N VAL C 189 -7.41 13.92 -24.46
CA VAL C 189 -6.19 14.12 -23.68
C VAL C 189 -5.02 13.40 -24.34
N TYR C 190 -5.23 12.14 -24.72
CA TYR C 190 -4.19 11.34 -25.35
C TYR C 190 -3.72 11.96 -26.66
N GLU C 191 -4.68 12.37 -27.50
CA GLU C 191 -4.38 12.96 -28.82
C GLU C 191 -3.66 14.31 -28.69
N CYS C 192 -4.12 15.18 -27.79
CA CYS C 192 -3.45 16.47 -27.50
C CYS C 192 -1.99 16.22 -27.06
N LEU C 193 -1.81 15.34 -26.07
CA LEU C 193 -0.48 15.08 -25.49
C LEU C 193 0.50 14.38 -26.45
N ARG C 194 0.02 13.42 -27.24
CA ARG C 194 0.89 12.70 -28.18
C ARG C 194 1.41 13.61 -29.28
N GLY C 195 0.66 14.67 -29.58
CA GLY C 195 1.01 15.62 -30.62
C GLY C 195 2.04 16.68 -30.25
N GLY C 196 2.48 16.70 -28.99
CA GLY C 196 3.56 17.58 -28.57
C GLY C 196 3.32 18.57 -27.43
N LEU C 197 2.15 18.53 -26.81
CA LEU C 197 1.91 19.41 -25.67
C LEU C 197 2.40 18.75 -24.38
N ASP C 198 2.87 19.56 -23.45
CA ASP C 198 3.30 19.07 -22.14
C ASP C 198 2.10 18.72 -21.27
N PHE C 199 1.05 19.55 -21.35
CA PHE C 199 -0.10 19.47 -20.47
C PHE C 199 -1.43 19.52 -21.21
N THR C 200 -2.42 18.81 -20.65
CA THR C 200 -3.82 19.11 -20.91
C THR C 200 -4.44 19.46 -19.57
N ASP C 202 -8.47 19.96 -17.24
CA ASP C 202 -9.91 20.08 -17.06
C ASP C 202 -10.27 21.55 -17.16
N ASP C 203 -11.42 21.85 -17.76
CA ASP C 203 -11.93 23.21 -17.71
C ASP C 203 -12.23 23.55 -16.25
N GLU C 204 -12.21 24.85 -15.92
CA GLU C 204 -12.37 25.27 -14.52
C GLU C 204 -13.66 24.75 -13.89
N ASN C 205 -14.69 24.56 -14.72
CA ASN C 205 -16.01 24.12 -14.23
C ASN C 205 -16.28 22.62 -14.40
N ILE C 206 -15.27 21.90 -14.87
CA ILE C 206 -15.30 20.43 -14.87
C ILE C 206 -14.90 19.98 -13.45
N ASN C 207 -15.88 19.53 -12.69
CA ASN C 207 -15.62 19.00 -11.37
C ASN C 207 -16.09 17.55 -11.32
N SER C 208 -17.35 17.34 -10.95
CA SER C 208 -18.02 16.04 -11.07
C SER C 208 -19.49 16.34 -11.36
N GLN C 209 -20.02 15.77 -12.44
CA GLN C 209 -21.35 16.14 -12.93
C GLN C 209 -22.06 14.93 -13.53
N PRO C 210 -23.39 15.03 -13.75
CA PRO C 210 -24.14 13.89 -14.33
C PRO C 210 -23.57 13.35 -15.66
N PHE C 211 -23.08 14.23 -16.53
CA PHE C 211 -22.49 13.80 -17.82
C PHE C 211 -21.12 13.13 -17.67
N GLN C 212 -20.45 13.36 -16.53
CA GLN C 212 -19.08 12.89 -16.34
C GLN C 212 -18.66 12.96 -14.88
N ARG C 213 -18.57 11.80 -14.23
CA ARG C 213 -18.19 11.72 -12.83
C ARG C 213 -16.67 11.77 -12.68
N TRP C 214 -16.20 12.42 -11.60
CA TRP C 214 -14.77 12.73 -11.49
C TRP C 214 -13.88 11.49 -11.51
N ARG C 215 -14.25 10.45 -10.78
CA ARG C 215 -13.36 9.29 -10.66
C ARG C 215 -13.16 8.60 -12.01
N ASP C 216 -14.22 8.56 -12.83
CA ASP C 216 -14.12 7.99 -14.18
C ASP C 216 -13.18 8.83 -15.04
N ARG C 217 -13.31 10.14 -14.97
CA ARG C 217 -12.38 11.04 -15.65
C ARG C 217 -10.93 10.81 -15.24
N PHE C 218 -10.67 10.78 -13.93
CA PHE C 218 -9.30 10.65 -13.40
C PHE C 218 -8.63 9.38 -13.96
N LEU C 219 -9.38 8.27 -13.97
CA LEU C 219 -8.88 6.97 -14.46
C LEU C 219 -8.52 6.98 -15.94
N PHE C 220 -9.42 7.50 -16.76
CA PHE C 220 -9.22 7.53 -18.21
C PHE C 220 -8.14 8.52 -18.61
N VAL C 221 -8.05 9.62 -17.87
CA VAL C 221 -6.98 10.61 -18.07
C VAL C 221 -5.60 10.01 -17.76
N ALA C 222 -5.50 9.30 -16.64
CA ALA C 222 -4.27 8.57 -16.29
C ALA C 222 -3.83 7.57 -17.37
N ASP C 223 -4.80 6.88 -17.98
CA ASP C 223 -4.51 5.94 -19.07
C ASP C 223 -3.94 6.68 -20.28
N ALA C 224 -4.57 7.82 -20.58
CA ALA C 224 -4.16 8.68 -21.69
C ALA C 224 -2.75 9.22 -21.51
N ILE C 225 -2.43 9.67 -20.29
CA ILE C 225 -1.11 10.18 -19.95
C ILE C 225 -0.06 9.09 -20.09
N HIS C 226 -0.34 7.89 -19.58
CA HIS C 226 0.61 6.78 -19.65
CA HIS C 226 0.59 6.76 -19.65
C HIS C 226 0.95 6.43 -21.10
N LYS C 227 -0.08 6.40 -21.97
CA LYS C 227 0.08 6.07 -23.37
C LYS C 227 0.88 7.15 -24.13
N ALA C 228 0.52 8.42 -23.93
CA ALA C 228 1.21 9.52 -24.62
C ALA C 228 2.66 9.67 -24.13
N GLN C 229 2.89 9.46 -22.83
CA GLN C 229 4.25 9.54 -22.28
C GLN C 229 5.16 8.45 -22.81
N ALA C 230 4.62 7.24 -22.96
CA ALA C 230 5.38 6.10 -23.47
C ALA C 230 5.70 6.27 -24.95
N GLU C 231 4.76 6.85 -25.70
CA GLU C 231 4.90 7.02 -27.14
C GLU C 231 5.78 8.19 -27.57
N THR C 232 5.84 9.24 -26.75
CA THR C 232 6.63 10.43 -27.08
C THR C 232 7.99 10.45 -26.37
N GLY C 233 8.09 9.73 -25.26
CA GLY C 233 9.29 9.79 -24.42
C GLY C 233 9.46 11.10 -23.67
N GLU C 234 8.43 11.93 -23.66
CA GLU C 234 8.42 13.18 -22.89
C GLU C 234 7.47 13.09 -21.71
N ILE C 235 7.82 13.72 -20.59
CA ILE C 235 6.96 13.71 -19.42
C ILE C 235 5.67 14.49 -19.70
N LYS C 236 4.54 13.85 -19.46
CA LYS C 236 3.22 14.45 -19.71
C LYS C 236 2.43 14.63 -18.42
N GLY C 237 1.50 15.58 -18.43
CA GLY C 237 0.63 15.81 -17.29
C GLY C 237 -0.73 16.30 -17.71
N HIS C 238 -1.69 16.19 -16.82
CA HIS C 238 -3.01 16.77 -17.03
C HIS C 238 -3.47 17.36 -15.72
N TYR C 239 -3.86 18.64 -15.73
CA TYR C 239 -4.29 19.25 -14.47
C TYR C 239 -5.68 18.71 -14.13
N LEU C 240 -5.71 17.69 -13.28
CA LEU C 240 -6.99 17.16 -12.83
C LEU C 240 -7.61 18.11 -11.80
N ASN C 241 -8.85 18.53 -12.08
CA ASN C 241 -9.54 19.49 -11.25
C ASN C 241 -10.09 18.85 -9.98
N VAL C 242 -9.59 19.29 -8.83
CA VAL C 242 -10.06 18.78 -7.54
C VAL C 242 -11.00 19.76 -6.84
N THR C 243 -11.28 20.88 -7.49
CA THR C 243 -12.28 21.84 -7.00
C THR C 243 -13.58 21.10 -6.66
N ALA C 244 -14.08 21.33 -5.44
CA ALA C 244 -15.10 20.44 -4.88
C ALA C 244 -16.05 21.20 -3.94
N PRO C 245 -17.21 20.59 -3.62
CA PRO C 245 -18.18 21.24 -2.72
C PRO C 245 -17.67 21.43 -1.28
N THR C 246 -16.80 20.52 -0.82
CA THR C 246 -16.31 20.49 0.56
C THR C 246 -14.81 20.18 0.59
N CYS C 247 -14.18 20.46 1.72
CA CYS C 247 -12.76 20.17 1.90
C CYS C 247 -12.46 18.68 1.83
N GLU C 248 -13.36 17.86 2.37
CA GLU C 248 -13.17 16.41 2.40
C GLU C 248 -13.17 15.84 0.98
N GLU C 249 -14.10 16.32 0.17
CA GLU C 249 -14.22 15.91 -1.22
C GLU C 249 -13.02 16.43 -2.03
N MET C 250 -12.58 17.65 -1.76
CA MET C 250 -11.39 18.21 -2.42
C MET C 250 -10.18 17.30 -2.22
N LEU C 251 -9.94 16.92 -0.96
CA LEU C 251 -8.79 16.09 -0.59
C LEU C 251 -8.92 14.65 -1.06
N LYS C 252 -10.16 14.13 -1.08
CA LYS C 252 -10.43 12.82 -1.67
C LYS C 252 -9.99 12.77 -3.14
N ARG C 253 -10.31 13.82 -3.89
CA ARG C 253 -9.95 13.88 -5.30
C ARG C 253 -8.45 14.06 -5.50
N ALA C 254 -7.85 14.90 -4.66
CA ALA C 254 -6.39 15.04 -4.66
C ALA C 254 -5.69 13.72 -4.32
N GLU C 255 -6.19 13.00 -3.31
CA GLU C 255 -5.62 11.70 -2.94
C GLU C 255 -5.69 10.66 -4.08
N PHE C 256 -6.78 10.67 -4.85
CA PHE C 256 -6.89 9.73 -5.96
C PHE C 256 -5.91 10.05 -7.11
N ALA C 257 -5.79 11.34 -7.45
CA ALA C 257 -4.73 11.78 -8.38
C ALA C 257 -3.37 11.26 -7.93
N LYS C 258 -3.11 11.37 -6.63
CA LYS C 258 -1.86 10.89 -6.03
C LYS C 258 -1.71 9.36 -6.18
N GLU C 259 -2.77 8.63 -5.87
CA GLU C 259 -2.80 7.17 -6.03
C GLU C 259 -2.50 6.75 -7.48
N LEU C 260 -2.96 7.55 -8.44
CA LEU C 260 -2.72 7.29 -9.86
C LEU C 260 -1.37 7.81 -10.32
N GLU C 261 -0.58 8.30 -9.36
CA GLU C 261 0.75 8.84 -9.61
C GLU C 261 0.74 9.99 -10.62
N MET C 262 -0.30 10.82 -10.55
CA MET C 262 -0.41 11.98 -11.43
C MET C 262 0.54 13.07 -10.92
N PRO C 263 1.24 13.75 -11.85
CA PRO C 263 2.18 14.77 -11.39
C PRO C 263 1.54 16.12 -11.02
N ILE C 264 0.31 16.37 -11.46
CA ILE C 264 -0.28 17.71 -11.30
C ILE C 264 -1.80 17.72 -11.16
N ILE C 265 -2.29 18.61 -10.32
CA ILE C 265 -3.72 18.88 -10.19
C ILE C 265 -4.01 20.37 -10.32
N MET C 266 -5.28 20.73 -10.49
CA MET C 266 -5.67 22.12 -10.51
C MET C 266 -6.75 22.44 -9.47
N HIS C 267 -6.85 23.72 -9.14
CA HIS C 267 -7.81 24.21 -8.16
C HIS C 267 -8.20 25.62 -8.53
N ASP C 268 -9.49 25.93 -8.37
CA ASP C 268 -10.02 27.27 -8.60
C ASP C 268 -10.02 28.01 -7.26
N PHE C 269 -8.97 28.80 -7.00
CA PHE C 269 -8.73 29.31 -5.64
C PHE C 269 -9.76 30.26 -5.06
N LEU C 270 -10.39 31.08 -5.91
CA LEU C 270 -11.41 32.03 -5.44
C LEU C 270 -12.81 31.45 -5.26
N THR C 271 -13.24 30.55 -6.15
CA THR C 271 -14.58 29.98 -6.01
C THR C 271 -14.62 28.92 -4.90
N ALA C 272 -13.52 28.20 -4.72
CA ALA C 272 -13.35 27.33 -3.55
C ALA C 272 -13.04 28.16 -2.31
N GLY C 273 -12.13 29.12 -2.43
CA GLY C 273 -11.80 30.04 -1.34
C GLY C 273 -10.45 29.75 -0.70
N PHE C 274 -9.90 30.73 0.01
CA PHE C 274 -8.52 30.66 0.53
C PHE C 274 -8.29 29.60 1.63
N THR C 275 -9.28 29.36 2.47
CA THR C 275 -9.17 28.32 3.49
C THR C 275 -8.95 26.94 2.85
N ALA C 276 -9.77 26.60 1.85
CA ALA C 276 -9.59 25.34 1.13
C ALA C 276 -8.28 25.34 0.33
N ASN C 277 -7.96 26.47 -0.29
CA ASN C 277 -6.74 26.51 -1.09
C ASN C 277 -5.47 26.32 -0.27
N THR C 278 -5.43 26.92 0.92
CA THR C 278 -4.27 26.79 1.80
C THR C 278 -4.10 25.36 2.30
N THR C 279 -5.22 24.73 2.64
CA THR C 279 -5.28 23.30 2.93
C THR C 279 -4.67 22.50 1.77
N LEU C 280 -5.11 22.79 0.55
CA LEU C 280 -4.68 22.03 -0.62
C LEU C 280 -3.20 22.25 -0.95
N SER C 281 -2.77 23.51 -0.87
CA SER C 281 -1.35 23.86 -1.05
C SER C 281 -0.43 23.11 -0.06
N LYS C 282 -0.85 23.04 1.20
CA LYS C 282 -0.09 22.29 2.22
C LYS C 282 -0.07 20.82 1.88
N TRP C 283 -1.22 20.29 1.47
CA TRP C 283 -1.32 18.90 1.05
C TRP C 283 -0.37 18.62 -0.13
N CYS C 284 -0.32 19.53 -1.09
CA CYS C 284 0.53 19.37 -2.28
C CYS C 284 2.01 19.31 -1.93
N ARG C 285 2.44 20.18 -1.02
CA ARG C 285 3.79 20.14 -0.46
C ARG C 285 4.09 18.80 0.21
N ASP C 286 3.16 18.33 1.03
CA ASP C 286 3.31 17.05 1.76
C ASP C 286 3.37 15.84 0.84
N ASN C 287 2.81 15.99 -0.36
CA ASN C 287 2.64 14.86 -1.27
C ASN C 287 3.36 15.00 -2.61
N GLY C 288 4.13 16.07 -2.77
CA GLY C 288 4.94 16.27 -3.99
C GLY C 288 4.13 16.49 -5.26
N MET C 289 2.94 17.05 -5.09
CA MET C 289 2.00 17.26 -6.17
C MET C 289 2.09 18.71 -6.67
N LEU C 290 2.22 18.89 -7.98
CA LEU C 290 2.25 20.23 -8.56
C LEU C 290 0.84 20.81 -8.55
N LEU C 291 0.73 22.12 -8.37
CA LEU C 291 -0.57 22.72 -8.15
C LEU C 291 -0.85 23.85 -9.11
N HIS C 292 -1.75 23.60 -10.07
CA HIS C 292 -2.14 24.60 -11.04
C HIS C 292 -3.33 25.37 -10.53
N ILE C 293 -3.21 26.70 -10.51
CA ILE C 293 -4.27 27.54 -9.97
C ILE C 293 -5.02 28.29 -11.08
N HIS C 294 -6.33 28.05 -11.14
CA HIS C 294 -7.22 28.77 -12.04
C HIS C 294 -7.85 29.93 -11.27
N ARG C 295 -7.97 31.08 -11.91
CA ARG C 295 -8.44 32.28 -11.22
C ARG C 295 -9.90 32.63 -11.49
N ALA C 296 -10.71 31.62 -11.81
CA ALA C 296 -12.17 31.79 -11.98
C ALA C 296 -12.75 32.76 -10.97
N MET C 297 -13.53 33.72 -11.45
CA MET C 297 -14.24 34.73 -10.64
C MET C 297 -13.44 36.01 -10.38
N HIS C 298 -12.14 36.02 -10.67
CA HIS C 298 -11.31 37.20 -10.33
C HIS C 298 -11.87 38.51 -10.92
N ALA C 299 -12.35 38.44 -12.16
CA ALA C 299 -12.82 39.64 -12.87
C ALA C 299 -14.09 40.25 -12.28
N VAL C 300 -14.80 39.48 -11.45
CA VAL C 300 -15.93 40.02 -10.68
C VAL C 300 -15.45 41.14 -9.74
N MET C 301 -14.23 40.97 -9.23
CA MET C 301 -13.63 41.86 -8.23
C MET C 301 -12.63 42.84 -8.82
N ASP C 302 -11.90 42.42 -9.84
CA ASP C 302 -10.66 43.11 -10.23
C ASP C 302 -10.68 43.88 -11.55
N ARG C 303 -11.83 43.93 -12.23
CA ARG C 303 -11.85 44.54 -13.56
C ARG C 303 -11.95 46.06 -13.55
N GLN C 304 -12.85 46.60 -12.73
CA GLN C 304 -13.15 48.03 -12.76
C GLN C 304 -12.17 48.87 -11.96
N LYS C 305 -11.84 50.04 -12.51
CA LYS C 305 -10.81 50.91 -11.94
C LYS C 305 -11.24 51.60 -10.64
N ASN C 306 -12.53 51.86 -10.49
CA ASN C 306 -13.04 52.60 -9.33
C ASN C 306 -13.36 51.78 -8.10
N HIS C 307 -13.51 50.46 -8.27
CA HIS C 307 -13.97 49.62 -7.17
C HIS C 307 -13.53 48.17 -7.27
N GLY C 308 -13.14 47.60 -6.13
CA GLY C 308 -12.85 46.17 -6.02
C GLY C 308 -11.47 45.93 -5.44
N ILE C 309 -10.84 44.86 -5.92
CA ILE C 309 -9.48 44.50 -5.48
C ILE C 309 -8.71 44.21 -6.74
N HIS C 310 -7.59 44.90 -6.94
CA HIS C 310 -6.77 44.64 -8.13
C HIS C 310 -6.24 43.22 -8.12
N PHE C 311 -6.05 42.65 -9.32
CA PHE C 311 -5.54 41.28 -9.43
C PHE C 311 -4.18 41.06 -8.78
N ARG C 312 -3.34 42.10 -8.74
CA ARG C 312 -2.01 41.97 -8.16
C ARG C 312 -2.04 41.65 -6.67
N VAL C 313 -3.07 42.16 -5.98
CA VAL C 313 -3.32 41.80 -4.60
C VAL C 313 -3.73 40.33 -4.51
N LEU C 314 -4.68 39.93 -5.34
CA LEU C 314 -5.16 38.54 -5.38
C LEU C 314 -4.03 37.58 -5.72
N ALA C 315 -3.19 37.97 -6.68
CA ALA C 315 -2.00 37.23 -7.07
C ALA C 315 -1.01 37.08 -5.91
N LYS C 316 -0.78 38.16 -5.17
CA LYS C 316 0.11 38.11 -3.99
C LYS C 316 -0.44 37.12 -2.97
N CYS C 317 -1.75 37.22 -2.70
CA CYS C 317 -2.44 36.33 -1.76
C CYS C 317 -2.32 34.86 -2.18
N LEU C 318 -2.46 34.59 -3.47
CA LEU C 318 -2.29 33.24 -3.99
C LEU C 318 -0.85 32.73 -3.83
N ARG C 319 0.14 33.59 -4.09
CA ARG C 319 1.53 33.18 -3.90
C ARG C 319 1.77 32.78 -2.45
N MET C 320 1.22 33.55 -1.51
CA MET C 320 1.32 33.26 -0.08
C MET C 320 0.59 31.97 0.32
N SER C 321 -0.68 31.86 -0.07
CA SER C 321 -1.48 30.65 0.20
C SER C 321 -0.81 29.44 -0.45
N GLY C 322 -0.47 29.60 -1.73
CA GLY C 322 0.35 28.63 -2.43
C GLY C 322 -0.27 28.15 -3.72
N GLY C 323 0.53 28.17 -4.78
CA GLY C 323 0.18 27.59 -6.07
C GLY C 323 1.47 27.52 -6.86
N ASP C 324 1.57 26.52 -7.75
CA ASP C 324 2.75 26.38 -8.61
C ASP C 324 2.61 27.10 -9.96
N HIS C 325 1.38 27.15 -10.48
CA HIS C 325 1.01 27.98 -11.65
C HIS C 325 -0.14 28.88 -11.24
N ILE C 326 -0.24 30.04 -11.88
CA ILE C 326 -1.47 30.83 -11.85
C ILE C 326 -1.70 31.51 -13.20
N HIS C 327 -2.96 31.57 -13.61
CA HIS C 327 -3.35 32.27 -14.82
C HIS C 327 -3.11 33.76 -14.67
N THR C 328 -2.44 34.33 -15.67
CA THR C 328 -2.02 35.73 -15.60
C THR C 328 -2.62 36.58 -16.71
N GLY C 329 -3.37 35.94 -17.61
CA GLY C 329 -3.86 36.62 -18.81
C GLY C 329 -2.89 36.45 -19.96
N THR C 330 -3.30 36.92 -21.14
CA THR C 330 -2.53 36.75 -22.38
C THR C 330 -2.14 38.09 -22.97
N VAL C 331 -2.84 39.14 -22.55
CA VAL C 331 -2.72 40.48 -23.13
C VAL C 331 -3.42 40.54 -24.50
N VAL C 332 -3.06 39.61 -25.38
CA VAL C 332 -3.53 39.61 -26.77
C VAL C 332 -4.77 38.74 -27.05
N GLY C 333 -5.27 38.03 -26.04
CA GLY C 333 -6.36 37.07 -26.23
C GLY C 333 -7.76 37.61 -26.00
N LYS C 334 -8.72 36.71 -25.76
CA LYS C 334 -10.13 37.06 -25.66
C LYS C 334 -10.53 37.76 -24.36
N LEU C 335 -9.69 37.65 -23.34
CA LEU C 335 -9.97 38.27 -22.05
C LEU C 335 -9.03 39.44 -21.80
N GLU C 336 -9.48 40.40 -21.00
CA GLU C 336 -8.77 41.66 -20.80
C GLU C 336 -7.45 41.47 -20.06
N GLY C 337 -6.46 42.27 -20.42
CA GLY C 337 -5.15 42.25 -19.79
C GLY C 337 -4.24 43.32 -20.34
N ASP C 338 -4.29 44.50 -19.72
CA ASP C 338 -3.42 45.62 -20.11
C ASP C 338 -1.95 45.24 -19.92
N LYS C 339 -1.15 45.48 -20.96
CA LYS C 339 0.25 45.04 -21.00
C LYS C 339 1.10 45.54 -19.82
N ALA C 340 1.00 46.83 -19.50
CA ALA C 340 1.78 47.43 -18.41
C ALA C 340 1.43 46.83 -17.05
N VAL C 341 0.13 46.75 -16.77
CA VAL C 341 -0.41 46.14 -15.54
C VAL C 341 0.07 44.69 -15.41
N THR C 342 -0.05 43.95 -16.51
CA THR C 342 0.26 42.52 -16.56
C THR C 342 1.73 42.21 -16.29
N LEU C 343 2.63 42.97 -16.90
CA LEU C 343 4.06 42.79 -16.64
C LEU C 343 4.37 43.09 -15.18
N GLY C 344 3.65 44.06 -14.60
CA GLY C 344 3.75 44.39 -13.19
C GLY C 344 3.44 43.21 -12.27
N PHE C 345 2.26 42.61 -12.41
CA PHE C 345 1.92 41.50 -11.50
C PHE C 345 2.58 40.16 -11.86
N VAL C 346 3.02 40.01 -13.10
CA VAL C 346 3.82 38.85 -13.48
C VAL C 346 5.16 38.84 -12.72
N ASP C 347 5.81 40.01 -12.63
CA ASP C 347 7.04 40.13 -11.84
C ASP C 347 6.79 39.85 -10.36
N LEU C 348 5.69 40.40 -9.83
CA LEU C 348 5.32 40.22 -8.43
C LEU C 348 5.09 38.75 -8.10
N LEU C 349 4.71 37.97 -9.11
CA LEU C 349 4.41 36.55 -8.96
C LEU C 349 5.63 35.65 -9.08
N ARG C 350 6.61 36.07 -9.89
CA ARG C 350 7.73 35.21 -10.25
C ARG C 350 9.06 35.59 -9.60
N GLU C 351 9.27 36.88 -9.34
CA GLU C 351 10.58 37.39 -8.89
C GLU C 351 10.72 37.43 -7.37
N ASN C 352 11.95 37.56 -6.89
CA ASN C 352 12.21 37.61 -5.45
C ASN C 352 12.11 39.01 -4.87
N TYR C 353 12.45 40.00 -5.70
CA TYR C 353 12.49 41.38 -5.24
C TYR C 353 11.99 42.28 -6.37
N ILE C 354 10.90 43.00 -6.10
CA ILE C 354 10.30 43.85 -7.12
C ILE C 354 10.25 45.29 -6.63
N GLU C 355 10.94 46.17 -7.34
CA GLU C 355 11.00 47.59 -6.97
C GLU C 355 9.69 48.30 -7.28
N GLN C 356 9.29 49.22 -6.40
CA GLN C 356 8.19 50.14 -6.66
C GLN C 356 8.31 50.72 -8.07
N ASP C 357 7.21 50.68 -8.82
CA ASP C 357 7.16 51.19 -10.19
C ASP C 357 5.70 51.46 -10.56
N ARG C 358 5.29 52.72 -10.43
CA ARG C 358 3.91 53.11 -10.63
C ARG C 358 3.44 53.01 -12.08
N SER C 359 4.39 53.01 -13.01
CA SER C 359 4.07 52.87 -14.42
C SER C 359 3.61 51.44 -14.74
N ARG C 360 3.86 50.52 -13.80
CA ARG C 360 3.39 49.14 -13.93
C ARG C 360 2.47 48.73 -12.78
N GLY C 361 1.95 49.73 -12.07
CA GLY C 361 0.99 49.52 -11.01
C GLY C 361 1.58 48.92 -9.74
N ILE C 362 2.89 48.99 -9.61
CA ILE C 362 3.56 48.51 -8.42
C ILE C 362 3.70 49.65 -7.45
N TYR C 363 2.76 49.71 -6.49
CA TYR C 363 2.72 50.78 -5.49
C TYR C 363 3.78 50.65 -4.42
N PHE C 364 4.19 49.42 -4.11
CA PHE C 364 5.19 49.18 -3.06
C PHE C 364 6.30 48.28 -3.56
N THR C 365 7.51 48.51 -3.05
CA THR C 365 8.61 47.57 -3.24
C THR C 365 8.26 46.28 -2.48
N GLN C 366 8.47 45.14 -3.11
CA GLN C 366 8.09 43.85 -2.52
C GLN C 366 9.24 42.88 -2.47
N ASP C 367 9.60 42.47 -1.26
CA ASP C 367 10.64 41.47 -1.02
C ASP C 367 9.94 40.17 -0.62
N TRP C 368 10.20 39.11 -1.39
CA TRP C 368 9.53 37.83 -1.16
C TRP C 368 10.32 36.89 -0.24
N ALA C 369 11.52 37.33 0.16
CA ALA C 369 12.38 36.60 1.10
C ALA C 369 12.52 35.11 0.78
N SER C 370 12.80 34.83 -0.50
CA SER C 370 13.04 33.47 -0.98
C SER C 370 11.81 32.54 -1.07
N MET C 371 10.61 33.09 -0.85
CA MET C 371 9.38 32.34 -1.16
C MET C 371 9.41 32.02 -2.66
N PRO C 372 9.15 30.75 -3.03
CA PRO C 372 9.24 30.35 -4.44
C PRO C 372 8.36 31.17 -5.38
N GLY C 373 8.78 31.25 -6.64
CA GLY C 373 8.03 31.94 -7.68
C GLY C 373 6.96 31.06 -8.28
N VAL C 374 5.94 31.69 -8.85
CA VAL C 374 4.80 30.99 -9.43
C VAL C 374 4.87 31.09 -10.95
N MET C 375 4.75 29.97 -11.65
CA MET C 375 4.72 29.98 -13.12
C MET C 375 3.56 30.84 -13.63
N ALA C 376 3.82 31.69 -14.61
CA ALA C 376 2.75 32.45 -15.26
C ALA C 376 2.00 31.55 -16.22
N VAL C 377 0.68 31.73 -16.33
CA VAL C 377 -0.10 30.98 -17.31
C VAL C 377 -0.88 31.92 -18.23
N ALA C 378 -0.58 31.84 -19.53
CA ALA C 378 -1.30 32.61 -20.54
C ALA C 378 -2.32 31.71 -21.26
N SER C 379 -3.59 32.08 -21.13
CA SER C 379 -4.68 31.27 -21.66
C SER C 379 -5.88 32.14 -22.04
N GLY C 380 -6.56 31.76 -23.12
CA GLY C 380 -7.84 32.38 -23.48
C GLY C 380 -7.84 33.14 -24.79
N GLY C 381 -8.25 32.44 -25.85
CA GLY C 381 -8.40 33.06 -27.17
C GLY C 381 -7.09 33.30 -27.89
N ILE C 382 -6.08 32.48 -27.60
CA ILE C 382 -4.79 32.61 -28.28
C ILE C 382 -4.60 31.52 -29.33
N HIS C 383 -3.86 31.85 -30.38
CA HIS C 383 -3.56 30.93 -31.46
C HIS C 383 -2.13 31.15 -31.98
N VAL C 384 -1.70 30.32 -32.93
CA VAL C 384 -0.32 30.29 -33.42
C VAL C 384 0.29 31.66 -33.78
N TRP C 385 -0.54 32.59 -34.27
CA TRP C 385 -0.09 33.93 -34.63
C TRP C 385 0.40 34.72 -33.43
N HIS C 386 -0.18 34.43 -32.26
CA HIS C 386 0.15 35.15 -31.03
C HIS C 386 1.48 34.70 -30.39
N MET C 387 2.02 33.60 -30.90
CA MET C 387 3.20 32.96 -30.31
C MET C 387 4.44 33.84 -30.13
N PRO C 388 4.80 34.65 -31.15
CA PRO C 388 5.95 35.55 -30.94
C PRO C 388 5.75 36.53 -29.78
N ALA C 389 4.58 37.18 -29.74
CA ALA C 389 4.27 38.15 -28.69
C ALA C 389 4.18 37.52 -27.30
N LEU C 390 3.67 36.29 -27.22
CA LEU C 390 3.54 35.58 -25.94
C LEU C 390 4.90 35.24 -25.35
N VAL C 391 5.77 34.67 -26.19
CA VAL C 391 7.16 34.38 -25.80
C VAL C 391 7.87 35.67 -25.41
N ASP C 392 7.61 36.75 -26.15
CA ASP C 392 8.25 38.04 -25.89
C ASP C 392 7.78 38.68 -24.59
N ILE C 393 6.48 38.60 -24.32
CA ILE C 393 5.90 39.25 -23.14
C ILE C 393 6.24 38.51 -21.84
N PHE C 394 6.12 37.18 -21.87
CA PHE C 394 6.21 36.36 -20.65
C PHE C 394 7.54 35.66 -20.43
N GLY C 395 8.28 35.41 -21.51
CA GLY C 395 9.56 34.69 -21.41
C GLY C 395 9.38 33.21 -21.14
N ASP C 396 10.40 32.56 -20.61
CA ASP C 396 10.42 31.10 -20.45
C ASP C 396 9.51 30.56 -19.34
N ASP C 397 9.37 31.29 -18.24
CA ASP C 397 8.74 30.74 -17.04
C ASP C 397 7.25 30.98 -17.05
N ALA C 398 6.60 30.30 -17.98
CA ALA C 398 5.20 30.51 -18.28
C ALA C 398 4.66 29.25 -18.90
N VAL C 399 3.36 29.03 -18.74
CA VAL C 399 2.67 27.99 -19.50
C VAL C 399 1.78 28.69 -20.50
N LEU C 400 1.86 28.27 -21.76
CA LEU C 400 1.01 28.83 -22.81
C LEU C 400 -0.05 27.80 -23.17
N GLN C 401 -1.31 28.17 -22.97
CA GLN C 401 -2.41 27.22 -23.09
C GLN C 401 -3.37 27.54 -24.22
N PHE C 402 -3.64 26.52 -25.03
CA PHE C 402 -4.46 26.67 -26.23
C PHE C 402 -5.59 25.66 -26.24
N GLY C 403 -6.79 26.10 -25.87
CA GLY C 403 -7.99 25.26 -25.88
C GLY C 403 -8.56 25.15 -27.28
N GLY C 404 -9.36 26.13 -27.68
CA GLY C 404 -9.85 26.25 -29.05
C GLY C 404 -8.72 26.30 -30.08
N GLY C 405 -7.58 26.87 -29.70
CA GLY C 405 -6.40 26.93 -30.57
C GLY C 405 -5.70 25.61 -30.83
N THR C 406 -6.19 24.54 -30.21
CA THR C 406 -5.69 23.19 -30.45
C THR C 406 -6.82 22.28 -30.97
N LEU C 407 -7.94 22.28 -30.26
CA LEU C 407 -9.09 21.44 -30.62
C LEU C 407 -9.87 22.00 -31.80
N GLY C 408 -9.63 23.27 -32.12
CA GLY C 408 -10.27 23.94 -33.26
C GLY C 408 -9.42 23.96 -34.51
N HIS C 409 -8.35 23.17 -34.52
CA HIS C 409 -7.47 23.02 -35.69
C HIS C 409 -8.25 22.28 -36.78
N PRO C 410 -8.04 22.67 -38.07
CA PRO C 410 -8.73 22.06 -39.20
C PRO C 410 -8.66 20.53 -39.27
N TRP C 411 -7.55 19.95 -38.81
CA TRP C 411 -7.33 18.50 -38.92
C TRP C 411 -7.57 17.70 -37.64
N GLY C 412 -7.75 18.38 -36.51
CA GLY C 412 -7.99 17.69 -35.23
C GLY C 412 -6.98 17.98 -34.14
N ASN C 413 -7.00 17.16 -33.10
CA ASN C 413 -6.24 17.41 -31.87
C ASN C 413 -4.73 17.34 -32.03
N ALA C 414 -4.25 16.18 -32.49
CA ALA C 414 -2.81 15.91 -32.58
C ALA C 414 -2.10 16.89 -33.53
N PRO C 415 -2.65 17.11 -34.74
CA PRO C 415 -2.11 18.17 -35.59
C PRO C 415 -2.17 19.56 -34.94
N GLY C 416 -3.23 19.80 -34.16
CA GLY C 416 -3.37 21.06 -33.43
C GLY C 416 -2.26 21.24 -32.40
N ALA C 417 -1.91 20.14 -31.73
CA ALA C 417 -0.84 20.12 -30.75
C ALA C 417 0.52 20.33 -31.39
N THR C 418 0.75 19.66 -32.52
CA THR C 418 1.99 19.78 -33.28
C THR C 418 2.18 21.21 -33.80
N ALA C 419 1.11 21.79 -34.33
CA ALA C 419 1.11 23.19 -34.78
C ALA C 419 1.64 24.13 -33.72
N ASN C 420 1.07 24.02 -32.51
CA ASN C 420 1.47 24.88 -31.39
C ASN C 420 2.89 24.59 -30.91
N ARG C 421 3.24 23.30 -30.81
CA ARG C 421 4.59 22.90 -30.38
C ARG C 421 5.67 23.43 -31.33
N VAL C 422 5.45 23.24 -32.63
CA VAL C 422 6.36 23.73 -33.67
C VAL C 422 6.55 25.24 -33.60
N ALA C 423 5.42 25.97 -33.53
CA ALA C 423 5.42 27.43 -33.47
C ALA C 423 6.19 27.95 -32.26
N LEU C 424 6.04 27.28 -31.12
CA LEU C 424 6.74 27.66 -29.91
C LEU C 424 8.25 27.47 -30.06
N GLU C 425 8.65 26.26 -30.45
CA GLU C 425 10.06 25.91 -30.59
C GLU C 425 10.77 26.76 -31.65
N ALA C 426 10.05 27.14 -32.70
CA ALA C 426 10.59 28.04 -33.72
C ALA C 426 10.76 29.45 -33.18
N CYS C 427 9.85 29.88 -32.31
CA CYS C 427 9.96 31.19 -31.67
C CYS C 427 11.13 31.24 -30.68
N ILE C 428 11.36 30.13 -29.98
CA ILE C 428 12.46 30.01 -29.02
C ILE C 428 13.80 30.02 -29.73
N GLN C 429 13.94 29.16 -30.74
CA GLN C 429 15.14 29.10 -31.57
C GLN C 429 15.47 30.48 -32.14
N ALA C 430 14.47 31.14 -32.75
CA ALA C 430 14.63 32.48 -33.30
C ALA C 430 15.13 33.51 -32.29
N ARG C 431 14.55 33.50 -31.09
CA ARG C 431 14.96 34.41 -30.01
C ARG C 431 16.39 34.12 -29.57
N ASN C 432 16.71 32.83 -29.44
CA ASN C 432 18.04 32.40 -29.00
C ASN C 432 19.13 32.62 -30.05
N GLU C 433 18.73 32.95 -31.27
CA GLU C 433 19.66 33.29 -32.35
C GLU C 433 19.88 34.80 -32.44
N GLY C 434 18.99 35.57 -31.84
CA GLY C 434 19.15 37.01 -31.71
C GLY C 434 18.14 37.85 -32.48
N ARG C 435 17.05 37.22 -32.89
CA ARG C 435 16.05 37.88 -33.72
C ARG C 435 14.99 38.61 -32.90
N ASP C 436 14.54 39.77 -33.40
CA ASP C 436 13.51 40.56 -32.74
C ASP C 436 12.14 39.94 -32.99
N LEU C 437 11.52 39.42 -31.93
CA LEU C 437 10.24 38.74 -32.02
C LEU C 437 9.06 39.67 -32.31
N MET C 438 9.13 40.92 -31.85
CA MET C 438 8.06 41.88 -32.10
C MET C 438 8.09 42.44 -33.53
N ARG C 439 9.27 42.41 -34.16
CA ARG C 439 9.42 42.87 -35.54
C ARG C 439 9.29 41.72 -36.53
N GLU C 440 10.05 40.65 -36.29
CA GLU C 440 10.11 39.50 -37.20
C GLU C 440 9.08 38.42 -36.85
N GLY C 441 8.09 38.79 -36.03
CA GLY C 441 7.05 37.86 -35.57
C GLY C 441 6.40 37.02 -36.63
N GLY C 442 5.70 37.67 -37.56
CA GLY C 442 5.02 36.99 -38.66
C GLY C 442 5.95 36.13 -39.51
N ASP C 443 7.18 36.62 -39.70
CA ASP C 443 8.18 35.95 -40.53
C ASP C 443 8.59 34.60 -39.95
N ILE C 444 8.88 34.57 -38.65
CA ILE C 444 9.29 33.34 -37.96
C ILE C 444 8.23 32.24 -38.08
N ILE C 445 6.97 32.64 -37.92
CA ILE C 445 5.81 31.76 -38.07
C ILE C 445 5.66 31.26 -39.51
N ARG C 446 5.71 32.18 -40.47
CA ARG C 446 5.67 31.84 -41.90
C ARG C 446 6.81 30.91 -42.32
N GLU C 447 7.98 31.11 -41.72
CA GLU C 447 9.15 30.24 -41.94
C GLU C 447 8.89 28.81 -41.49
N ALA C 448 8.36 28.66 -40.28
CA ALA C 448 8.07 27.34 -39.72
C ALA C 448 6.89 26.68 -40.42
N ALA C 449 5.93 27.49 -40.86
CA ALA C 449 4.78 27.01 -41.62
C ALA C 449 5.15 26.29 -42.92
N ARG C 450 6.26 26.69 -43.53
CA ARG C 450 6.80 26.00 -44.70
C ARG C 450 7.28 24.60 -44.34
N TRP C 451 7.88 24.48 -43.16
CA TRP C 451 8.37 23.20 -42.64
C TRP C 451 7.25 22.33 -42.10
N SER C 452 6.19 22.97 -41.59
CA SER C 452 5.11 22.25 -40.90
C SER C 452 3.73 22.46 -41.53
N PRO C 453 3.20 21.41 -42.19
CA PRO C 453 1.85 21.48 -42.76
C PRO C 453 0.78 21.73 -41.70
N GLU C 454 0.92 21.10 -40.53
CA GLU C 454 0.03 21.33 -39.39
C GLU C 454 -0.04 22.81 -39.04
N LEU C 455 1.13 23.43 -38.92
CA LEU C 455 1.22 24.85 -38.59
C LEU C 455 0.66 25.73 -39.72
N ALA C 456 0.92 25.33 -40.96
CA ALA C 456 0.41 26.04 -42.13
C ALA C 456 -1.12 26.14 -42.10
N ALA C 457 -1.77 25.01 -41.84
CA ALA C 457 -3.23 24.94 -41.74
C ALA C 457 -3.77 25.81 -40.59
N ALA C 458 -3.06 25.82 -39.46
CA ALA C 458 -3.44 26.65 -38.31
C ALA C 458 -3.34 28.13 -38.62
N CYS C 459 -2.24 28.53 -39.27
CA CYS C 459 -2.04 29.91 -39.69
C CYS C 459 -3.15 30.39 -40.61
N GLU C 460 -3.50 29.57 -41.61
CA GLU C 460 -4.54 29.89 -42.58
C GLU C 460 -5.89 30.17 -41.92
N LEU C 461 -6.30 29.28 -41.01
CA LEU C 461 -7.61 29.38 -40.37
C LEU C 461 -7.78 30.63 -39.50
N TRP C 462 -6.77 30.93 -38.68
CA TRP C 462 -6.88 32.04 -37.72
C TRP C 462 -6.14 33.32 -38.12
N LYS C 463 -5.94 33.50 -39.43
CA LYS C 463 -5.30 34.71 -39.98
C LYS C 463 -5.94 36.00 -39.48
N GLU C 464 -7.24 36.15 -39.73
CA GLU C 464 -7.94 37.41 -39.51
C GLU C 464 -8.43 37.61 -38.07
N ILE C 465 -8.11 36.68 -37.19
CA ILE C 465 -8.65 36.69 -35.82
C ILE C 465 -7.79 37.49 -34.84
N LYS C 466 -8.35 38.60 -34.37
CA LYS C 466 -7.69 39.47 -33.39
C LYS C 466 -8.71 39.88 -32.33
N PHE C 467 -8.21 40.22 -31.13
CA PHE C 467 -9.06 40.72 -30.06
C PHE C 467 -8.53 42.09 -29.62
N GLU C 468 -9.10 43.13 -30.22
CA GLU C 468 -8.65 44.50 -29.98
C GLU C 468 -9.80 45.37 -29.44
N PHE C 469 -9.82 45.50 -28.11
CA PHE C 469 -10.78 46.34 -27.41
C PHE C 469 -10.06 47.15 -26.35
N GLU C 470 -10.65 48.28 -25.96
CA GLU C 470 -10.08 49.13 -24.93
C GLU C 470 -10.28 48.50 -23.54
N ALA C 471 -9.17 48.38 -22.82
CA ALA C 471 -9.17 47.78 -21.48
C ALA C 471 -9.76 48.72 -20.43
N GLN C 472 -10.38 48.13 -19.41
CA GLN C 472 -10.90 48.89 -18.26
C GLN C 472 -9.82 49.06 -17.19
N ASP C 473 -9.09 47.98 -16.95
CA ASP C 473 -8.08 47.93 -15.89
C ASP C 473 -6.75 48.49 -16.41
N THR C 474 -6.61 49.81 -16.35
CA THR C 474 -5.45 50.49 -16.94
C THR C 474 -4.74 51.40 -15.93
N ILE C 475 -3.48 51.73 -16.22
CA ILE C 475 -2.72 52.68 -15.39
C ILE C 475 -3.25 54.10 -15.62
N SER D 14 13.15 19.23 -30.81
CA SER D 14 12.94 17.89 -31.44
C SER D 14 11.78 17.89 -32.44
N TYR D 15 11.04 19.00 -32.47
CA TYR D 15 9.94 19.18 -33.41
C TYR D 15 10.34 20.11 -34.56
N LEU D 16 11.62 20.50 -34.55
CA LEU D 16 12.20 21.30 -35.62
C LEU D 16 13.19 20.44 -36.42
N PRO D 17 13.58 20.91 -37.63
CA PRO D 17 14.63 20.22 -38.38
C PRO D 17 15.92 20.15 -37.55
N PRO D 18 16.70 19.07 -37.73
CA PRO D 18 17.98 18.92 -37.02
C PRO D 18 18.87 20.15 -37.19
N LEU D 19 19.54 20.55 -36.13
CA LEU D 19 20.35 21.77 -36.13
C LEU D 19 21.72 21.54 -36.76
N SER D 20 22.18 22.54 -37.51
CA SER D 20 23.54 22.56 -38.05
C SER D 20 24.52 22.97 -36.97
N ASP D 21 25.81 22.77 -37.21
CA ASP D 21 26.86 23.16 -36.28
C ASP D 21 26.88 24.66 -36.00
N ALA D 22 26.54 25.45 -37.01
CA ALA D 22 26.45 26.91 -36.87
C ALA D 22 25.26 27.31 -35.98
N GLN D 23 24.16 26.58 -36.11
CA GLN D 23 22.96 26.82 -35.30
C GLN D 23 23.19 26.39 -33.85
N ILE D 24 23.83 25.25 -33.66
CA ILE D 24 24.21 24.75 -32.35
C ILE D 24 25.15 25.74 -31.62
N ALA D 25 26.20 26.18 -32.32
CA ALA D 25 27.15 27.15 -31.77
C ALA D 25 26.50 28.49 -31.44
N ARG D 26 25.49 28.86 -32.23
CA ARG D 26 24.74 30.10 -32.01
C ARG D 26 23.86 30.01 -30.75
N GLN D 27 23.29 28.84 -30.51
CA GLN D 27 22.50 28.58 -29.31
C GLN D 27 23.40 28.64 -28.06
N ILE D 28 24.57 28.03 -28.17
CA ILE D 28 25.57 28.00 -27.09
C ILE D 28 26.12 29.39 -26.78
N GLN D 29 26.42 30.16 -27.83
CA GLN D 29 26.92 31.52 -27.68
C GLN D 29 25.90 32.42 -26.97
N TYR D 30 24.61 32.21 -27.26
CA TYR D 30 23.53 32.93 -26.61
C TYR D 30 23.54 32.73 -25.10
N ALA D 31 23.78 31.48 -24.68
CA ALA D 31 23.90 31.13 -23.26
C ALA D 31 25.07 31.88 -22.62
N ILE D 32 26.23 31.79 -23.26
CA ILE D 32 27.46 32.46 -22.80
C ILE D 32 27.24 33.97 -22.66
N ASP D 33 26.61 34.58 -23.66
CA ASP D 33 26.34 36.01 -23.67
C ASP D 33 25.43 36.45 -22.52
N GLN D 34 24.57 35.54 -22.06
CA GLN D 34 23.67 35.82 -20.94
C GLN D 34 24.35 35.62 -19.58
N GLY D 35 25.52 34.97 -19.59
CA GLY D 35 26.28 34.72 -18.37
C GLY D 35 26.05 33.32 -17.81
N TYR D 36 25.38 32.48 -18.59
CA TYR D 36 25.10 31.10 -18.18
C TYR D 36 26.33 30.23 -18.37
N HIS D 37 26.35 29.12 -17.65
CA HIS D 37 27.51 28.22 -17.64
C HIS D 37 27.18 26.92 -18.36
N PRO D 38 27.84 26.68 -19.51
CA PRO D 38 27.61 25.48 -20.30
C PRO D 38 28.15 24.22 -19.64
N CYS D 39 27.52 23.10 -19.94
CA CYS D 39 27.92 21.80 -19.42
C CYS D 39 27.52 20.74 -20.44
N VAL D 40 28.32 19.68 -20.52
CA VAL D 40 28.04 18.58 -21.45
C VAL D 40 27.74 17.32 -20.66
N GLU D 41 26.66 16.64 -21.04
CA GLU D 41 26.30 15.37 -20.43
C GLU D 41 25.86 14.35 -21.48
N PHE D 42 25.95 13.08 -21.12
CA PHE D 42 25.65 11.99 -22.05
C PHE D 42 24.92 10.83 -21.36
N ASN D 43 24.14 10.08 -22.14
CA ASN D 43 23.39 8.95 -21.65
C ASN D 43 23.08 7.96 -22.78
N GLU D 44 22.85 6.70 -22.44
CA GLU D 44 22.47 5.68 -23.43
C GLU D 44 21.08 5.89 -24.04
N THR D 45 20.18 6.52 -23.28
CA THR D 45 18.82 6.84 -23.74
C THR D 45 18.54 8.34 -23.59
N SER D 46 17.69 8.87 -24.49
CA SER D 46 17.29 10.27 -24.45
C SER D 46 15.91 10.47 -23.82
N ASN D 47 15.36 9.40 -23.27
CA ASN D 47 14.06 9.45 -22.58
C ASN D 47 14.07 10.41 -21.39
N ALA D 48 13.01 11.20 -21.26
CA ALA D 48 12.91 12.22 -20.22
C ALA D 48 12.64 11.66 -18.82
N GLU D 49 12.22 10.39 -18.76
CA GLU D 49 12.04 9.68 -17.49
C GLU D 49 13.38 9.38 -16.81
N ILE D 50 14.45 9.40 -17.58
CA ILE D 50 15.81 9.29 -17.05
C ILE D 50 16.16 10.61 -16.38
N ARG D 51 16.24 10.60 -15.06
CA ARG D 51 16.44 11.81 -14.27
C ARG D 51 17.84 12.39 -14.45
N TYR D 52 18.85 11.53 -14.40
CA TYR D 52 20.23 11.97 -14.49
C TYR D 52 20.96 11.38 -15.68
N TRP D 53 21.65 12.25 -16.40
CA TRP D 53 22.58 11.85 -17.44
C TRP D 53 23.96 11.87 -16.80
N THR D 54 24.94 11.25 -17.44
CA THR D 54 26.30 11.26 -16.93
C THR D 54 27.02 12.53 -17.39
N MET D 55 27.57 13.27 -16.43
CA MET D 55 28.27 14.51 -16.71
C MET D 55 29.61 14.23 -17.38
N TRP D 56 29.89 14.95 -18.47
CA TRP D 56 31.19 14.92 -19.12
C TRP D 56 32.10 15.93 -18.43
N LYS D 57 33.13 15.41 -17.76
CA LYS D 57 34.11 16.23 -17.02
C LYS D 57 33.44 17.14 -15.98
N LEU D 58 33.57 18.45 -16.18
CA LEU D 58 32.95 19.45 -15.30
C LEU D 58 32.30 20.55 -16.14
N PRO D 59 31.36 21.33 -15.54
CA PRO D 59 30.78 22.45 -16.27
C PRO D 59 31.86 23.45 -16.67
N LEU D 60 31.73 24.02 -17.87
CA LEU D 60 32.70 24.98 -18.38
C LEU D 60 32.41 26.37 -17.82
N PHE D 61 32.93 26.62 -16.61
CA PHE D 61 32.77 27.93 -15.98
C PHE D 61 33.69 28.95 -16.65
N ASN D 62 33.12 30.10 -16.98
CA ASN D 62 33.85 31.23 -17.60
C ASN D 62 34.38 30.98 -19.02
N CYS D 63 33.76 30.07 -19.76
CA CYS D 63 34.04 29.93 -21.19
C CYS D 63 33.36 31.06 -21.95
N THR D 64 34.16 31.84 -22.68
CA THR D 64 33.65 32.95 -23.48
C THR D 64 33.51 32.56 -24.94
N ASN D 65 34.09 31.41 -25.28
CA ASN D 65 34.07 30.90 -26.66
C ASN D 65 33.20 29.66 -26.81
N ALA D 66 32.24 29.74 -27.72
CA ALA D 66 31.31 28.64 -28.00
C ALA D 66 31.99 27.43 -28.64
N GLN D 67 33.11 27.67 -29.33
CA GLN D 67 33.89 26.61 -29.97
C GLN D 67 34.52 25.66 -28.93
N ASP D 68 34.95 26.22 -27.80
CA ASP D 68 35.48 25.43 -26.69
C ASP D 68 34.47 24.43 -26.14
N VAL D 69 33.19 24.81 -26.17
CA VAL D 69 32.09 23.93 -25.78
C VAL D 69 31.92 22.83 -26.83
N LEU D 70 31.91 23.21 -28.10
CA LEU D 70 31.82 22.25 -29.22
C LEU D 70 32.99 21.26 -29.23
N ASN D 71 34.17 21.73 -28.82
CA ASN D 71 35.35 20.88 -28.69
C ASN D 71 35.15 19.72 -27.70
N GLU D 72 34.52 20.02 -26.57
CA GLU D 72 34.24 19.01 -25.55
C GLU D 72 33.17 18.02 -26.00
N VAL D 73 32.24 18.50 -26.84
CA VAL D 73 31.22 17.64 -27.45
C VAL D 73 31.86 16.61 -28.38
N GLN D 74 32.81 17.07 -29.21
CA GLN D 74 33.52 16.19 -30.14
C GLN D 74 34.34 15.12 -29.42
N GLN D 75 35.05 15.54 -28.36
CA GLN D 75 35.85 14.64 -27.53
C GLN D 75 34.99 13.59 -26.82
N CYS D 76 33.79 14.02 -26.39
CA CYS D 76 32.82 13.12 -25.77
C CYS D 76 32.26 12.12 -26.79
N ARG D 77 31.96 12.61 -27.99
CA ARG D 77 31.44 11.77 -29.08
C ARG D 77 32.42 10.66 -29.50
N SER D 78 33.70 10.99 -29.55
CA SER D 78 34.74 10.05 -29.93
C SER D 78 34.87 8.90 -28.92
N GLU D 79 34.77 9.22 -27.63
CA GLU D 79 34.85 8.22 -26.56
C GLU D 79 33.54 7.44 -26.39
N TYR D 80 32.42 8.13 -26.64
CA TYR D 80 31.09 7.51 -26.49
C TYR D 80 30.22 7.74 -27.73
N PRO D 81 30.46 6.94 -28.80
CA PRO D 81 29.69 7.09 -30.03
C PRO D 81 28.29 6.45 -29.95
N ASN D 82 28.10 5.58 -28.97
CA ASN D 82 26.83 4.87 -28.78
C ASN D 82 25.88 5.58 -27.79
N CYS D 83 26.24 6.79 -27.39
CA CYS D 83 25.46 7.55 -26.41
C CYS D 83 24.90 8.86 -26.99
N PHE D 84 23.73 9.25 -26.49
CA PHE D 84 23.16 10.57 -26.75
C PHE D 84 23.99 11.62 -26.02
N ILE D 85 24.17 12.78 -26.64
CA ILE D 85 24.90 13.88 -26.02
C ILE D 85 24.06 15.15 -26.11
N ARG D 86 24.02 15.89 -25.01
CA ARG D 86 23.33 17.19 -25.00
C ARG D 86 24.16 18.26 -24.32
N VAL D 87 23.86 19.51 -24.66
CA VAL D 87 24.48 20.65 -24.02
C VAL D 87 23.43 21.34 -23.14
N VAL D 88 23.80 21.61 -21.90
CA VAL D 88 22.95 22.33 -20.97
C VAL D 88 23.68 23.57 -20.47
N ALA D 89 22.92 24.58 -20.07
CA ALA D 89 23.47 25.75 -19.43
C ALA D 89 22.67 26.07 -18.18
N PHE D 90 23.34 26.58 -17.15
CA PHE D 90 22.66 26.94 -15.93
C PHE D 90 23.00 28.35 -15.44
N ASP D 91 22.04 28.93 -14.73
CA ASP D 91 22.18 30.19 -14.04
C ASP D 91 22.50 29.85 -12.59
N ASN D 92 23.69 30.22 -12.12
CA ASN D 92 24.09 29.88 -10.75
C ASN D 92 23.46 30.78 -9.69
N ILE D 93 23.09 31.99 -10.08
CA ILE D 93 22.43 32.95 -9.19
C ILE D 93 21.01 32.49 -8.84
N LYS D 94 20.25 32.09 -9.86
CA LYS D 94 18.91 31.52 -9.64
C LYS D 94 19.01 30.02 -9.32
N GLN D 95 20.19 29.46 -9.53
CA GLN D 95 20.43 28.01 -9.45
C GLN D 95 19.37 27.19 -10.18
N CYS D 96 19.30 27.38 -11.49
CA CYS D 96 18.38 26.63 -12.34
C CYS D 96 18.97 26.42 -13.72
N GLN D 97 18.63 25.30 -14.34
CA GLN D 97 19.01 25.01 -15.72
C GLN D 97 18.13 25.83 -16.66
N VAL D 98 18.76 26.55 -17.57
CA VAL D 98 18.07 27.53 -18.42
C VAL D 98 18.01 27.15 -19.90
N MET D 99 18.80 26.15 -20.30
CA MET D 99 18.63 25.52 -21.61
C MET D 99 19.13 24.08 -21.64
N SER D 100 18.58 23.31 -22.57
CA SER D 100 18.92 21.92 -22.77
C SER D 100 18.47 21.51 -24.17
N PHE D 101 19.41 21.04 -24.98
CA PHE D 101 19.09 20.52 -26.31
C PHE D 101 20.10 19.44 -26.73
N ILE D 102 19.59 18.37 -27.32
CA ILE D 102 20.43 17.28 -27.81
C ILE D 102 21.28 17.75 -28.99
N VAL D 103 22.58 17.44 -28.94
CA VAL D 103 23.50 17.83 -29.99
C VAL D 103 23.96 16.64 -30.85
N TYR D 104 23.78 15.43 -30.32
CA TYR D 104 24.18 14.21 -31.03
C TYR D 104 23.31 13.01 -30.66
N LYS D 105 22.77 12.35 -31.68
CA LYS D 105 22.06 11.08 -31.53
C LYS D 105 22.91 9.97 -32.12
N PRO D 106 23.13 8.87 -31.35
CA PRO D 106 23.99 7.76 -31.79
C PRO D 106 23.46 7.02 -33.03
N GLY E 12 15.45 9.94 64.98
CA GLY E 12 14.37 10.97 64.89
C GLY E 12 14.69 12.08 63.90
N TYR E 13 13.78 13.05 63.79
CA TYR E 13 13.96 14.18 62.88
C TYR E 13 14.67 15.34 63.55
N GLN E 14 15.81 15.72 62.98
CA GLN E 14 16.57 16.87 63.46
C GLN E 14 16.77 17.86 62.32
N ALA E 15 15.97 18.93 62.35
CA ALA E 15 16.01 19.96 61.31
C ALA E 15 17.34 20.70 61.30
N GLY E 16 17.68 21.28 60.15
CA GLY E 16 18.87 22.11 60.01
C GLY E 16 19.90 21.58 59.02
N VAL E 17 20.88 22.43 58.72
CA VAL E 17 21.94 22.11 57.78
C VAL E 17 23.09 21.36 58.45
N LYS E 18 23.48 20.23 57.87
CA LYS E 18 24.69 19.51 58.27
C LYS E 18 25.51 19.14 57.04
N ASP E 19 26.78 18.80 57.25
CA ASP E 19 27.67 18.44 56.15
C ASP E 19 27.14 17.26 55.35
N TYR E 20 27.27 17.37 54.03
CA TYR E 20 26.90 16.29 53.11
C TYR E 20 27.67 15.00 53.39
N ARG E 21 28.94 15.15 53.76
CA ARG E 21 29.87 14.02 54.00
C ARG E 21 29.38 13.05 55.08
N LEU E 22 28.53 13.53 55.97
CA LEU E 22 28.01 12.73 57.08
C LEU E 22 27.09 11.61 56.60
N THR E 23 26.46 11.79 55.44
CA THR E 23 25.58 10.78 54.88
C THR E 23 26.11 10.21 53.54
N TYR E 24 26.77 11.06 52.76
CA TYR E 24 27.05 10.75 51.35
C TYR E 24 28.51 10.42 51.00
N TYR E 25 29.37 10.40 52.00
CA TYR E 25 30.74 9.91 51.81
C TYR E 25 30.88 8.57 52.54
N THR E 26 31.03 7.50 51.78
CA THR E 26 31.14 6.14 52.32
C THR E 26 32.36 5.41 51.76
N PRO E 27 33.56 5.69 52.29
CA PRO E 27 34.81 5.14 51.74
C PRO E 27 34.96 3.61 51.84
N ASP E 28 34.18 2.96 52.70
CA ASP E 28 34.23 1.50 52.79
C ASP E 28 33.06 0.77 52.11
N TYR E 29 32.34 1.48 51.24
CA TYR E 29 31.30 0.86 50.42
C TYR E 29 31.92 0.10 49.25
N THR E 30 31.43 -1.11 49.02
CA THR E 30 31.82 -1.91 47.87
C THR E 30 30.65 -1.87 46.88
N PRO E 31 30.87 -1.33 45.67
CA PRO E 31 29.81 -1.23 44.65
C PRO E 31 29.23 -2.58 44.25
N LYS E 32 27.92 -2.64 44.10
CA LYS E 32 27.25 -3.84 43.57
C LYS E 32 27.38 -3.86 42.05
N ASP E 33 27.22 -5.04 41.45
CA ASP E 33 27.29 -5.20 40.00
C ASP E 33 26.06 -4.59 39.31
N THR E 34 25.08 -4.15 40.12
CA THR E 34 23.85 -3.56 39.62
C THR E 34 23.86 -2.03 39.74
N ASP E 35 24.85 -1.49 40.46
CA ASP E 35 24.99 -0.05 40.63
C ASP E 35 25.47 0.61 39.34
N ILE E 36 25.02 1.84 39.11
N ILE E 36 25.02 1.84 39.11
CA ILE E 36 25.63 2.70 38.10
CA ILE E 36 25.63 2.70 38.10
C ILE E 36 26.78 3.43 38.78
C ILE E 36 26.77 3.43 38.77
N LEU E 37 27.96 3.38 38.17
CA LEU E 37 29.14 4.04 38.74
C LEU E 37 29.55 5.25 37.90
N ALA E 38 29.91 6.35 38.57
CA ALA E 38 30.35 7.57 37.89
C ALA E 38 31.74 8.01 38.36
N ALA E 39 32.57 8.42 37.41
CA ALA E 39 33.85 9.05 37.74
C ALA E 39 33.81 10.52 37.37
N PHE E 40 33.76 11.38 38.38
CA PHE E 40 33.78 12.83 38.20
C PHE E 40 35.17 13.40 38.47
N ARG E 41 35.65 14.25 37.58
CA ARG E 41 36.84 15.05 37.84
C ARG E 41 36.39 16.36 38.47
N VAL E 42 36.69 16.51 39.76
CA VAL E 42 36.13 17.58 40.58
C VAL E 42 37.17 18.66 40.92
N THR E 43 36.83 19.93 40.67
CA THR E 43 37.64 21.06 41.13
C THR E 43 36.87 21.88 42.17
N PRO E 44 37.19 21.68 43.47
CA PRO E 44 36.46 22.40 44.52
C PRO E 44 36.93 23.85 44.65
N GLN E 45 36.08 24.70 45.24
CA GLN E 45 36.48 26.05 45.59
C GLN E 45 37.53 25.97 46.70
N PRO E 46 38.49 26.91 46.74
CA PRO E 46 39.46 27.01 47.83
C PRO E 46 38.81 26.85 49.20
N GLY E 47 39.38 25.98 50.04
CA GLY E 47 38.90 25.79 51.40
C GLY E 47 37.73 24.84 51.57
N VAL E 48 37.29 24.24 50.46
CA VAL E 48 36.26 23.20 50.51
C VAL E 48 36.94 21.84 50.50
N PRO E 49 36.78 21.05 51.57
CA PRO E 49 37.44 19.74 51.67
C PRO E 49 36.99 18.82 50.54
N PHE E 50 37.90 17.98 50.06
CA PHE E 50 37.62 17.04 48.98
C PHE E 50 36.40 16.16 49.30
N GLU E 51 36.34 15.68 50.55
CA GLU E 51 35.27 14.80 51.01
C GLU E 51 33.90 15.48 50.96
N GLU E 52 33.87 16.77 51.30
CA GLU E 52 32.62 17.53 51.29
C GLU E 52 32.18 17.86 49.86
N ALA E 53 33.13 18.14 48.98
CA ALA E 53 32.85 18.37 47.56
C ALA E 53 32.24 17.12 46.92
N ALA E 54 32.95 16.01 47.07
CA ALA E 54 32.52 14.71 46.53
C ALA E 54 31.16 14.27 47.08
N ALA E 55 30.90 14.57 48.34
CA ALA E 55 29.64 14.19 48.99
C ALA E 55 28.46 15.05 48.53
N ALA E 56 28.71 16.32 48.25
CA ALA E 56 27.68 17.21 47.68
C ALA E 56 27.25 16.71 46.31
N VAL E 57 28.24 16.32 45.51
CA VAL E 57 28.01 15.78 44.17
C VAL E 57 27.14 14.52 44.21
N ALA E 58 27.48 13.60 45.11
CA ALA E 58 26.69 12.37 45.30
C ALA E 58 25.28 12.67 45.80
N ALA E 59 25.17 13.59 46.75
CA ALA E 59 23.88 13.92 47.37
C ALA E 59 22.88 14.58 46.40
N GLU E 60 23.32 15.64 45.74
CA GLU E 60 22.44 16.43 44.89
C GLU E 60 22.19 15.78 43.53
N SER E 61 22.84 14.66 43.27
CA SER E 61 22.60 13.87 42.05
C SER E 61 21.82 12.59 42.36
N SER E 62 21.36 12.46 43.60
CA SER E 62 20.63 11.27 44.01
C SER E 62 19.41 11.57 44.87
N THR E 63 19.62 11.75 46.18
CA THR E 63 18.51 11.86 47.11
C THR E 63 18.50 13.11 47.97
N GLY E 64 19.65 13.79 48.04
CA GLY E 64 19.84 14.83 49.05
C GLY E 64 19.57 16.26 48.63
N THR E 65 19.26 17.09 49.61
CA THR E 65 19.24 18.55 49.43
C THR E 65 20.04 19.28 50.53
N TRP E 66 20.01 20.61 50.50
CA TRP E 66 20.91 21.47 51.26
C TRP E 66 20.64 21.53 52.78
N THR E 67 19.49 20.99 53.20
CA THR E 67 19.09 20.97 54.60
C THR E 67 18.27 19.69 54.87
N THR E 68 18.21 19.27 56.12
CA THR E 68 17.58 17.99 56.47
C THR E 68 16.06 18.07 56.35
N VAL E 69 15.46 17.06 55.74
CA VAL E 69 14.01 17.01 55.54
C VAL E 69 13.43 15.82 56.29
N TRP E 70 12.27 16.02 56.92
CA TRP E 70 11.65 14.97 57.72
C TRP E 70 11.19 13.77 56.89
N THR E 71 10.80 14.03 55.65
CA THR E 71 10.29 13.00 54.73
C THR E 71 11.28 11.85 54.49
N ASP E 72 12.57 12.12 54.67
CA ASP E 72 13.62 11.09 54.63
C ASP E 72 13.26 9.85 55.47
N LEU E 73 12.65 10.11 56.61
CA LEU E 73 12.32 9.08 57.59
C LEU E 73 11.07 8.28 57.25
N LEU E 74 10.30 8.74 56.27
CA LEU E 74 9.19 7.97 55.70
C LEU E 74 9.72 6.77 54.91
N THR E 75 10.96 6.89 54.44
CA THR E 75 11.55 5.88 53.57
C THR E 75 12.91 5.35 54.09
N ASP E 76 13.60 4.59 53.24
CA ASP E 76 14.88 3.98 53.59
C ASP E 76 16.00 4.65 52.81
N LEU E 77 16.41 5.84 53.26
CA LEU E 77 17.39 6.66 52.55
C LEU E 77 18.69 5.93 52.24
N ASP E 78 19.16 5.11 53.19
CA ASP E 78 20.43 4.39 53.04
C ASP E 78 20.47 3.45 51.83
N ARG E 79 19.33 2.93 51.40
CA ARG E 79 19.32 2.06 50.22
C ARG E 79 19.06 2.79 48.91
N TYR E 80 18.68 4.06 49.00
CA TYR E 80 18.41 4.87 47.80
C TYR E 80 19.50 5.88 47.48
N LYS E 81 20.23 6.32 48.50
CA LYS E 81 21.27 7.33 48.30
C LYS E 81 22.38 6.88 47.33
N GLY E 82 22.92 7.87 46.62
CA GLY E 82 24.16 7.68 45.91
C GLY E 82 25.26 7.93 46.93
N CYS E 83 26.44 7.42 46.67
CA CYS E 83 27.53 7.66 47.60
C CYS E 83 28.87 7.72 46.90
N CYS E 84 29.74 8.60 47.40
CA CYS E 84 31.12 8.57 47.01
C CYS E 84 31.82 7.49 47.82
N TYR E 85 32.40 6.51 47.11
CA TYR E 85 33.06 5.38 47.76
C TYR E 85 34.57 5.43 47.58
N ASP E 86 35.02 6.37 46.76
CA ASP E 86 36.44 6.53 46.50
C ASP E 86 36.77 7.94 46.01
N ILE E 87 37.85 8.50 46.56
CA ILE E 87 38.40 9.79 46.15
C ILE E 87 39.84 9.55 45.72
N GLU E 88 40.18 9.98 44.51
CA GLU E 88 41.51 9.78 43.95
C GLU E 88 42.07 11.13 43.46
N PRO E 89 42.89 11.80 44.30
CA PRO E 89 43.52 13.07 43.92
C PRO E 89 44.38 12.94 42.66
N LEU E 90 44.46 14.02 41.88
CA LEU E 90 45.26 14.01 40.66
C LEU E 90 46.54 14.82 40.83
N PRO E 91 47.70 14.15 40.76
CA PRO E 91 49.01 14.74 41.08
C PRO E 91 49.40 15.92 40.19
N GLY E 92 49.31 15.73 38.88
CA GLY E 92 49.83 16.70 37.90
C GLY E 92 48.93 17.88 37.61
N GLU E 93 47.77 17.91 38.23
CA GLU E 93 46.75 18.93 37.98
C GLU E 93 46.63 19.91 39.13
N ASP E 94 45.92 21.02 38.89
CA ASP E 94 45.77 22.07 39.89
C ASP E 94 44.46 21.94 40.68
N ASN E 95 44.58 21.40 41.90
CA ASN E 95 43.44 21.20 42.83
C ASN E 95 42.28 20.35 42.25
N GLN E 96 42.63 19.21 41.67
CA GLN E 96 41.65 18.29 41.08
C GLN E 96 41.70 16.91 41.74
N PHE E 97 40.55 16.25 41.80
CA PHE E 97 40.48 14.85 42.19
C PHE E 97 39.39 14.11 41.42
N ILE E 98 39.51 12.79 41.33
CA ILE E 98 38.45 11.95 40.78
C ILE E 98 37.58 11.46 41.94
N ALA E 99 36.28 11.73 41.85
CA ALA E 99 35.32 11.20 42.80
C ALA E 99 34.55 10.06 42.14
N TYR E 100 34.56 8.92 42.81
CA TYR E 100 33.88 7.73 42.33
C TYR E 100 32.58 7.59 43.09
N ILE E 101 31.48 7.55 42.34
CA ILE E 101 30.14 7.57 42.95
C ILE E 101 29.31 6.39 42.46
N ALA E 102 28.60 5.75 43.39
CA ALA E 102 27.74 4.63 43.07
C ALA E 102 26.30 5.05 43.22
N TYR E 103 25.47 4.62 42.27
CA TYR E 103 24.04 4.89 42.28
C TYR E 103 23.29 3.56 42.22
N PRO E 104 22.36 3.32 43.18
CA PRO E 104 21.56 2.10 43.13
C PRO E 104 20.72 2.01 41.86
N LEU E 105 20.53 0.79 41.37
CA LEU E 105 19.76 0.52 40.15
C LEU E 105 18.36 1.12 40.18
N ASP E 106 17.72 1.10 41.35
CA ASP E 106 16.35 1.58 41.56
C ASP E 106 16.11 3.07 41.30
N LEU E 107 17.19 3.84 41.23
CA LEU E 107 17.09 5.29 41.03
C LEU E 107 16.74 5.68 39.61
N PHE E 108 16.85 4.74 38.68
CA PHE E 108 16.79 5.05 37.26
C PHE E 108 15.60 4.47 36.53
N GLU E 109 15.04 5.26 35.61
CA GLU E 109 13.96 4.79 34.76
C GLU E 109 14.52 3.85 33.70
N GLU E 110 13.88 2.69 33.59
CA GLU E 110 14.25 1.69 32.61
C GLU E 110 14.23 2.28 31.21
N GLY E 111 15.28 2.02 30.45
CA GLY E 111 15.34 2.44 29.04
C GLY E 111 15.43 3.93 28.76
N SER E 112 15.72 4.74 29.79
CA SER E 112 15.76 6.19 29.65
C SER E 112 17.15 6.82 29.87
N VAL E 113 17.86 7.06 28.78
CA VAL E 113 19.12 7.80 28.81
C VAL E 113 18.88 9.21 29.36
N THR E 114 17.74 9.80 28.99
CA THR E 114 17.31 11.09 29.51
C THR E 114 17.26 11.13 31.04
N ASN E 115 16.62 10.14 31.65
CA ASN E 115 16.54 10.09 33.10
C ASN E 115 17.91 9.87 33.76
N MET E 116 18.71 8.98 33.19
CA MET E 116 20.02 8.68 33.75
C MET E 116 20.89 9.94 33.78
N LEU E 117 20.92 10.69 32.68
CA LEU E 117 21.69 11.93 32.60
C LEU E 117 21.11 13.01 33.50
N THR E 118 19.79 13.09 33.57
CA THR E 118 19.13 14.06 34.44
C THR E 118 19.57 13.94 35.90
N SER E 119 19.62 12.71 36.42
CA SER E 119 20.10 12.49 37.78
C SER E 119 21.59 12.83 37.91
N ILE E 120 22.40 12.21 37.07
CA ILE E 120 23.85 12.25 37.23
C ILE E 120 24.48 13.59 36.89
N VAL E 121 24.00 14.26 35.83
CA VAL E 121 24.56 15.55 35.41
C VAL E 121 23.57 16.73 35.50
N GLY E 122 22.42 16.48 36.12
CA GLY E 122 21.34 17.47 36.15
C GLY E 122 21.67 18.82 36.79
N ASN E 123 22.08 18.78 38.05
CA ASN E 123 22.25 20.01 38.83
C ASN E 123 23.66 20.26 39.37
N VAL E 124 24.44 19.19 39.51
CA VAL E 124 25.72 19.25 40.23
C VAL E 124 26.81 20.12 39.62
N PHE E 125 26.71 20.37 38.31
CA PHE E 125 27.76 21.12 37.61
C PHE E 125 27.76 22.62 37.93
N GLY E 126 26.66 23.13 38.49
CA GLY E 126 26.55 24.55 38.81
C GLY E 126 26.65 24.87 40.29
N PHE E 127 27.03 23.86 41.08
CA PHE E 127 27.15 24.01 42.54
C PHE E 127 28.18 25.09 42.88
N LYS E 128 27.78 26.06 43.70
CA LYS E 128 28.66 27.17 44.10
C LYS E 128 29.97 26.68 44.72
N ALA E 129 29.89 25.65 45.56
CA ALA E 129 31.05 25.09 46.27
C ALA E 129 32.12 24.48 45.37
N LEU E 130 31.81 24.37 44.08
CA LEU E 130 32.76 23.86 43.08
C LEU E 130 33.18 24.97 42.12
N LYS E 131 34.38 24.85 41.58
CA LYS E 131 34.86 25.71 40.52
C LYS E 131 34.59 25.10 39.15
N ALA E 132 34.73 23.78 39.07
CA ALA E 132 34.62 23.04 37.82
C ALA E 132 34.29 21.58 38.11
N LEU E 133 33.65 20.93 37.13
CA LEU E 133 33.28 19.53 37.25
C LEU E 133 33.20 18.92 35.87
N ARG E 134 33.79 17.74 35.72
CA ARG E 134 33.74 17.02 34.47
C ARG E 134 33.41 15.56 34.74
N LEU E 135 32.37 15.05 34.07
CA LEU E 135 32.07 13.61 34.14
C LEU E 135 32.91 12.88 33.11
N GLU E 136 33.77 11.98 33.59
CA GLU E 136 34.73 11.26 32.76
C GLU E 136 34.22 9.93 32.22
N ASP E 137 33.47 9.19 33.02
CA ASP E 137 33.05 7.84 32.66
C ASP E 137 31.85 7.38 33.49
N LEU E 138 31.09 6.44 32.94
CA LEU E 138 30.01 5.77 33.67
C LEU E 138 30.15 4.27 33.48
N ARG E 139 29.97 3.52 34.55
CA ARG E 139 29.86 2.07 34.44
C ARG E 139 28.38 1.71 34.40
N ILE E 140 27.88 1.35 33.21
CA ILE E 140 26.49 0.96 33.07
C ILE E 140 26.37 -0.53 33.37
N PRO E 141 25.63 -0.88 34.44
CA PRO E 141 25.51 -2.28 34.82
C PRO E 141 24.67 -3.08 33.82
N VAL E 142 24.95 -4.37 33.72
CA VAL E 142 24.26 -5.29 32.81
C VAL E 142 22.74 -5.27 32.99
N ALA E 143 22.28 -5.24 34.24
CA ALA E 143 20.85 -5.21 34.55
C ALA E 143 20.14 -3.97 33.99
N TYR E 144 20.82 -2.82 33.98
CA TYR E 144 20.23 -1.60 33.39
C TYR E 144 20.27 -1.64 31.87
N LEU E 145 21.40 -2.08 31.32
CA LEU E 145 21.55 -2.23 29.87
C LEU E 145 20.47 -3.08 29.23
N LYS E 146 20.02 -4.11 29.94
CA LYS E 146 18.99 -5.00 29.41
C LYS E 146 17.63 -4.31 29.23
N THR E 147 17.48 -3.11 29.77
CA THR E 147 16.23 -2.34 29.61
C THR E 147 16.24 -1.44 28.38
N PHE E 148 17.34 -1.47 27.63
CA PHE E 148 17.51 -0.62 26.45
C PHE E 148 17.54 -1.48 25.21
N GLN E 149 17.02 -0.95 24.10
CA GLN E 149 17.13 -1.62 22.81
C GLN E 149 18.59 -1.65 22.35
N GLY E 150 19.27 -0.53 22.49
CA GLY E 150 20.59 -0.37 21.89
C GLY E 150 20.41 -0.09 20.41
N PRO E 151 21.47 -0.28 19.61
CA PRO E 151 21.38 0.02 18.18
C PRO E 151 20.24 -0.74 17.51
N PRO E 152 19.57 -0.11 16.54
CA PRO E 152 18.54 -0.78 15.77
C PRO E 152 19.08 -2.04 15.10
N HIS E 153 20.37 -2.03 14.73
CA HIS E 153 20.96 -3.19 14.03
C HIS E 153 22.36 -3.56 14.53
N GLY E 154 23.28 -2.60 14.53
CA GLY E 154 24.66 -2.85 14.95
C GLY E 154 25.54 -3.41 13.83
N ILE E 155 26.85 -3.45 14.08
CA ILE E 155 27.85 -3.80 13.05
C ILE E 155 27.54 -5.05 12.21
N GLN E 156 27.37 -6.19 12.89
CA GLN E 156 27.18 -7.48 12.23
C GLN E 156 25.95 -7.47 11.32
N VAL E 157 24.82 -7.01 11.84
CA VAL E 157 23.57 -7.01 11.08
C VAL E 157 23.63 -6.03 9.90
N GLU E 158 24.22 -4.85 10.12
CA GLU E 158 24.37 -3.86 9.05
C GLU E 158 25.16 -4.41 7.85
N ARG E 159 26.28 -5.08 8.14
CA ARG E 159 27.08 -5.67 7.08
C ARG E 159 26.28 -6.72 6.32
N ASP E 160 25.51 -7.52 7.06
CA ASP E 160 24.64 -8.56 6.46
C ASP E 160 23.54 -7.95 5.60
N LYS E 161 22.97 -6.82 6.05
CA LYS E 161 21.95 -6.09 5.28
C LYS E 161 22.52 -5.45 4.02
N LEU E 162 23.72 -4.89 4.13
CA LEU E 162 24.35 -4.20 2.99
C LEU E 162 25.18 -5.13 2.10
N ASN E 163 25.42 -6.36 2.58
CA ASN E 163 26.25 -7.35 1.89
C ASN E 163 27.68 -6.82 1.64
N LYS E 164 28.24 -6.19 2.67
CA LYS E 164 29.58 -5.59 2.56
C LYS E 164 30.48 -6.07 3.67
N TYR E 165 31.55 -6.77 3.28
CA TYR E 165 32.46 -7.40 4.22
C TYR E 165 33.91 -7.15 3.87
N GLY E 166 34.78 -7.21 4.87
CA GLY E 166 36.22 -7.25 4.65
C GLY E 166 36.95 -5.93 4.63
N ARG E 167 36.20 -4.83 4.60
CA ARG E 167 36.80 -3.49 4.50
C ARG E 167 35.96 -2.43 5.22
N PRO E 168 36.60 -1.31 5.59
CA PRO E 168 35.82 -0.15 6.02
C PRO E 168 34.86 0.30 4.93
N LEU E 169 33.78 0.96 5.32
CA LEU E 169 32.87 1.54 4.35
C LEU E 169 33.31 2.95 4.00
N LEU E 170 32.86 3.46 2.86
CA LEU E 170 33.29 4.77 2.36
C LEU E 170 32.13 5.71 2.05
N GLY E 171 32.25 6.97 2.46
CA GLY E 171 31.23 7.98 2.18
C GLY E 171 31.76 9.37 1.85
N CYS E 172 30.90 10.20 1.24
CA CYS E 172 31.17 11.63 0.97
C CYS E 172 30.04 12.50 1.54
N THR E 173 30.39 13.59 2.22
CA THR E 173 29.40 14.61 2.58
C THR E 173 29.31 15.61 1.44
N ILE E 174 28.08 15.85 0.96
CA ILE E 174 27.87 16.79 -0.15
C ILE E 174 28.19 18.21 0.32
N LYS E 175 28.93 18.94 -0.50
CA LYS E 175 29.32 20.31 -0.19
C LYS E 175 28.94 21.19 -1.39
N PRO E 176 28.76 22.51 -1.19
CA PRO E 176 28.80 23.26 0.07
C PRO E 176 27.73 22.77 1.06
N LYS E 177 27.97 22.97 2.36
CA LYS E 177 27.06 22.53 3.42
C LYS E 177 25.63 22.92 3.06
N LEU E 178 25.42 24.21 2.84
CA LEU E 178 24.11 24.78 2.55
C LEU E 178 24.17 25.52 1.21
N GLY E 179 23.04 25.62 0.52
CA GLY E 179 22.93 26.46 -0.65
C GLY E 179 22.67 25.76 -1.97
N LEU E 180 22.76 24.44 -1.99
CA LEU E 180 22.49 23.66 -3.19
C LEU E 180 21.00 23.29 -3.34
N SER E 181 20.50 23.34 -4.58
CA SER E 181 19.15 22.92 -4.88
C SER E 181 19.04 21.40 -4.78
N ALA E 182 17.81 20.92 -4.60
CA ALA E 182 17.56 19.48 -4.45
C ALA E 182 18.07 18.69 -5.64
N LYS E 183 17.83 19.21 -6.84
CA LYS E 183 18.25 18.54 -8.07
C LYS E 183 19.77 18.51 -8.21
N ASN E 184 20.43 19.62 -7.86
CA ASN E 184 21.90 19.66 -7.84
C ASN E 184 22.50 18.74 -6.78
N TYR E 185 21.83 18.65 -5.64
CA TYR E 185 22.20 17.73 -4.58
C TYR E 185 22.20 16.29 -5.08
N GLY E 186 21.13 15.90 -5.79
CA GLY E 186 20.97 14.55 -6.32
C GLY E 186 22.02 14.19 -7.37
N ARG E 187 22.32 15.14 -8.24
CA ARG E 187 23.38 15.03 -9.24
C ARG E 187 24.73 14.69 -8.57
N ALA E 188 25.08 15.47 -7.54
CA ALA E 188 26.31 15.24 -6.77
C ALA E 188 26.33 13.85 -6.14
N VAL E 189 25.17 13.41 -5.64
CA VAL E 189 25.02 12.07 -5.05
C VAL E 189 25.25 10.97 -6.08
N TYR E 190 24.60 11.09 -7.24
CA TYR E 190 24.80 10.11 -8.31
C TYR E 190 26.27 9.97 -8.69
N GLU E 191 26.93 11.10 -8.93
CA GLU E 191 28.35 11.12 -9.31
C GLU E 191 29.28 10.53 -8.24
N CYS E 192 29.10 10.95 -6.98
CA CYS E 192 29.87 10.39 -5.84
C CYS E 192 29.71 8.86 -5.76
N LEU E 193 28.46 8.38 -5.80
CA LEU E 193 28.18 6.94 -5.65
C LEU E 193 28.60 6.06 -6.83
N ARG E 194 28.40 6.55 -8.06
CA ARG E 194 28.79 5.78 -9.24
C ARG E 194 30.32 5.60 -9.31
N GLY E 195 31.05 6.51 -8.68
CA GLY E 195 32.50 6.50 -8.67
C GLY E 195 33.17 5.56 -7.67
N GLY E 196 32.38 4.89 -6.83
CA GLY E 196 32.92 3.86 -5.94
C GLY E 196 32.65 3.99 -4.45
N LEU E 197 32.03 5.09 -4.03
CA LEU E 197 31.67 5.25 -2.63
C LEU E 197 30.41 4.45 -2.28
N ASP E 198 30.38 3.85 -1.09
CA ASP E 198 29.21 3.13 -0.60
C ASP E 198 28.08 4.09 -0.24
N PHE E 199 28.44 5.18 0.43
CA PHE E 199 27.47 6.14 0.97
C PHE E 199 27.78 7.57 0.55
N THR E 200 26.74 8.38 0.50
CA THR E 200 26.89 9.82 0.56
C THR E 200 26.00 10.27 1.71
N ASP E 202 23.73 13.84 3.76
CA ASP E 202 23.36 15.22 4.04
C ASP E 202 24.33 15.77 5.05
N ASP E 203 24.68 17.04 4.91
CA ASP E 203 25.44 17.70 5.95
C ASP E 203 24.54 17.76 7.19
N GLU E 204 25.16 17.85 8.36
CA GLU E 204 24.41 17.80 9.62
C GLU E 204 23.34 18.90 9.72
N ASN E 205 23.59 20.05 9.08
CA ASN E 205 22.66 21.18 9.15
C ASN E 205 21.71 21.31 7.96
N ILE E 206 21.78 20.35 7.05
CA ILE E 206 20.81 20.21 5.98
C ILE E 206 19.58 19.48 6.54
N ASN E 207 18.51 20.23 6.78
CA ASN E 207 17.28 19.63 7.25
C ASN E 207 16.18 19.89 6.22
N SER E 208 15.51 21.04 6.33
CA SER E 208 14.61 21.53 5.30
C SER E 208 14.66 23.06 5.36
N GLN E 209 14.96 23.69 4.24
CA GLN E 209 15.26 25.12 4.22
C GLN E 209 14.75 25.80 2.94
N PRO E 210 14.67 27.13 2.93
CA PRO E 210 14.21 27.83 1.73
C PRO E 210 14.94 27.46 0.44
N PHE E 211 16.25 27.19 0.50
CA PHE E 211 17.01 26.84 -0.71
C PHE E 211 16.77 25.41 -1.18
N GLN E 212 16.24 24.58 -0.27
CA GLN E 212 16.08 23.15 -0.55
C GLN E 212 15.15 22.50 0.46
N ARG E 213 13.95 22.12 0.02
CA ARG E 213 12.98 21.51 0.90
C ARG E 213 13.23 20.01 0.98
N TRP E 214 12.99 19.42 2.14
CA TRP E 214 13.45 18.06 2.42
C TRP E 214 12.84 17.02 1.45
N ARG E 215 11.55 17.11 1.18
CA ARG E 215 10.89 16.09 0.37
C ARG E 215 11.46 16.06 -1.06
N ASP E 216 11.73 17.23 -1.63
CA ASP E 216 12.41 17.36 -2.93
C ASP E 216 13.79 16.69 -2.91
N ARG E 217 14.57 16.95 -1.88
CA ARG E 217 15.87 16.30 -1.70
C ARG E 217 15.74 14.78 -1.63
N PHE E 218 14.85 14.29 -0.80
CA PHE E 218 14.66 12.83 -0.61
C PHE E 218 14.36 12.12 -1.94
N LEU E 219 13.49 12.72 -2.76
CA LEU E 219 13.11 12.15 -4.05
C LEU E 219 14.25 12.07 -5.06
N PHE E 220 14.96 13.19 -5.23
CA PHE E 220 16.09 13.24 -6.16
C PHE E 220 17.25 12.37 -5.71
N VAL E 221 17.48 12.32 -4.41
CA VAL E 221 18.51 11.43 -3.85
C VAL E 221 18.17 9.97 -4.12
N ALA E 222 16.89 9.61 -3.97
CA ALA E 222 16.43 8.25 -4.28
C ALA E 222 16.66 7.90 -5.76
N ASP E 223 16.36 8.84 -6.66
CA ASP E 223 16.68 8.67 -8.08
C ASP E 223 18.17 8.41 -8.32
N ALA E 224 19.02 9.19 -7.64
CA ALA E 224 20.48 9.06 -7.76
C ALA E 224 20.97 7.69 -7.29
N ILE E 225 20.47 7.24 -6.13
CA ILE E 225 20.85 5.94 -5.58
C ILE E 225 20.48 4.80 -6.54
N HIS E 226 19.26 4.85 -7.08
CA HIS E 226 18.77 3.81 -7.99
CA HIS E 226 18.76 3.83 -8.00
C HIS E 226 19.65 3.70 -9.24
N LYS E 227 20.04 4.83 -9.82
CA LYS E 227 20.88 4.86 -11.02
C LYS E 227 22.31 4.41 -10.73
N ALA E 228 22.90 4.91 -9.65
CA ALA E 228 24.26 4.51 -9.27
C ALA E 228 24.36 3.04 -8.88
N GLN E 229 23.32 2.52 -8.24
CA GLN E 229 23.29 1.12 -7.82
C GLN E 229 23.17 0.17 -9.02
N ALA E 230 22.31 0.52 -9.96
CA ALA E 230 22.12 -0.25 -11.19
C ALA E 230 23.39 -0.33 -12.04
N GLU E 231 24.11 0.80 -12.13
CA GLU E 231 25.30 0.90 -12.97
C GLU E 231 26.53 0.23 -12.37
N THR E 232 26.62 0.20 -11.04
CA THR E 232 27.80 -0.36 -10.36
C THR E 232 27.60 -1.80 -9.89
N GLY E 233 26.35 -2.20 -9.70
CA GLY E 233 26.03 -3.49 -9.12
C GLY E 233 26.43 -3.66 -7.66
N GLU E 234 26.70 -2.55 -6.99
CA GLU E 234 26.95 -2.55 -5.54
C GLU E 234 25.81 -1.81 -4.84
N ILE E 235 25.50 -2.23 -3.61
CA ILE E 235 24.46 -1.58 -2.81
C ILE E 235 24.90 -0.18 -2.38
N LYS E 236 24.05 0.81 -2.68
CA LYS E 236 24.37 2.21 -2.39
C LYS E 236 23.38 2.81 -1.39
N GLY E 237 23.83 3.80 -0.65
CA GLY E 237 22.98 4.50 0.29
C GLY E 237 23.35 5.96 0.44
N HIS E 238 22.44 6.72 1.02
CA HIS E 238 22.67 8.11 1.35
C HIS E 238 21.99 8.37 2.68
N TYR E 239 22.75 8.87 3.66
CA TYR E 239 22.14 9.16 4.96
C TYR E 239 21.25 10.39 4.82
N LEU E 240 19.95 10.16 4.68
CA LEU E 240 19.01 11.27 4.60
C LEU E 240 18.76 11.82 5.99
N ASN E 241 18.98 13.11 6.16
CA ASN E 241 18.87 13.73 7.47
C ASN E 241 17.41 13.99 7.85
N VAL E 242 16.97 13.31 8.90
CA VAL E 242 15.60 13.47 9.40
C VAL E 242 15.55 14.37 10.64
N THR E 243 16.69 14.90 11.04
CA THR E 243 16.75 15.87 12.13
C THR E 243 15.72 16.96 11.86
N ALA E 244 14.87 17.25 12.85
CA ALA E 244 13.66 18.04 12.62
C ALA E 244 13.28 18.90 13.82
N PRO E 245 12.43 19.92 13.61
CA PRO E 245 11.97 20.75 14.74
C PRO E 245 11.17 19.97 15.79
N THR E 246 10.38 18.98 15.36
CA THR E 246 9.47 18.24 16.23
C THR E 246 9.58 16.74 16.00
N CYS E 247 9.11 15.95 16.96
CA CYS E 247 9.10 14.50 16.82
C CYS E 247 8.23 14.04 15.66
N GLU E 248 7.10 14.73 15.46
CA GLU E 248 6.17 14.36 14.38
C GLU E 248 6.82 14.56 13.01
N GLU E 249 7.54 15.65 12.87
CA GLU E 249 8.22 15.99 11.63
C GLU E 249 9.40 15.03 11.38
N MET E 250 10.13 14.68 12.44
CA MET E 250 11.23 13.70 12.37
C MET E 250 10.74 12.35 11.80
N LEU E 251 9.68 11.83 12.41
CA LEU E 251 9.09 10.56 11.97
C LEU E 251 8.43 10.63 10.59
N LYS E 252 7.87 11.78 10.23
CA LYS E 252 7.36 12.01 8.88
C LYS E 252 8.48 11.84 7.85
N ARG E 253 9.64 12.41 8.16
CA ARG E 253 10.78 12.36 7.25
C ARG E 253 11.36 10.95 7.17
N ALA E 254 11.47 10.29 8.32
CA ALA E 254 11.88 8.89 8.37
C ALA E 254 10.91 8.00 7.57
N GLU E 255 9.61 8.22 7.74
CA GLU E 255 8.59 7.44 7.02
C GLU E 255 8.72 7.58 5.51
N PHE E 256 9.03 8.79 5.03
CA PHE E 256 9.20 9.00 3.59
C PHE E 256 10.45 8.28 3.04
N ALA E 257 11.54 8.30 3.81
CA ALA E 257 12.73 7.55 3.45
C ALA E 257 12.38 6.07 3.30
N LYS E 258 11.57 5.56 4.22
CA LYS E 258 11.10 4.18 4.18
C LYS E 258 10.24 3.91 2.94
N GLU E 259 9.34 4.84 2.64
CA GLU E 259 8.45 4.72 1.48
C GLU E 259 9.26 4.62 0.18
N LEU E 260 10.39 5.32 0.15
CA LEU E 260 11.27 5.34 -1.01
C LEU E 260 12.24 4.16 -0.99
N GLU E 261 12.06 3.27 0.00
CA GLU E 261 12.94 2.09 0.20
C GLU E 261 14.42 2.46 0.37
N MET E 262 14.67 3.53 1.11
CA MET E 262 16.04 3.94 1.43
C MET E 262 16.59 3.06 2.54
N PRO E 263 17.85 2.62 2.40
CA PRO E 263 18.42 1.75 3.43
C PRO E 263 18.89 2.47 4.69
N ILE E 264 19.09 3.79 4.61
CA ILE E 264 19.74 4.50 5.73
C ILE E 264 19.33 5.96 5.91
N ILE E 265 19.24 6.39 7.16
CA ILE E 265 18.98 7.77 7.49
C ILE E 265 19.98 8.26 8.52
N MET E 266 20.04 9.58 8.72
CA MET E 266 20.86 10.13 9.78
C MET E 266 20.10 11.04 10.75
N HIS E 267 20.67 11.21 11.93
CA HIS E 267 20.09 12.02 12.99
C HIS E 267 21.18 12.66 13.82
N ASP E 268 20.97 13.92 14.19
CA ASP E 268 21.89 14.67 15.04
C ASP E 268 21.45 14.47 16.49
N PHE E 269 21.97 13.45 17.16
CA PHE E 269 21.39 13.03 18.44
C PHE E 269 21.38 14.07 19.57
N LEU E 270 22.35 14.98 19.58
CA LEU E 270 22.47 15.96 20.67
C LEU E 270 21.65 17.22 20.47
N THR E 271 21.66 17.76 19.25
CA THR E 271 20.89 18.96 18.96
C THR E 271 19.39 18.65 18.90
N ALA E 272 19.04 17.43 18.48
CA ALA E 272 17.66 16.94 18.59
C ALA E 272 17.31 16.46 20.01
N GLY E 273 18.24 15.73 20.64
CA GLY E 273 18.04 15.32 22.04
C GLY E 273 17.73 13.84 22.15
N PHE E 274 17.95 13.27 23.33
CA PHE E 274 17.84 11.83 23.53
C PHE E 274 16.43 11.26 23.49
N THR E 275 15.44 12.03 23.94
CA THR E 275 14.05 11.59 23.84
C THR E 275 13.67 11.31 22.39
N ALA E 276 13.94 12.28 21.51
CA ALA E 276 13.70 12.11 20.08
C ALA E 276 14.57 11.00 19.47
N ASN E 277 15.84 10.93 19.87
CA ASN E 277 16.72 9.89 19.32
C ASN E 277 16.29 8.47 19.68
N THR E 278 15.85 8.28 20.92
CA THR E 278 15.37 6.97 21.38
C THR E 278 14.10 6.55 20.63
N THR E 279 13.20 7.50 20.40
CA THR E 279 12.04 7.31 19.52
C THR E 279 12.48 6.86 18.13
N LEU E 280 13.44 7.57 17.54
CA LEU E 280 13.88 7.25 16.18
C LEU E 280 14.58 5.88 16.11
N SER E 281 15.44 5.61 17.09
CA SER E 281 16.11 4.32 17.17
C SER E 281 15.11 3.16 17.25
N LYS E 282 14.04 3.32 18.03
CA LYS E 282 13.01 2.29 18.12
C LYS E 282 12.27 2.15 16.78
N TRP E 283 11.96 3.28 16.16
CA TRP E 283 11.33 3.30 14.85
C TRP E 283 12.20 2.56 13.81
N CYS E 284 13.50 2.83 13.84
CA CYS E 284 14.46 2.21 12.91
C CYS E 284 14.50 0.69 13.07
N ARG E 285 14.50 0.21 14.31
CA ARG E 285 14.42 -1.22 14.57
C ARG E 285 13.11 -1.80 14.02
N ASP E 286 12.01 -1.10 14.27
CA ASP E 286 10.68 -1.51 13.77
C ASP E 286 10.58 -1.53 12.25
N ASN E 287 11.37 -0.69 11.60
CA ASN E 287 11.26 -0.52 10.14
C ASN E 287 12.48 -0.99 9.35
N GLY E 288 13.46 -1.56 10.05
CA GLY E 288 14.64 -2.11 9.39
C GLY E 288 15.50 -1.05 8.75
N MET E 289 15.44 0.16 9.29
CA MET E 289 16.20 1.29 8.79
C MET E 289 17.52 1.44 9.53
N LEU E 290 18.61 1.59 8.78
CA LEU E 290 19.91 1.87 9.37
C LEU E 290 19.95 3.32 9.83
N LEU E 291 20.63 3.55 10.95
CA LEU E 291 20.63 4.84 11.60
C LEU E 291 22.05 5.40 11.81
N HIS E 292 22.40 6.39 11.00
CA HIS E 292 23.69 7.06 11.11
C HIS E 292 23.56 8.24 12.06
N ILE E 293 24.40 8.27 13.09
CA ILE E 293 24.34 9.32 14.09
C ILE E 293 25.47 10.34 13.94
N HIS E 294 25.08 11.60 13.79
CA HIS E 294 26.04 12.71 13.77
C HIS E 294 26.09 13.31 15.16
N ARG E 295 27.29 13.65 15.63
CA ARG E 295 27.47 14.13 17.00
C ARG E 295 27.57 15.65 17.14
N ALA E 296 26.97 16.38 16.20
CA ALA E 296 26.91 17.84 16.26
C ALA E 296 26.67 18.37 17.67
N MET E 297 27.45 19.39 18.06
CA MET E 297 27.40 20.05 19.37
C MET E 297 28.22 19.36 20.46
N HIS E 298 28.73 18.15 20.20
CA HIS E 298 29.46 17.42 21.24
C HIS E 298 30.62 18.23 21.85
N ALA E 299 31.35 18.96 21.01
CA ALA E 299 32.56 19.65 21.46
C ALA E 299 32.27 20.85 22.35
N VAL E 300 31.01 21.30 22.36
CA VAL E 300 30.54 22.29 23.34
C VAL E 300 30.69 21.78 24.77
N MET E 301 30.51 20.46 24.95
CA MET E 301 30.49 19.82 26.26
C MET E 301 31.76 19.05 26.60
N ASP E 302 32.44 18.52 25.58
CA ASP E 302 33.42 17.45 25.79
C ASP E 302 34.88 17.75 25.46
N ARG E 303 35.20 19.00 25.15
CA ARG E 303 36.55 19.34 24.70
C ARG E 303 37.53 19.66 25.83
N GLN E 304 37.08 20.46 26.80
CA GLN E 304 37.95 20.94 27.86
C GLN E 304 38.09 19.93 28.99
N LYS E 305 39.31 19.76 29.48
CA LYS E 305 39.62 18.79 30.56
C LYS E 305 39.01 19.10 31.91
N ASN E 306 38.91 20.38 32.25
CA ASN E 306 38.44 20.78 33.57
C ASN E 306 36.92 20.68 33.79
N HIS E 307 36.14 20.78 32.71
CA HIS E 307 34.69 20.91 32.87
C HIS E 307 33.88 20.32 31.71
N GLY E 308 32.77 19.68 32.04
CA GLY E 308 31.82 19.16 31.04
C GLY E 308 31.56 17.67 31.15
N ILE E 309 31.37 17.02 30.01
CA ILE E 309 31.12 15.59 29.96
C ILE E 309 32.00 15.02 28.85
N HIS E 310 32.81 14.01 29.17
CA HIS E 310 33.69 13.42 28.16
C HIS E 310 32.87 12.73 27.08
N PHE E 311 33.42 12.66 25.86
CA PHE E 311 32.71 12.04 24.76
C PHE E 311 32.39 10.56 24.97
N ARG E 312 33.24 9.85 25.72
CA ARG E 312 33.01 8.42 25.96
C ARG E 312 31.69 8.17 26.71
N VAL E 313 31.31 9.11 27.58
CA VAL E 313 30.03 9.03 28.27
C VAL E 313 28.89 9.26 27.26
N LEU E 314 28.99 10.31 26.45
CA LEU E 314 28.02 10.59 25.40
C LEU E 314 27.91 9.43 24.40
N ALA E 315 29.06 8.84 24.06
CA ALA E 315 29.10 7.66 23.17
C ALA E 315 28.37 6.46 23.77
N LYS E 316 28.62 6.17 25.05
CA LYS E 316 27.90 5.11 25.76
C LYS E 316 26.40 5.35 25.73
N CYS E 317 25.98 6.57 26.04
CA CYS E 317 24.57 6.97 26.02
C CYS E 317 23.93 6.77 24.64
N LEU E 318 24.68 7.08 23.59
CA LEU E 318 24.20 6.89 22.23
C LEU E 318 24.07 5.40 21.85
N ARG E 319 25.05 4.59 22.25
CA ARG E 319 24.92 3.15 22.03
C ARG E 319 23.63 2.63 22.67
N MET E 320 23.36 3.08 23.90
CA MET E 320 22.16 2.67 24.66
C MET E 320 20.86 3.15 24.00
N SER E 321 20.76 4.46 23.73
CA SER E 321 19.62 5.04 23.02
C SER E 321 19.47 4.35 21.68
N GLY E 322 20.55 4.32 20.92
CA GLY E 322 20.59 3.55 19.69
C GLY E 322 21.09 4.33 18.50
N GLY E 323 22.05 3.73 17.81
CA GLY E 323 22.55 4.25 16.55
C GLY E 323 23.35 3.11 15.93
N ASP E 324 23.39 3.07 14.61
CA ASP E 324 24.16 2.05 13.89
C ASP E 324 25.56 2.56 13.55
N HIS E 325 25.67 3.87 13.28
CA HIS E 325 26.96 4.56 13.12
C HIS E 325 27.04 5.67 14.14
N ILE E 326 28.24 6.03 14.53
CA ILE E 326 28.46 7.31 15.20
C ILE E 326 29.82 7.86 14.79
N HIS E 327 29.88 9.18 14.55
CA HIS E 327 31.15 9.86 14.32
C HIS E 327 32.01 9.75 15.58
N THR E 328 33.29 9.46 15.38
CA THR E 328 34.23 9.20 16.46
C THR E 328 35.49 10.06 16.36
N GLY E 329 35.58 10.87 15.31
CA GLY E 329 36.78 11.66 15.03
C GLY E 329 37.70 10.93 14.06
N THR E 330 38.79 11.59 13.68
CA THR E 330 39.72 11.05 12.67
C THR E 330 41.12 10.87 13.23
N VAL E 331 41.38 11.55 14.36
CA VAL E 331 42.73 11.73 14.90
C VAL E 331 43.53 12.73 14.06
N VAL E 332 43.63 12.45 12.76
CA VAL E 332 44.56 13.15 11.86
C VAL E 332 43.94 14.31 11.04
N GLY E 333 42.62 14.49 11.18
CA GLY E 333 41.89 15.48 10.35
C GLY E 333 41.81 16.87 10.96
N LYS E 334 40.84 17.65 10.49
CA LYS E 334 40.68 19.06 10.90
C LYS E 334 40.11 19.26 12.32
N LEU E 335 39.49 18.22 12.88
CA LEU E 335 38.86 18.31 14.19
C LEU E 335 39.67 17.51 15.21
N GLU E 336 39.62 17.95 16.46
CA GLU E 336 40.43 17.35 17.52
C GLU E 336 40.02 15.91 17.86
N GLY E 337 41.03 15.05 17.99
CA GLY E 337 40.84 13.69 18.46
C GLY E 337 42.16 13.07 18.86
N ASP E 338 42.46 13.09 20.16
CA ASP E 338 43.69 12.49 20.68
C ASP E 338 43.64 10.97 20.51
N LYS E 339 44.74 10.39 20.02
CA LYS E 339 44.79 8.98 19.65
C LYS E 339 44.46 8.03 20.79
N ALA E 340 45.08 8.26 21.95
CA ALA E 340 44.86 7.42 23.12
C ALA E 340 43.39 7.42 23.55
N VAL E 341 42.83 8.62 23.69
CA VAL E 341 41.44 8.81 24.10
C VAL E 341 40.47 8.14 23.12
N THR E 342 40.72 8.34 21.82
CA THR E 342 39.85 7.87 20.74
C THR E 342 39.78 6.36 20.66
N LEU E 343 40.94 5.70 20.74
CA LEU E 343 40.98 4.24 20.70
C LEU E 343 40.18 3.65 21.86
N GLY E 344 40.25 4.31 23.01
CA GLY E 344 39.45 3.93 24.19
C GLY E 344 37.94 3.96 23.96
N PHE E 345 37.41 5.09 23.50
CA PHE E 345 35.96 5.17 23.29
C PHE E 345 35.47 4.45 22.04
N VAL E 346 36.37 4.26 21.06
CA VAL E 346 36.07 3.41 19.92
C VAL E 346 35.81 1.97 20.36
N ASP E 347 36.64 1.44 21.26
CA ASP E 347 36.41 0.12 21.87
C ASP E 347 35.09 0.05 22.62
N LEU E 348 34.81 1.07 23.43
CA LEU E 348 33.59 1.14 24.22
C LEU E 348 32.34 1.09 23.35
N LEU E 349 32.46 1.60 22.12
CA LEU E 349 31.37 1.67 21.16
C LEU E 349 31.14 0.37 20.41
N ARG E 350 32.23 -0.34 20.12
CA ARG E 350 32.17 -1.49 19.22
C ARG E 350 32.21 -2.86 19.91
N GLU E 351 32.90 -2.94 21.05
CA GLU E 351 33.19 -4.24 21.67
C GLU E 351 32.15 -4.65 22.71
N ASN E 352 32.13 -5.94 23.04
CA ASN E 352 31.23 -6.46 24.06
C ASN E 352 31.73 -6.27 25.48
N TYR E 353 33.04 -6.35 25.66
CA TYR E 353 33.64 -6.33 26.99
C TYR E 353 34.93 -5.54 26.93
N ILE E 354 35.00 -4.46 27.71
CA ILE E 354 36.16 -3.56 27.67
C ILE E 354 36.73 -3.43 29.07
N GLU E 355 37.97 -3.87 29.22
CA GLU E 355 38.66 -3.84 30.52
C GLU E 355 39.04 -2.42 30.90
N GLN E 356 38.94 -2.12 32.19
CA GLN E 356 39.49 -0.89 32.75
C GLN E 356 40.90 -0.63 32.19
N ASP E 357 41.14 0.58 31.71
CA ASP E 357 42.43 0.95 31.13
C ASP E 357 42.61 2.46 31.14
N ARG E 358 43.19 2.96 32.24
CA ARG E 358 43.33 4.41 32.46
C ARG E 358 44.23 5.11 31.44
N SER E 359 45.13 4.37 30.80
CA SER E 359 45.97 4.93 29.74
C SER E 359 45.15 5.30 28.50
N ARG E 360 43.94 4.74 28.40
CA ARG E 360 43.03 5.07 27.32
C ARG E 360 41.74 5.69 27.83
N GLY E 361 41.81 6.24 29.05
CA GLY E 361 40.70 6.93 29.67
C GLY E 361 39.50 6.05 30.01
N ILE E 362 39.72 4.74 30.07
CA ILE E 362 38.66 3.81 30.45
C ILE E 362 38.72 3.63 31.97
N TYR E 363 37.84 4.34 32.68
CA TYR E 363 37.84 4.34 34.14
C TYR E 363 37.20 3.10 34.75
N PHE E 364 36.27 2.48 34.03
CA PHE E 364 35.58 1.28 34.51
C PHE E 364 35.58 0.19 33.46
N THR E 365 35.63 -1.06 33.91
CA THR E 365 35.38 -2.21 33.06
C THR E 365 33.92 -2.17 32.61
N GLN E 366 33.68 -2.34 31.31
CA GLN E 366 32.32 -2.23 30.77
C GLN E 366 31.91 -3.51 30.07
N ASP E 367 30.85 -4.14 30.59
CA ASP E 367 30.24 -5.31 29.98
C ASP E 367 28.99 -4.83 29.24
N TRP E 368 28.89 -5.09 27.94
CA TRP E 368 27.75 -4.64 27.15
C TRP E 368 26.64 -5.67 27.02
N ALA E 369 26.88 -6.87 27.55
CA ALA E 369 25.86 -7.94 27.59
C ALA E 369 25.18 -8.19 26.24
N SER E 370 25.99 -8.28 25.19
CA SER E 370 25.54 -8.55 23.82
C SER E 370 24.69 -7.45 23.17
N MET E 371 24.63 -6.27 23.77
CA MET E 371 24.08 -5.11 23.06
C MET E 371 24.96 -4.88 21.82
N PRO E 372 24.34 -4.76 20.63
CA PRO E 372 25.08 -4.59 19.37
C PRO E 372 26.07 -3.43 19.40
N GLY E 373 27.15 -3.57 18.63
CA GLY E 373 28.19 -2.55 18.55
C GLY E 373 27.86 -1.51 17.50
N VAL E 374 28.45 -0.33 17.63
CA VAL E 374 28.21 0.77 16.71
C VAL E 374 29.40 0.96 15.76
N MET E 375 29.12 1.16 14.47
CA MET E 375 30.16 1.46 13.48
C MET E 375 30.83 2.79 13.78
N ALA E 376 32.15 2.80 13.80
CA ALA E 376 32.90 4.04 14.01
C ALA E 376 32.88 4.83 12.72
N VAL E 377 32.76 6.15 12.82
CA VAL E 377 32.77 6.99 11.62
C VAL E 377 33.89 8.01 11.71
N ALA E 378 34.83 7.94 10.75
CA ALA E 378 35.93 8.91 10.67
C ALA E 378 35.62 9.94 9.60
N SER E 379 35.52 11.20 10.01
CA SER E 379 35.12 12.29 9.11
C SER E 379 35.68 13.65 9.53
N GLY E 380 36.08 14.46 8.55
CA GLY E 380 36.49 15.84 8.82
C GLY E 380 37.94 16.15 8.47
N GLY E 381 38.14 16.77 7.32
CA GLY E 381 39.47 17.18 6.88
C GLY E 381 40.44 16.04 6.62
N ILE E 382 39.93 14.92 6.11
CA ILE E 382 40.78 13.80 5.72
C ILE E 382 40.86 13.63 4.21
N HIS E 383 42.00 13.14 3.74
CA HIS E 383 42.20 12.86 2.33
C HIS E 383 42.98 11.57 2.09
N VAL E 384 43.25 11.28 0.82
CA VAL E 384 43.92 10.04 0.39
C VAL E 384 45.20 9.70 1.17
N TRP E 385 45.99 10.71 1.52
CA TRP E 385 47.24 10.52 2.28
C TRP E 385 47.00 9.92 3.66
N HIS E 386 45.84 10.23 4.25
CA HIS E 386 45.47 9.73 5.57
C HIS E 386 45.05 8.26 5.59
N MET E 387 44.74 7.70 4.41
CA MET E 387 44.12 6.37 4.31
C MET E 387 44.82 5.24 5.08
N PRO E 388 46.16 5.08 4.93
CA PRO E 388 46.81 3.99 5.68
C PRO E 388 46.68 4.14 7.19
N ALA E 389 46.81 5.36 7.69
CA ALA E 389 46.66 5.64 9.12
C ALA E 389 45.24 5.34 9.61
N LEU E 390 44.25 5.73 8.81
CA LEU E 390 42.83 5.50 9.15
C LEU E 390 42.51 4.01 9.26
N VAL E 391 42.95 3.24 8.27
CA VAL E 391 42.76 1.79 8.28
C VAL E 391 43.46 1.14 9.49
N ASP E 392 44.66 1.65 9.80
CA ASP E 392 45.48 1.13 10.90
C ASP E 392 44.87 1.48 12.26
N ILE E 393 44.30 2.67 12.37
CA ILE E 393 43.73 3.14 13.64
C ILE E 393 42.38 2.46 13.91
N PHE E 394 41.47 2.53 12.93
CA PHE E 394 40.08 2.13 13.12
C PHE E 394 39.76 0.70 12.72
N GLY E 395 40.52 0.16 11.77
CA GLY E 395 40.28 -1.20 11.29
C GLY E 395 39.08 -1.28 10.37
N ASP E 396 38.50 -2.48 10.26
CA ASP E 396 37.44 -2.74 9.29
C ASP E 396 36.10 -2.09 9.64
N ASP E 397 35.73 -2.14 10.92
CA ASP E 397 34.36 -1.77 11.33
C ASP E 397 34.21 -0.28 11.53
N ALA E 398 34.38 0.44 10.44
CA ALA E 398 34.36 1.88 10.45
C ALA E 398 33.85 2.39 9.12
N VAL E 399 33.33 3.61 9.12
CA VAL E 399 33.02 4.27 7.87
C VAL E 399 33.97 5.46 7.74
N LEU E 400 34.60 5.58 6.58
CA LEU E 400 35.53 6.68 6.31
C LEU E 400 34.89 7.67 5.34
N GLN E 401 34.71 8.91 5.80
CA GLN E 401 33.96 9.89 5.05
C GLN E 401 34.80 11.06 4.57
N PHE E 402 34.70 11.36 3.28
CA PHE E 402 35.48 12.40 2.65
C PHE E 402 34.55 13.37 1.93
N GLY E 403 34.28 14.51 2.53
CA GLY E 403 33.46 15.55 1.90
C GLY E 403 34.27 16.35 0.90
N GLY E 404 35.07 17.29 1.41
CA GLY E 404 36.00 18.06 0.58
C GLY E 404 37.04 17.17 -0.09
N GLY E 405 37.43 16.10 0.60
CA GLY E 405 38.33 15.09 0.06
C GLY E 405 37.80 14.29 -1.12
N THR E 406 36.54 14.52 -1.49
CA THR E 406 35.96 13.94 -2.70
C THR E 406 35.54 15.04 -3.69
N LEU E 407 34.80 16.03 -3.18
CA LEU E 407 34.25 17.09 -4.03
C LEU E 407 35.30 18.15 -4.39
N GLY E 408 36.44 18.11 -3.70
CA GLY E 408 37.55 19.02 -3.95
C GLY E 408 38.65 18.45 -4.84
N HIS E 409 38.41 17.24 -5.35
CA HIS E 409 39.31 16.60 -6.32
C HIS E 409 39.44 17.48 -7.56
N PRO E 410 40.64 17.52 -8.18
CA PRO E 410 40.88 18.33 -9.38
C PRO E 410 39.93 18.06 -10.54
N TRP E 411 39.49 16.81 -10.72
CA TRP E 411 38.65 16.43 -11.86
C TRP E 411 37.16 16.26 -11.55
N GLY E 412 36.77 16.45 -10.28
CA GLY E 412 35.37 16.37 -9.91
C GLY E 412 34.98 15.20 -9.02
N ASN E 413 33.69 14.92 -9.00
CA ASN E 413 33.09 14.00 -8.03
C ASN E 413 33.42 12.52 -8.25
N ALA E 414 33.10 12.00 -9.43
CA ALA E 414 33.31 10.58 -9.72
C ALA E 414 34.79 10.17 -9.64
N PRO E 415 35.71 10.96 -10.24
CA PRO E 415 37.14 10.66 -10.06
C PRO E 415 37.56 10.72 -8.60
N GLY E 416 37.05 11.72 -7.86
CA GLY E 416 37.32 11.86 -6.42
C GLY E 416 36.90 10.64 -5.62
N ALA E 417 35.77 10.05 -5.99
CA ALA E 417 35.26 8.83 -5.37
C ALA E 417 36.15 7.63 -5.69
N THR E 418 36.55 7.51 -6.96
CA THR E 418 37.42 6.43 -7.40
C THR E 418 38.78 6.50 -6.69
N ALA E 419 39.33 7.71 -6.60
CA ALA E 419 40.59 7.93 -5.89
C ALA E 419 40.54 7.38 -4.47
N ASN E 420 39.48 7.73 -3.75
CA ASN E 420 39.30 7.24 -2.38
C ASN E 420 39.04 5.73 -2.31
N ARG E 421 38.21 5.23 -3.22
CA ARG E 421 37.90 3.80 -3.29
C ARG E 421 39.13 2.94 -3.63
N VAL E 422 39.96 3.44 -4.56
CA VAL E 422 41.20 2.77 -4.94
C VAL E 422 42.16 2.73 -3.76
N ALA E 423 42.41 3.90 -3.15
CA ALA E 423 43.30 4.02 -2.00
C ALA E 423 42.92 3.10 -0.84
N LEU E 424 41.63 2.88 -0.64
CA LEU E 424 41.15 2.03 0.46
C LEU E 424 41.38 0.56 0.17
N GLU E 425 40.98 0.10 -1.02
CA GLU E 425 41.15 -1.29 -1.40
C GLU E 425 42.63 -1.69 -1.46
N ALA E 426 43.48 -0.72 -1.81
CA ALA E 426 44.93 -0.93 -1.81
C ALA E 426 45.47 -1.09 -0.40
N CYS E 427 44.96 -0.29 0.54
CA CYS E 427 45.37 -0.39 1.93
C CYS E 427 44.94 -1.71 2.56
N ILE E 428 43.73 -2.17 2.22
CA ILE E 428 43.20 -3.43 2.73
C ILE E 428 44.01 -4.62 2.22
N GLN E 429 44.21 -4.66 0.90
CA GLN E 429 45.04 -5.69 0.25
C GLN E 429 46.41 -5.79 0.92
N ALA E 430 47.10 -4.66 1.02
CA ALA E 430 48.42 -4.58 1.64
C ALA E 430 48.42 -5.13 3.06
N ARG E 431 47.45 -4.71 3.86
CA ARG E 431 47.31 -5.16 5.24
C ARG E 431 47.07 -6.68 5.29
N ASN E 432 46.21 -7.16 4.41
CA ASN E 432 45.91 -8.58 4.30
C ASN E 432 47.05 -9.41 3.71
N GLU E 433 48.13 -8.74 3.30
CA GLU E 433 49.33 -9.41 2.82
C GLU E 433 50.39 -9.45 3.92
N GLY E 434 50.22 -8.61 4.93
CA GLY E 434 51.11 -8.57 6.09
C GLY E 434 51.94 -7.32 6.21
N ARG E 435 51.68 -6.34 5.34
CA ARG E 435 52.49 -5.13 5.27
C ARG E 435 52.14 -4.12 6.36
N ASP E 436 53.18 -3.57 7.00
CA ASP E 436 53.01 -2.57 8.05
C ASP E 436 52.54 -1.25 7.44
N LEU E 437 51.30 -0.86 7.78
CA LEU E 437 50.67 0.33 7.21
C LEU E 437 51.28 1.64 7.70
N MET E 438 51.73 1.66 8.95
CA MET E 438 52.39 2.84 9.51
C MET E 438 53.81 3.03 8.96
N ARG E 439 54.45 1.92 8.58
CA ARG E 439 55.77 1.96 7.98
C ARG E 439 55.66 2.29 6.49
N GLU E 440 54.93 1.44 5.76
CA GLU E 440 54.86 1.52 4.30
C GLU E 440 53.68 2.35 3.80
N GLY E 441 53.16 3.24 4.67
CA GLY E 441 52.00 4.07 4.37
C GLY E 441 51.98 4.68 2.99
N GLY E 442 52.90 5.61 2.75
CA GLY E 442 53.04 6.28 1.45
C GLY E 442 53.39 5.32 0.32
N ASP E 443 54.10 4.25 0.65
CA ASP E 443 54.57 3.29 -0.34
C ASP E 443 53.41 2.54 -1.01
N ILE E 444 52.40 2.20 -0.20
CA ILE E 444 51.20 1.51 -0.69
C ILE E 444 50.34 2.45 -1.55
N ILE E 445 50.28 3.72 -1.13
CA ILE E 445 49.52 4.76 -1.85
C ILE E 445 50.13 5.05 -3.22
N ARG E 446 51.43 5.37 -3.22
CA ARG E 446 52.17 5.64 -4.47
C ARG E 446 52.08 4.45 -5.41
N GLU E 447 52.12 3.25 -4.83
CA GLU E 447 52.01 1.99 -5.57
C GLU E 447 50.70 1.90 -6.36
N ALA E 448 49.61 2.33 -5.72
CA ALA E 448 48.30 2.33 -6.37
C ALA E 448 48.13 3.55 -7.27
N ALA E 449 48.72 4.68 -6.87
CA ALA E 449 48.71 5.92 -7.65
C ALA E 449 49.31 5.71 -9.04
N ARG E 450 50.13 4.67 -9.14
CA ARG E 450 50.80 4.28 -10.38
C ARG E 450 49.79 3.77 -11.40
N TRP E 451 48.79 3.03 -10.94
CA TRP E 451 47.79 2.43 -11.83
C TRP E 451 46.49 3.25 -11.90
N SER E 452 46.35 4.21 -11.00
CA SER E 452 45.16 5.06 -10.93
C SER E 452 45.45 6.55 -11.12
N PRO E 453 45.06 7.11 -12.28
CA PRO E 453 45.26 8.54 -12.56
C PRO E 453 44.49 9.43 -11.59
N GLU E 454 43.29 9.01 -11.20
CA GLU E 454 42.45 9.74 -10.24
C GLU E 454 43.17 9.91 -8.90
N LEU E 455 43.73 8.81 -8.40
CA LEU E 455 44.45 8.80 -7.13
C LEU E 455 45.72 9.65 -7.18
N ALA E 456 46.48 9.51 -8.26
CA ALA E 456 47.67 10.33 -8.46
C ALA E 456 47.34 11.82 -8.34
N ALA E 457 46.29 12.24 -9.04
CA ALA E 457 45.84 13.63 -9.03
C ALA E 457 45.44 14.12 -7.64
N ALA E 458 44.75 13.26 -6.89
CA ALA E 458 44.33 13.56 -5.51
C ALA E 458 45.54 13.72 -4.60
N CYS E 459 46.52 12.83 -4.75
CA CYS E 459 47.77 12.87 -3.99
C CYS E 459 48.53 14.19 -4.20
N GLU E 460 48.60 14.62 -5.46
CA GLU E 460 49.32 15.84 -5.85
C GLU E 460 48.75 17.08 -5.17
N LEU E 461 47.42 17.21 -5.20
CA LEU E 461 46.73 18.39 -4.69
C LEU E 461 46.87 18.57 -3.17
N TRP E 462 46.75 17.48 -2.43
CA TRP E 462 46.72 17.54 -0.97
C TRP E 462 48.00 17.09 -0.27
N LYS E 463 49.11 17.05 -1.03
CA LYS E 463 50.42 16.65 -0.52
C LYS E 463 50.85 17.34 0.78
N GLU E 464 50.71 18.65 0.82
CA GLU E 464 51.25 19.47 1.91
C GLU E 464 50.29 19.65 3.08
N ILE E 465 49.05 19.18 2.92
CA ILE E 465 47.98 19.50 3.88
C ILE E 465 47.97 18.59 5.10
N LYS E 466 48.37 19.14 6.24
CA LYS E 466 48.41 18.42 7.51
C LYS E 466 47.69 19.25 8.56
N PHE E 467 47.08 18.57 9.53
CA PHE E 467 46.45 19.25 10.66
C PHE E 467 47.17 18.80 11.92
N GLU E 468 48.11 19.63 12.38
CA GLU E 468 48.98 19.27 13.49
C GLU E 468 48.96 20.35 14.58
N PHE E 469 48.04 20.18 15.53
CA PHE E 469 47.88 21.08 16.66
C PHE E 469 47.85 20.24 17.93
N GLU E 470 48.14 20.87 19.06
CA GLU E 470 48.06 20.23 20.36
C GLU E 470 46.61 20.12 20.81
N ALA E 471 46.22 18.92 21.24
CA ALA E 471 44.86 18.63 21.70
C ALA E 471 44.64 19.09 23.15
N GLN E 472 43.41 19.51 23.45
CA GLN E 472 43.01 19.87 24.82
C GLN E 472 42.58 18.61 25.56
N ASP E 473 41.74 17.81 24.91
CA ASP E 473 41.19 16.60 25.49
C ASP E 473 42.20 15.46 25.42
N THR E 474 43.07 15.41 26.43
CA THR E 474 44.15 14.42 26.50
C THR E 474 44.13 13.69 27.85
N ILE E 475 44.83 12.55 27.93
CA ILE E 475 44.98 11.81 29.18
C ILE E 475 45.97 12.52 30.09
N SER F 14 37.77 -4.81 -6.50
CA SER F 14 37.29 -4.65 -7.90
C SER F 14 37.75 -3.33 -8.53
N TYR F 15 38.35 -2.48 -7.69
CA TYR F 15 38.91 -1.21 -8.14
C TYR F 15 40.44 -1.28 -8.25
N LEU F 16 40.97 -2.48 -8.00
CA LEU F 16 42.39 -2.76 -8.14
C LEU F 16 42.62 -3.65 -9.36
N PRO F 17 43.88 -3.74 -9.85
CA PRO F 17 44.19 -4.72 -10.90
C PRO F 17 43.84 -6.13 -10.44
N PRO F 18 43.42 -7.00 -11.39
CA PRO F 18 43.09 -8.40 -11.07
C PRO F 18 44.22 -9.09 -10.30
N LEU F 19 43.87 -9.92 -9.32
CA LEU F 19 44.85 -10.55 -8.45
C LEU F 19 45.45 -11.80 -9.08
N SER F 20 46.75 -11.98 -8.87
CA SER F 20 47.45 -13.19 -9.28
C SER F 20 47.15 -14.31 -8.27
N ASP F 21 47.49 -15.55 -8.65
CA ASP F 21 47.29 -16.71 -7.77
C ASP F 21 48.08 -16.61 -6.46
N ALA F 22 49.26 -15.98 -6.54
CA ALA F 22 50.10 -15.75 -5.36
C ALA F 22 49.46 -14.71 -4.43
N GLN F 23 48.83 -13.70 -5.02
CA GLN F 23 48.14 -12.65 -4.25
C GLN F 23 46.87 -13.18 -3.59
N ILE F 24 46.13 -14.00 -4.34
CA ILE F 24 44.93 -14.67 -3.84
C ILE F 24 45.27 -15.59 -2.67
N ALA F 25 46.28 -16.42 -2.84
CA ALA F 25 46.72 -17.35 -1.78
C ALA F 25 47.23 -16.61 -0.55
N ARG F 26 47.82 -15.44 -0.78
CA ARG F 26 48.33 -14.58 0.29
C ARG F 26 47.19 -13.96 1.12
N GLN F 27 46.09 -13.62 0.44
CA GLN F 27 44.88 -13.12 1.09
C GLN F 27 44.23 -14.22 1.93
N ILE F 28 44.16 -15.42 1.36
CA ILE F 28 43.58 -16.59 2.02
C ILE F 28 44.40 -17.03 3.24
N GLN F 29 45.72 -17.02 3.11
CA GLN F 29 46.62 -17.38 4.20
C GLN F 29 46.48 -16.42 5.38
N TYR F 30 46.28 -15.14 5.08
CA TYR F 30 46.05 -14.11 6.10
C TYR F 30 44.83 -14.45 6.95
N ALA F 31 43.76 -14.89 6.30
CA ALA F 31 42.54 -15.31 6.98
C ALA F 31 42.81 -16.49 7.92
N ILE F 32 43.49 -17.50 7.39
CA ILE F 32 43.85 -18.71 8.13
C ILE F 32 44.70 -18.36 9.36
N ASP F 33 45.67 -17.48 9.16
CA ASP F 33 46.57 -17.04 10.24
C ASP F 33 45.84 -16.32 11.37
N GLN F 34 44.72 -15.67 11.04
CA GLN F 34 43.90 -14.97 12.02
C GLN F 34 42.93 -15.91 12.75
N GLY F 35 42.77 -17.11 12.21
CA GLY F 35 41.89 -18.13 12.80
C GLY F 35 40.51 -18.16 12.16
N TYR F 36 40.37 -17.45 11.05
CA TYR F 36 39.11 -17.41 10.31
C TYR F 36 38.92 -18.69 9.49
N HIS F 37 37.67 -18.99 9.15
CA HIS F 37 37.32 -20.21 8.45
C HIS F 37 36.92 -19.91 7.01
N PRO F 38 37.74 -20.36 6.04
CA PRO F 38 37.46 -20.12 4.63
C PRO F 38 36.28 -20.94 4.12
N CYS F 39 35.61 -20.40 3.10
CA CYS F 39 34.48 -21.05 2.46
C CYS F 39 34.41 -20.59 1.02
N VAL F 40 33.95 -21.47 0.14
CA VAL F 40 33.84 -21.16 -1.28
C VAL F 40 32.38 -21.15 -1.68
N GLU F 41 31.97 -20.11 -2.40
CA GLU F 41 30.61 -20.01 -2.93
C GLU F 41 30.60 -19.50 -4.37
N PHE F 42 29.52 -19.81 -5.07
CA PHE F 42 29.41 -19.49 -6.50
C PHE F 42 28.00 -19.04 -6.85
N ASN F 43 27.90 -18.23 -7.91
CA ASN F 43 26.62 -17.72 -8.40
C ASN F 43 26.73 -17.33 -9.87
N GLU F 44 25.60 -17.30 -10.58
CA GLU F 44 25.56 -16.87 -11.97
C GLU F 44 25.83 -15.37 -12.17
N THR F 45 25.50 -14.57 -11.16
CA THR F 45 25.75 -13.12 -11.19
C THR F 45 26.57 -12.69 -9.97
N SER F 46 27.38 -11.64 -10.14
CA SER F 46 28.19 -11.09 -9.05
C SER F 46 27.57 -9.85 -8.43
N ASN F 47 26.33 -9.53 -8.83
CA ASN F 47 25.60 -8.38 -8.30
C ASN F 47 25.39 -8.51 -6.78
N ALA F 48 25.58 -7.40 -6.07
CA ALA F 48 25.48 -7.37 -4.60
C ALA F 48 24.05 -7.43 -4.08
N GLU F 49 23.07 -7.19 -4.96
CA GLU F 49 21.64 -7.33 -4.63
C GLU F 49 21.24 -8.80 -4.46
N ILE F 50 22.04 -9.70 -5.01
CA ILE F 50 21.87 -11.13 -4.78
C ILE F 50 22.35 -11.45 -3.37
N ARG F 51 21.40 -11.77 -2.49
CA ARG F 51 21.68 -11.96 -1.07
C ARG F 51 22.50 -13.22 -0.82
N TYR F 52 22.12 -14.32 -1.47
CA TYR F 52 22.77 -15.60 -1.25
C TYR F 52 23.40 -16.16 -2.51
N TRP F 53 24.65 -16.59 -2.38
CA TRP F 53 25.33 -17.37 -3.40
C TRP F 53 25.19 -18.83 -3.00
N THR F 54 25.47 -19.74 -3.93
CA THR F 54 25.39 -21.16 -3.63
C THR F 54 26.70 -21.62 -3.02
N MET F 55 26.61 -22.25 -1.86
CA MET F 55 27.79 -22.74 -1.14
C MET F 55 28.39 -23.96 -1.85
N TRP F 56 29.70 -23.94 -2.05
CA TRP F 56 30.44 -25.09 -2.55
C TRP F 56 30.80 -25.99 -1.38
N LYS F 57 30.21 -27.20 -1.37
CA LYS F 57 30.42 -28.19 -0.30
C LYS F 57 30.13 -27.62 1.11
N LEU F 58 31.16 -27.56 1.95
CA LEU F 58 31.06 -26.99 3.29
C LEU F 58 32.25 -26.07 3.57
N PRO F 59 32.12 -25.18 4.58
CA PRO F 59 33.26 -24.34 4.94
C PRO F 59 34.45 -25.20 5.37
N LEU F 60 35.66 -24.77 5.00
CA LEU F 60 36.86 -25.52 5.33
C LEU F 60 37.31 -25.19 6.76
N PHE F 61 36.74 -25.89 7.72
CA PHE F 61 37.10 -25.70 9.12
C PHE F 61 38.46 -26.35 9.40
N ASN F 62 39.32 -25.59 10.07
CA ASN F 62 40.67 -26.05 10.46
C ASN F 62 41.65 -26.35 9.32
N CYS F 63 41.44 -25.72 8.17
CA CYS F 63 42.44 -25.73 7.09
C CYS F 63 43.59 -24.80 7.44
N THR F 64 44.79 -25.34 7.51
CA THR F 64 45.99 -24.56 7.82
C THR F 64 46.74 -24.19 6.55
N ASN F 65 46.37 -24.83 5.45
CA ASN F 65 47.01 -24.62 4.15
C ASN F 65 46.12 -23.89 3.15
N ALA F 66 46.62 -22.77 2.63
CA ALA F 66 45.90 -21.94 1.67
C ALA F 66 45.71 -22.64 0.31
N GLN F 67 46.60 -23.57 0.00
CA GLN F 67 46.53 -24.34 -1.24
C GLN F 67 45.30 -25.24 -1.28
N ASP F 68 44.94 -25.81 -0.12
CA ASP F 68 43.75 -26.64 0.02
C ASP F 68 42.47 -25.87 -0.33
N VAL F 69 42.47 -24.57 -0.02
CA VAL F 69 41.36 -23.68 -0.38
C VAL F 69 41.35 -23.44 -1.89
N LEU F 70 42.52 -23.14 -2.46
CA LEU F 70 42.68 -22.98 -3.90
C LEU F 70 42.27 -24.22 -4.69
N ASN F 71 42.54 -25.40 -4.12
CA ASN F 71 42.15 -26.67 -4.71
C ASN F 71 40.63 -26.80 -4.89
N GLU F 72 39.88 -26.36 -3.89
CA GLU F 72 38.42 -26.39 -3.94
C GLU F 72 37.86 -25.38 -4.94
N VAL F 73 38.58 -24.26 -5.10
CA VAL F 73 38.24 -23.25 -6.11
C VAL F 73 38.37 -23.82 -7.53
N GLN F 74 39.46 -24.54 -7.79
CA GLN F 74 39.72 -25.17 -9.09
C GLN F 74 38.67 -26.22 -9.42
N GLN F 75 38.33 -27.05 -8.43
CA GLN F 75 37.32 -28.10 -8.58
C GLN F 75 35.93 -27.51 -8.85
N CYS F 76 35.65 -26.38 -8.21
CA CYS F 76 34.39 -25.65 -8.42
C CYS F 76 34.34 -25.04 -9.82
N ARG F 77 35.47 -24.46 -10.25
CA ARG F 77 35.58 -23.84 -11.58
C ARG F 77 35.36 -24.85 -12.72
N SER F 78 35.90 -26.05 -12.56
CA SER F 78 35.77 -27.11 -13.55
C SER F 78 34.31 -27.56 -13.73
N GLU F 79 33.58 -27.67 -12.62
CA GLU F 79 32.17 -28.05 -12.66
C GLU F 79 31.25 -26.90 -13.06
N TYR F 80 31.63 -25.69 -12.68
CA TYR F 80 30.84 -24.49 -12.98
C TYR F 80 31.69 -23.39 -13.63
N PRO F 81 31.98 -23.52 -14.93
CA PRO F 81 32.80 -22.52 -15.61
C PRO F 81 32.02 -21.25 -15.98
N ASN F 82 30.69 -21.35 -15.98
CA ASN F 82 29.81 -20.22 -16.31
C ASN F 82 29.37 -19.40 -15.10
N CYS F 83 29.96 -19.69 -13.94
CA CYS F 83 29.59 -19.02 -12.69
C CYS F 83 30.73 -18.21 -12.09
N PHE F 84 30.37 -17.12 -11.40
CA PHE F 84 31.32 -16.36 -10.59
C PHE F 84 31.67 -17.18 -9.36
N ILE F 85 32.91 -17.08 -8.92
CA ILE F 85 33.35 -17.79 -7.72
C ILE F 85 34.07 -16.81 -6.80
N ARG F 86 33.75 -16.89 -5.51
CA ARG F 86 34.45 -16.08 -4.52
C ARG F 86 34.85 -16.88 -3.30
N VAL F 87 35.85 -16.37 -2.58
CA VAL F 87 36.28 -16.96 -1.33
C VAL F 87 35.88 -16.03 -0.19
N VAL F 88 35.23 -16.59 0.82
CA VAL F 88 34.85 -15.85 2.02
C VAL F 88 35.47 -16.51 3.25
N ALA F 89 35.67 -15.73 4.30
CA ALA F 89 36.11 -16.25 5.58
C ALA F 89 35.24 -15.65 6.66
N PHE F 90 34.99 -16.43 7.71
CA PHE F 90 34.20 -15.95 8.83
C PHE F 90 34.84 -16.21 10.19
N ASP F 91 34.51 -15.34 11.12
CA ASP F 91 34.89 -15.46 12.52
C ASP F 91 33.68 -16.07 13.22
N ASN F 92 33.84 -17.27 13.77
CA ASN F 92 32.73 -17.97 14.42
C ASN F 92 32.42 -17.43 15.82
N ILE F 93 33.43 -16.84 16.46
CA ILE F 93 33.27 -16.26 17.80
C ILE F 93 32.41 -15.00 17.75
N LYS F 94 32.71 -14.11 16.80
CA LYS F 94 31.89 -12.92 16.56
C LYS F 94 30.71 -13.24 15.67
N GLN F 95 30.74 -14.42 15.05
CA GLN F 95 29.77 -14.85 14.03
C GLN F 95 29.53 -13.79 12.96
N CYS F 96 30.58 -13.46 12.23
CA CYS F 96 30.50 -12.48 11.15
C CYS F 96 31.48 -12.83 10.05
N GLN F 97 31.13 -12.50 8.82
CA GLN F 97 32.00 -12.65 7.67
C GLN F 97 33.02 -11.52 7.68
N VAL F 98 34.30 -11.88 7.58
CA VAL F 98 35.40 -10.93 7.77
C VAL F 98 36.20 -10.65 6.49
N MET F 99 35.98 -11.45 5.46
CA MET F 99 36.50 -11.13 4.12
C MET F 99 35.68 -11.78 3.01
N SER F 100 35.73 -11.16 1.83
CA SER F 100 35.02 -11.63 0.65
C SER F 100 35.65 -10.97 -0.57
N PHE F 101 36.14 -11.79 -1.49
CA PHE F 101 36.68 -11.30 -2.76
C PHE F 101 36.49 -12.32 -3.87
N ILE F 102 36.12 -11.83 -5.04
CA ILE F 102 35.91 -12.70 -6.22
C ILE F 102 37.24 -13.26 -6.69
N VAL F 103 37.29 -14.57 -6.93
CA VAL F 103 38.51 -15.23 -7.39
C VAL F 103 38.44 -15.66 -8.86
N TYR F 104 37.22 -15.73 -9.40
CA TYR F 104 37.01 -16.13 -10.79
C TYR F 104 35.77 -15.48 -11.40
N LYS F 105 35.96 -14.84 -12.55
CA LYS F 105 34.86 -14.33 -13.37
C LYS F 105 34.73 -15.19 -14.62
N PRO F 106 33.50 -15.66 -14.94
CA PRO F 106 33.28 -16.55 -16.07
C PRO F 106 33.57 -15.89 -17.43
N GLY G 12 -37.23 -26.35 50.37
CA GLY G 12 -36.64 -25.00 50.58
C GLY G 12 -35.14 -25.05 50.81
N TYR G 13 -34.60 -24.01 51.43
CA TYR G 13 -33.17 -23.90 51.67
C TYR G 13 -32.74 -24.68 52.91
N GLN G 14 -31.89 -25.69 52.70
CA GLN G 14 -31.29 -26.46 53.79
C GLN G 14 -29.78 -26.25 53.82
N ALA G 15 -29.33 -25.39 54.74
CA ALA G 15 -27.92 -25.03 54.87
C ALA G 15 -27.08 -26.20 55.38
N GLY G 16 -25.79 -26.20 55.02
CA GLY G 16 -24.86 -27.22 55.49
C GLY G 16 -24.29 -28.12 54.40
N VAL G 17 -23.36 -28.97 54.80
CA VAL G 17 -22.68 -29.88 53.88
C VAL G 17 -23.45 -31.19 53.75
N LYS G 18 -23.60 -31.64 52.52
CA LYS G 18 -24.07 -32.99 52.22
C LYS G 18 -23.23 -33.60 51.09
N ASP G 19 -23.40 -34.89 50.84
CA ASP G 19 -22.62 -35.59 49.82
C ASP G 19 -22.93 -35.08 48.42
N TYR G 20 -21.88 -34.86 47.63
CA TYR G 20 -22.01 -34.45 46.22
C TYR G 20 -22.88 -35.42 45.42
N ARG G 21 -22.77 -36.71 45.75
CA ARG G 21 -23.45 -37.77 44.99
C ARG G 21 -24.97 -37.64 45.03
N LEU G 22 -25.48 -36.97 46.05
CA LEU G 22 -26.92 -36.76 46.20
C LEU G 22 -27.49 -35.91 45.07
N THR G 23 -26.65 -35.08 44.47
CA THR G 23 -27.09 -34.18 43.39
C THR G 23 -26.36 -34.48 42.07
N TYR G 24 -25.11 -34.93 42.15
CA TYR G 24 -24.23 -34.98 40.97
C TYR G 24 -23.89 -36.36 40.39
N TYR G 25 -24.37 -37.43 41.04
CA TYR G 25 -24.26 -38.76 40.48
C TYR G 25 -25.62 -39.23 40.00
N THR G 26 -25.77 -39.35 38.68
CA THR G 26 -27.05 -39.68 38.06
C THR G 26 -26.89 -40.82 37.05
N PRO G 27 -26.78 -42.07 37.55
CA PRO G 27 -26.50 -43.22 36.68
C PRO G 27 -27.57 -43.50 35.63
N ASP G 28 -28.79 -42.98 35.84
CA ASP G 28 -29.89 -43.15 34.88
C ASP G 28 -29.99 -42.05 33.81
N TYR G 29 -29.04 -41.11 33.82
CA TYR G 29 -29.06 -40.03 32.82
C TYR G 29 -28.56 -40.51 31.46
N THR G 30 -29.32 -40.18 30.42
CA THR G 30 -28.90 -40.41 29.04
C THR G 30 -28.41 -39.08 28.46
N PRO G 31 -27.13 -39.03 28.03
CA PRO G 31 -26.55 -37.80 27.45
C PRO G 31 -27.32 -37.28 26.25
N LYS G 32 -27.39 -35.95 26.11
CA LYS G 32 -27.98 -35.33 24.94
C LYS G 32 -26.91 -35.13 23.87
N ASP G 33 -27.35 -35.01 22.62
CA ASP G 33 -26.42 -34.77 21.51
C ASP G 33 -25.79 -33.37 21.58
N THR G 34 -26.31 -32.52 22.45
CA THR G 34 -25.78 -31.17 22.66
C THR G 34 -24.86 -31.08 23.87
N ASP G 35 -24.79 -32.13 24.68
CA ASP G 35 -23.97 -32.16 25.88
C ASP G 35 -22.49 -32.30 25.53
N ILE G 36 -21.63 -31.66 26.31
N ILE G 36 -21.63 -31.66 26.31
CA ILE G 36 -20.20 -31.97 26.28
CA ILE G 36 -20.21 -31.96 26.28
C ILE G 36 -19.96 -33.15 27.21
C ILE G 36 -19.97 -33.16 27.21
N LEU G 37 -19.31 -34.20 26.70
CA LEU G 37 -18.99 -35.37 27.52
C LEU G 37 -17.50 -35.43 27.85
N ALA G 38 -17.19 -35.81 29.09
CA ALA G 38 -15.81 -35.96 29.56
C ALA G 38 -15.58 -37.36 30.13
N ALA G 39 -14.47 -37.97 29.76
CA ALA G 39 -14.03 -39.22 30.37
C ALA G 39 -12.80 -39.00 31.26
N PHE G 40 -13.00 -39.07 32.57
CA PHE G 40 -11.95 -38.84 33.57
C PHE G 40 -11.43 -40.14 34.17
N ARG G 41 -10.13 -40.36 34.10
CA ARG G 41 -9.49 -41.45 34.85
C ARG G 41 -9.21 -40.98 36.28
N VAL G 42 -10.00 -41.49 37.22
CA VAL G 42 -10.02 -41.00 38.60
C VAL G 42 -9.34 -41.98 39.57
N THR G 43 -8.41 -41.45 40.37
CA THR G 43 -7.80 -42.21 41.48
C THR G 43 -8.17 -41.55 42.79
N PRO G 44 -9.15 -42.12 43.53
CA PRO G 44 -9.60 -41.56 44.79
C PRO G 44 -8.62 -41.85 45.95
N GLN G 45 -8.69 -41.04 47.00
CA GLN G 45 -8.00 -41.33 48.26
C GLN G 45 -8.67 -42.53 48.92
N PRO G 46 -7.92 -43.31 49.72
CA PRO G 46 -8.51 -44.47 50.42
C PRO G 46 -9.72 -44.06 51.26
N GLY G 47 -10.79 -44.84 51.19
CA GLY G 47 -12.01 -44.57 51.96
C GLY G 47 -13.00 -43.61 51.30
N VAL G 48 -12.65 -43.10 50.12
CA VAL G 48 -13.57 -42.27 49.33
C VAL G 48 -14.25 -43.17 48.29
N PRO G 49 -15.60 -43.29 48.38
CA PRO G 49 -16.34 -44.12 47.43
C PRO G 49 -16.28 -43.55 46.02
N PHE G 50 -16.15 -44.42 45.03
CA PHE G 50 -16.10 -44.05 43.61
C PHE G 50 -17.19 -43.04 43.22
N GLU G 51 -18.41 -43.31 43.68
CA GLU G 51 -19.58 -42.47 43.37
C GLU G 51 -19.42 -41.05 43.90
N GLU G 52 -18.81 -40.93 45.08
CA GLU G 52 -18.60 -39.64 45.71
C GLU G 52 -17.47 -38.85 45.05
N ALA G 53 -16.41 -39.55 44.66
CA ALA G 53 -15.30 -38.92 43.93
C ALA G 53 -15.76 -38.41 42.57
N ALA G 54 -16.48 -39.26 41.83
CA ALA G 54 -17.02 -38.91 40.51
C ALA G 54 -17.99 -37.74 40.59
N ALA G 55 -18.80 -37.71 41.65
CA ALA G 55 -19.76 -36.63 41.87
C ALA G 55 -19.09 -35.30 42.26
N ALA G 56 -17.98 -35.39 42.99
CA ALA G 56 -17.19 -34.20 43.32
C ALA G 56 -16.61 -33.57 42.05
N VAL G 57 -16.06 -34.40 41.17
CA VAL G 57 -15.50 -33.95 39.91
C VAL G 57 -16.60 -33.26 39.08
N ALA G 58 -17.75 -33.92 38.91
CA ALA G 58 -18.88 -33.37 38.18
C ALA G 58 -19.35 -32.03 38.77
N ALA G 59 -19.45 -31.98 40.10
CA ALA G 59 -19.92 -30.78 40.79
C ALA G 59 -18.96 -29.60 40.67
N GLU G 60 -17.69 -29.82 41.02
CA GLU G 60 -16.74 -28.72 41.11
C GLU G 60 -16.19 -28.31 39.74
N SER G 61 -16.71 -28.94 38.68
CA SER G 61 -16.38 -28.54 37.31
C SER G 61 -17.62 -27.98 36.59
N SER G 62 -18.69 -27.74 37.35
CA SER G 62 -19.92 -27.22 36.76
C SER G 62 -20.62 -26.14 37.59
N THR G 63 -21.38 -26.55 38.61
CA THR G 63 -22.27 -25.64 39.33
C THR G 63 -22.06 -25.62 40.85
N GLY G 64 -21.48 -26.70 41.38
CA GLY G 64 -21.50 -26.92 42.82
C GLY G 64 -20.29 -26.46 43.60
N THR G 65 -20.49 -26.29 44.90
CA THR G 65 -19.38 -26.07 45.83
C THR G 65 -19.53 -26.99 47.06
N TRP G 66 -18.63 -26.82 48.04
CA TRP G 66 -18.47 -27.76 49.16
C TRP G 66 -19.64 -27.79 50.15
N THR G 67 -20.47 -26.75 50.14
CA THR G 67 -21.63 -26.64 51.02
C THR G 67 -22.85 -26.09 50.25
N THR G 68 -24.05 -26.29 50.79
CA THR G 68 -25.28 -25.88 50.13
C THR G 68 -25.47 -24.37 50.15
N VAL G 69 -25.78 -23.80 48.98
CA VAL G 69 -26.01 -22.37 48.86
C VAL G 69 -27.47 -22.11 48.53
N TRP G 70 -28.04 -21.06 49.11
CA TRP G 70 -29.45 -20.71 48.88
C TRP G 70 -29.73 -20.26 47.45
N THR G 71 -28.74 -19.61 46.85
CA THR G 71 -28.84 -19.05 45.50
C THR G 71 -29.16 -20.09 44.41
N ASP G 72 -28.85 -21.35 44.68
CA ASP G 72 -29.27 -22.47 43.81
C ASP G 72 -30.76 -22.39 43.49
N LEU G 73 -31.54 -21.98 44.50
CA LEU G 73 -33.00 -21.97 44.42
C LEU G 73 -33.55 -20.80 43.60
N LEU G 74 -32.70 -19.83 43.28
CA LEU G 74 -33.05 -18.75 42.37
C LEU G 74 -33.12 -19.27 40.93
N THR G 75 -32.40 -20.35 40.67
CA THR G 75 -32.28 -20.87 39.32
C THR G 75 -32.77 -22.32 39.21
N ASP G 76 -32.46 -22.98 38.10
CA ASP G 76 -32.87 -24.35 37.84
C ASP G 76 -31.62 -25.22 37.82
N LEU G 77 -31.09 -25.52 39.00
CA LEU G 77 -29.84 -26.25 39.14
C LEU G 77 -29.83 -27.58 38.36
N ASP G 78 -30.98 -28.23 38.29
CA ASP G 78 -31.06 -29.52 37.61
C ASP G 78 -30.77 -29.49 36.12
N ARG G 79 -31.00 -28.35 35.48
CA ARG G 79 -30.73 -28.25 34.05
C ARG G 79 -29.37 -27.64 33.71
N TYR G 80 -28.67 -27.12 34.73
CA TYR G 80 -27.33 -26.55 34.56
C TYR G 80 -26.20 -27.44 35.07
N LYS G 81 -26.47 -28.25 36.08
CA LYS G 81 -25.44 -29.09 36.68
C LYS G 81 -24.78 -30.04 35.69
N GLY G 82 -23.48 -30.26 35.87
CA GLY G 82 -22.80 -31.41 35.27
C GLY G 82 -23.22 -32.64 36.06
N CYS G 83 -23.07 -33.82 35.48
CA CYS G 83 -23.39 -35.03 36.23
C CYS G 83 -22.60 -36.23 35.75
N CYS G 84 -22.16 -37.04 36.69
CA CYS G 84 -21.58 -38.34 36.36
C CYS G 84 -22.73 -39.30 36.05
N TYR G 85 -22.78 -39.79 34.82
CA TYR G 85 -23.86 -40.68 34.39
C TYR G 85 -23.43 -42.14 34.26
N ASP G 86 -22.12 -42.38 34.37
CA ASP G 86 -21.56 -43.73 34.28
C ASP G 86 -20.20 -43.82 34.98
N ILE G 87 -19.99 -44.95 35.66
CA ILE G 87 -18.72 -45.27 36.31
C ILE G 87 -18.23 -46.62 35.80
N GLU G 88 -16.98 -46.64 35.33
CA GLU G 88 -16.36 -47.84 34.77
C GLU G 88 -15.10 -48.21 35.57
N PRO G 89 -15.22 -49.19 36.48
CA PRO G 89 -14.05 -49.66 37.22
C PRO G 89 -12.96 -50.17 36.29
N LEU G 90 -11.70 -49.96 36.67
CA LEU G 90 -10.56 -50.45 35.90
C LEU G 90 -9.79 -51.48 36.75
N PRO G 91 -10.25 -52.75 36.73
CA PRO G 91 -9.69 -53.78 37.62
C PRO G 91 -8.20 -54.09 37.39
N GLY G 92 -7.71 -53.81 36.18
CA GLY G 92 -6.29 -53.97 35.86
C GLY G 92 -5.41 -52.87 36.41
N GLU G 93 -6.02 -51.90 37.07
CA GLU G 93 -5.30 -50.75 37.62
C GLU G 93 -5.41 -50.73 39.13
N ASP G 94 -4.58 -49.90 39.76
CA ASP G 94 -4.60 -49.73 41.20
C ASP G 94 -5.53 -48.59 41.60
N ASN G 95 -6.69 -48.94 42.14
CA ASN G 95 -7.69 -48.00 42.68
C ASN G 95 -8.09 -46.91 41.67
N GLN G 96 -8.44 -47.32 40.46
CA GLN G 96 -8.83 -46.40 39.39
C GLN G 96 -10.19 -46.73 38.79
N PHE G 97 -10.85 -45.71 38.26
CA PHE G 97 -12.07 -45.88 37.49
C PHE G 97 -12.24 -44.73 36.50
N ILE G 98 -13.04 -44.96 35.46
CA ILE G 98 -13.41 -43.89 34.53
C ILE G 98 -14.76 -43.31 34.93
N ALA G 99 -14.78 -41.99 35.17
CA ALA G 99 -16.01 -41.25 35.38
C ALA G 99 -16.43 -40.55 34.10
N TYR G 100 -17.65 -40.85 33.64
CA TYR G 100 -18.23 -40.20 32.48
C TYR G 100 -19.13 -39.09 32.97
N ILE G 101 -18.84 -37.87 32.51
CA ILE G 101 -19.55 -36.68 32.99
C ILE G 101 -20.15 -35.92 31.82
N ALA G 102 -21.40 -35.49 31.98
CA ALA G 102 -22.11 -34.75 30.95
C ALA G 102 -22.29 -33.31 31.39
N TYR G 103 -22.00 -32.38 30.49
CA TYR G 103 -22.13 -30.95 30.75
C TYR G 103 -23.09 -30.35 29.73
N PRO G 104 -24.14 -29.62 30.20
CA PRO G 104 -25.08 -28.98 29.28
C PRO G 104 -24.42 -27.91 28.41
N LEU G 105 -24.91 -27.76 27.18
CA LEU G 105 -24.38 -26.79 26.22
C LEU G 105 -24.30 -25.37 26.77
N ASP G 106 -25.32 -24.97 27.54
CA ASP G 106 -25.44 -23.60 28.08
C ASP G 106 -24.34 -23.18 29.04
N LEU G 107 -23.52 -24.12 29.50
CA LEU G 107 -22.48 -23.78 30.48
C LEU G 107 -21.28 -23.09 29.85
N PHE G 108 -21.17 -23.15 28.53
CA PHE G 108 -19.94 -22.82 27.83
C PHE G 108 -20.02 -21.60 26.94
N GLU G 109 -18.97 -20.78 26.98
CA GLU G 109 -18.89 -19.62 26.10
C GLU G 109 -18.61 -20.06 24.67
N GLU G 110 -19.47 -19.62 23.76
CA GLU G 110 -19.33 -19.87 22.33
C GLU G 110 -17.93 -19.52 21.83
N GLY G 111 -17.31 -20.45 21.09
CA GLY G 111 -16.01 -20.21 20.47
C GLY G 111 -14.84 -20.02 21.43
N SER G 112 -15.00 -20.45 22.68
CA SER G 112 -13.94 -20.27 23.69
C SER G 112 -13.38 -21.60 24.22
N VAL G 113 -12.26 -22.06 23.64
CA VAL G 113 -11.53 -23.21 24.18
C VAL G 113 -11.11 -22.90 25.61
N THR G 114 -10.67 -21.66 25.83
CA THR G 114 -10.31 -21.19 27.15
C THR G 114 -11.41 -21.41 28.21
N ASN G 115 -12.65 -21.07 27.86
CA ASN G 115 -13.74 -21.26 28.81
C ASN G 115 -14.04 -22.74 29.05
N MET G 116 -14.03 -23.52 27.98
CA MET G 116 -14.32 -24.95 28.05
C MET G 116 -13.36 -25.67 28.98
N LEU G 117 -12.08 -25.35 28.86
CA LEU G 117 -11.04 -25.94 29.71
C LEU G 117 -11.09 -25.43 31.13
N THR G 118 -11.40 -24.15 31.31
CA THR G 118 -11.53 -23.59 32.65
C THR G 118 -12.57 -24.34 33.48
N SER G 119 -13.72 -24.64 32.89
CA SER G 119 -14.75 -25.41 33.58
C SER G 119 -14.31 -26.84 33.87
N ILE G 120 -13.94 -27.57 32.83
CA ILE G 120 -13.71 -29.01 32.92
C ILE G 120 -12.42 -29.40 33.65
N VAL G 121 -11.35 -28.61 33.46
CA VAL G 121 -10.07 -28.91 34.12
C VAL G 121 -9.58 -27.82 35.09
N GLY G 122 -10.43 -26.84 35.36
CA GLY G 122 -10.03 -25.68 36.16
C GLY G 122 -9.56 -25.96 37.58
N ASN G 123 -10.41 -26.62 38.36
CA ASN G 123 -10.15 -26.80 39.80
C ASN G 123 -10.05 -28.27 40.24
N VAL G 124 -10.76 -29.16 39.56
CA VAL G 124 -10.95 -30.55 40.02
C VAL G 124 -9.69 -31.40 40.22
N PHE G 125 -8.60 -31.06 39.52
CA PHE G 125 -7.37 -31.85 39.61
C PHE G 125 -6.61 -31.71 40.93
N GLY G 126 -6.94 -30.70 41.73
CA GLY G 126 -6.27 -30.47 43.02
C GLY G 126 -7.10 -30.83 44.24
N PHE G 127 -8.23 -31.49 44.00
CA PHE G 127 -9.14 -31.85 45.07
C PHE G 127 -8.46 -32.80 46.07
N LYS G 128 -8.57 -32.48 47.35
CA LYS G 128 -7.92 -33.25 48.41
C LYS G 128 -8.32 -34.72 48.42
N ALA G 129 -9.60 -34.98 48.14
CA ALA G 129 -10.17 -36.34 48.15
C ALA G 129 -9.72 -37.24 46.98
N LEU G 130 -8.88 -36.70 46.10
CA LEU G 130 -8.31 -37.50 45.01
C LEU G 130 -6.80 -37.58 45.18
N LYS G 131 -6.23 -38.71 44.73
CA LYS G 131 -4.78 -38.90 44.68
C LYS G 131 -4.25 -38.45 43.32
N ALA G 132 -5.05 -38.69 42.30
CA ALA G 132 -4.69 -38.41 40.92
C ALA G 132 -5.95 -38.25 40.09
N LEU G 133 -5.84 -37.56 38.97
CA LEU G 133 -6.94 -37.39 38.03
C LEU G 133 -6.39 -37.09 36.64
N ARG G 134 -6.93 -37.78 35.64
CA ARG G 134 -6.52 -37.53 34.25
C ARG G 134 -7.74 -37.39 33.34
N LEU G 135 -7.79 -36.30 32.57
CA LEU G 135 -8.79 -36.17 31.54
C LEU G 135 -8.33 -36.94 30.30
N GLU G 136 -9.09 -37.97 29.95
CA GLU G 136 -8.74 -38.85 28.84
C GLU G 136 -9.33 -38.40 27.50
N ASP G 137 -10.58 -37.95 27.52
CA ASP G 137 -11.28 -37.60 26.29
C ASP G 137 -12.43 -36.64 26.55
N LEU G 138 -12.83 -35.93 25.50
CA LEU G 138 -14.00 -35.06 25.50
C LEU G 138 -14.80 -35.33 24.24
N ARG G 139 -16.11 -35.43 24.38
CA ARG G 139 -17.01 -35.47 23.22
C ARG G 139 -17.53 -34.06 23.00
N ILE G 140 -17.10 -33.43 21.91
CA ILE G 140 -17.53 -32.07 21.61
C ILE G 140 -18.72 -32.16 20.67
N PRO G 141 -19.89 -31.69 21.14
CA PRO G 141 -21.11 -31.78 20.36
C PRO G 141 -21.05 -30.85 19.15
N VAL G 142 -21.79 -31.22 18.10
CA VAL G 142 -21.84 -30.47 16.85
C VAL G 142 -22.30 -29.01 17.06
N ALA G 143 -23.28 -28.81 17.93
CA ALA G 143 -23.84 -27.48 18.22
C ALA G 143 -22.81 -26.51 18.81
N TYR G 144 -21.87 -27.04 19.60
CA TYR G 144 -20.78 -26.24 20.15
C TYR G 144 -19.68 -26.01 19.12
N LEU G 145 -19.37 -27.04 18.33
CA LEU G 145 -18.34 -26.94 17.29
C LEU G 145 -18.64 -25.82 16.28
N LYS G 146 -19.92 -25.65 15.95
CA LYS G 146 -20.35 -24.63 15.01
C LYS G 146 -20.06 -23.19 15.48
N THR G 147 -19.74 -23.02 16.76
CA THR G 147 -19.38 -21.70 17.30
C THR G 147 -17.88 -21.35 17.15
N PHE G 148 -17.09 -22.31 16.66
CA PHE G 148 -15.65 -22.14 16.47
C PHE G 148 -15.32 -22.05 14.98
N GLN G 149 -14.31 -21.25 14.65
CA GLN G 149 -13.79 -21.21 13.28
C GLN G 149 -13.15 -22.55 12.90
N GLY G 150 -12.37 -23.11 13.80
CA GLY G 150 -11.56 -24.30 13.48
C GLY G 150 -10.35 -23.82 12.70
N PRO G 151 -9.70 -24.75 11.95
CA PRO G 151 -8.49 -24.37 11.21
C PRO G 151 -8.70 -23.22 10.25
N PRO G 152 -7.69 -22.33 10.13
CA PRO G 152 -7.80 -21.23 9.17
C PRO G 152 -8.07 -21.74 7.76
N HIS G 153 -7.47 -22.89 7.42
CA HIS G 153 -7.58 -23.45 6.07
C HIS G 153 -7.92 -24.95 6.07
N GLY G 154 -7.09 -25.76 6.71
CA GLY G 154 -7.30 -27.21 6.73
C GLY G 154 -6.61 -27.91 5.57
N ILE G 155 -6.54 -29.24 5.64
CA ILE G 155 -5.73 -30.04 4.72
C ILE G 155 -6.00 -29.76 3.24
N GLN G 156 -7.27 -29.86 2.86
CA GLN G 156 -7.70 -29.70 1.47
C GLN G 156 -7.30 -28.33 0.91
N VAL G 157 -7.64 -27.28 1.66
CA VAL G 157 -7.39 -25.91 1.21
C VAL G 157 -5.89 -25.63 1.17
N GLU G 158 -5.16 -26.10 2.19
CA GLU G 158 -3.71 -25.96 2.21
C GLU G 158 -3.04 -26.58 0.96
N ARG G 159 -3.45 -27.79 0.61
CA ARG G 159 -2.86 -28.46 -0.54
C ARG G 159 -3.16 -27.68 -1.80
N ASP G 160 -4.37 -27.13 -1.88
CA ASP G 160 -4.79 -26.31 -3.01
C ASP G 160 -4.01 -24.99 -3.10
N LYS G 161 -3.74 -24.37 -1.95
CA LYS G 161 -2.95 -23.14 -1.90
C LYS G 161 -1.50 -23.38 -2.29
N LEU G 162 -0.97 -24.53 -1.91
CA LEU G 162 0.44 -24.84 -2.18
C LEU G 162 0.64 -25.58 -3.50
N ASN G 163 -0.45 -26.12 -4.05
CA ASN G 163 -0.41 -26.92 -5.28
C ASN G 163 0.46 -28.18 -5.11
N LYS G 164 0.34 -28.82 -3.95
CA LYS G 164 1.13 -30.01 -3.64
C LYS G 164 0.21 -31.16 -3.29
N TYR G 165 0.35 -32.27 -4.02
CA TYR G 165 -0.56 -33.39 -3.91
C TYR G 165 0.16 -34.74 -3.97
N GLY G 166 -0.45 -35.74 -3.36
CA GLY G 166 -0.04 -37.14 -3.57
C GLY G 166 1.07 -37.69 -2.70
N ARG G 167 1.57 -36.87 -1.77
CA ARG G 167 2.66 -37.27 -0.90
C ARG G 167 2.67 -36.43 0.38
N PRO G 168 3.26 -36.96 1.47
CA PRO G 168 3.54 -36.11 2.63
C PRO G 168 4.44 -34.95 2.24
N LEU G 169 4.35 -33.86 2.99
CA LEU G 169 5.24 -32.73 2.77
C LEU G 169 6.48 -32.91 3.64
N LEU G 170 7.55 -32.22 3.28
CA LEU G 170 8.85 -32.38 3.96
C LEU G 170 9.37 -31.06 4.50
N GLY G 171 9.90 -31.09 5.72
CA GLY G 171 10.52 -29.92 6.33
C GLY G 171 11.80 -30.21 7.11
N CYS G 172 12.59 -29.17 7.35
CA CYS G 172 13.77 -29.23 8.22
C CYS G 172 13.65 -28.15 9.30
N THR G 173 14.01 -28.49 10.53
CA THR G 173 14.17 -27.49 11.57
C THR G 173 15.63 -27.05 11.56
N ILE G 174 15.87 -25.74 11.51
CA ILE G 174 17.23 -25.21 11.54
C ILE G 174 17.88 -25.46 12.91
N LYS G 175 19.14 -25.89 12.88
CA LYS G 175 19.91 -26.14 14.09
C LYS G 175 21.27 -25.44 13.94
N PRO G 176 21.97 -25.16 15.06
CA PRO G 176 21.55 -25.34 16.46
C PRO G 176 20.29 -24.54 16.79
N LYS G 177 19.55 -25.03 17.79
CA LYS G 177 18.29 -24.41 18.22
C LYS G 177 18.42 -22.90 18.33
N LEU G 178 19.43 -22.46 19.09
CA LEU G 178 19.71 -21.06 19.33
C LEU G 178 21.17 -20.77 19.03
N GLY G 179 21.48 -19.52 18.73
CA GLY G 179 22.87 -19.10 18.54
C GLY G 179 23.29 -18.66 17.15
N LEU G 180 22.50 -19.03 16.14
CA LEU G 180 22.79 -18.61 14.76
C LEU G 180 22.35 -17.17 14.49
N SER G 181 23.10 -16.46 13.64
CA SER G 181 22.73 -15.10 13.23
C SER G 181 21.61 -15.18 12.20
N ALA G 182 20.94 -14.06 11.96
CA ALA G 182 19.83 -14.03 11.01
C ALA G 182 20.29 -14.36 9.60
N LYS G 183 21.44 -13.82 9.22
CA LYS G 183 22.01 -14.10 7.90
C LYS G 183 22.38 -15.58 7.76
N ASN G 184 23.04 -16.15 8.77
CA ASN G 184 23.36 -17.58 8.76
C ASN G 184 22.10 -18.44 8.73
N TYR G 185 21.07 -18.00 9.43
CA TYR G 185 19.78 -18.68 9.45
C TYR G 185 19.20 -18.79 8.03
N GLY G 186 19.16 -17.66 7.33
CA GLY G 186 18.63 -17.61 5.96
C GLY G 186 19.43 -18.43 4.98
N ARG G 187 20.74 -18.47 5.18
CA ARG G 187 21.64 -19.30 4.38
C ARG G 187 21.27 -20.78 4.48
N ALA G 188 21.09 -21.26 5.70
CA ALA G 188 20.69 -22.64 5.95
C ALA G 188 19.32 -22.94 5.35
N VAL G 189 18.43 -21.95 5.39
CA VAL G 189 17.09 -22.07 4.81
C VAL G 189 17.16 -22.27 3.30
N TYR G 190 17.88 -21.38 2.62
CA TYR G 190 18.07 -21.49 1.17
C TYR G 190 18.61 -22.88 0.78
N GLU G 191 19.62 -23.36 1.52
CA GLU G 191 20.25 -24.64 1.21
C GLU G 191 19.33 -25.84 1.43
N CYS G 192 18.60 -25.86 2.56
CA CYS G 192 17.60 -26.90 2.82
C CYS G 192 16.56 -26.93 1.70
N LEU G 193 15.94 -25.78 1.44
CA LEU G 193 14.85 -25.68 0.45
C LEU G 193 15.25 -26.03 -0.99
N ARG G 194 16.39 -25.55 -1.45
CA ARG G 194 16.83 -25.83 -2.81
C ARG G 194 17.14 -27.32 -2.98
N GLY G 195 17.48 -27.99 -1.88
CA GLY G 195 17.82 -29.42 -1.88
C GLY G 195 16.64 -30.36 -2.05
N GLY G 196 15.42 -29.84 -1.92
CA GLY G 196 14.23 -30.65 -2.18
C GLY G 196 13.15 -30.65 -1.13
N LEU G 197 13.38 -29.96 0.00
CA LEU G 197 12.37 -29.85 1.04
C LEU G 197 11.34 -28.78 0.68
N ASP G 198 10.08 -29.01 1.06
CA ASP G 198 9.01 -28.05 0.86
C ASP G 198 9.12 -26.91 1.87
N PHE G 199 9.46 -27.28 3.11
CA PHE G 199 9.45 -26.36 4.24
C PHE G 199 10.73 -26.40 5.05
N THR G 200 11.07 -25.25 5.62
CA THR G 200 12.00 -25.18 6.73
C THR G 200 11.26 -24.51 7.88
N ASP G 202 11.60 -22.25 11.95
CA ASP G 202 12.20 -21.77 13.18
C ASP G 202 12.06 -22.87 14.21
N ASP G 203 13.04 -23.02 15.09
CA ASP G 203 12.85 -23.89 16.23
C ASP G 203 11.78 -23.27 17.10
N GLU G 204 11.08 -24.08 17.90
CA GLU G 204 10.01 -23.57 18.74
C GLU G 204 10.44 -22.41 19.63
N ASN G 205 11.71 -22.40 20.05
CA ASN G 205 12.22 -21.37 20.96
C ASN G 205 12.96 -20.21 20.29
N ILE G 206 12.94 -20.19 18.97
CA ILE G 206 13.42 -19.06 18.21
C ILE G 206 12.26 -18.06 18.10
N ASN G 207 12.35 -16.97 18.87
CA ASN G 207 11.36 -15.91 18.80
C ASN G 207 12.08 -14.63 18.38
N SER G 208 12.53 -13.85 19.36
CA SER G 208 13.44 -12.75 19.08
C SER G 208 14.43 -12.65 20.23
N GLN G 209 15.73 -12.73 19.93
CA GLN G 209 16.73 -12.80 20.98
C GLN G 209 17.98 -11.94 20.66
N PRO G 210 18.85 -11.70 21.66
CA PRO G 210 20.09 -10.94 21.45
C PRO G 210 20.99 -11.44 20.30
N PHE G 211 21.02 -12.74 20.05
CA PHE G 211 21.84 -13.29 18.97
C PHE G 211 21.16 -13.18 17.60
N GLN G 212 19.86 -12.91 17.60
CA GLN G 212 19.07 -12.89 16.35
C GLN G 212 17.70 -12.28 16.59
N ARG G 213 17.51 -11.06 16.08
CA ARG G 213 16.23 -10.35 16.20
C ARG G 213 15.27 -10.79 15.10
N TRP G 214 13.97 -10.83 15.43
CA TRP G 214 12.98 -11.47 14.56
C TRP G 214 12.86 -10.84 13.17
N ARG G 215 12.86 -9.51 13.11
CA ARG G 215 12.66 -8.80 11.84
C ARG G 215 13.81 -9.07 10.85
N ASP G 216 15.05 -9.10 11.36
CA ASP G 216 16.21 -9.49 10.55
C ASP G 216 16.05 -10.90 10.01
N ARG G 217 15.64 -11.84 10.87
CA ARG G 217 15.37 -13.22 10.46
C ARG G 217 14.33 -13.30 9.36
N PHE G 218 13.18 -12.65 9.58
CA PHE G 218 12.04 -12.70 8.64
C PHE G 218 12.48 -12.25 7.24
N LEU G 219 13.29 -11.19 7.21
CA LEU G 219 13.76 -10.59 5.97
C LEU G 219 14.66 -11.54 5.17
N PHE G 220 15.64 -12.13 5.86
CA PHE G 220 16.62 -13.00 5.22
C PHE G 220 16.02 -14.33 4.81
N VAL G 221 15.05 -14.80 5.60
CA VAL G 221 14.32 -16.01 5.27
C VAL G 221 13.48 -15.81 4.00
N ALA G 222 12.89 -14.62 3.86
CA ALA G 222 12.10 -14.30 2.68
C ALA G 222 12.98 -14.32 1.42
N ASP G 223 14.17 -13.72 1.51
CA ASP G 223 15.17 -13.79 0.43
C ASP G 223 15.53 -15.23 0.07
N ALA G 224 15.75 -16.07 1.08
CA ALA G 224 16.08 -17.48 0.88
C ALA G 224 14.97 -18.25 0.18
N ILE G 225 13.72 -18.02 0.57
CA ILE G 225 12.57 -18.66 -0.06
C ILE G 225 12.45 -18.27 -1.54
N HIS G 226 12.54 -16.97 -1.82
CA HIS G 226 12.45 -16.46 -3.18
CA HIS G 226 12.47 -16.44 -3.17
C HIS G 226 13.53 -17.09 -4.07
N LYS G 227 14.76 -17.15 -3.58
CA LYS G 227 15.86 -17.76 -4.35
C LYS G 227 15.63 -19.26 -4.61
N ALA G 228 15.27 -20.01 -3.56
CA ALA G 228 15.06 -21.46 -3.67
C ALA G 228 13.82 -21.82 -4.49
N GLN G 229 12.79 -20.98 -4.42
CA GLN G 229 11.58 -21.18 -5.21
C GLN G 229 11.85 -20.96 -6.71
N ALA G 230 12.59 -19.90 -7.04
CA ALA G 230 12.98 -19.58 -8.41
C ALA G 230 13.88 -20.66 -9.03
N GLU G 231 14.80 -21.20 -8.23
CA GLU G 231 15.73 -22.22 -8.71
C GLU G 231 15.11 -23.59 -8.94
N THR G 232 14.17 -23.98 -8.08
CA THR G 232 13.58 -25.33 -8.14
C THR G 232 12.27 -25.41 -8.91
N GLY G 233 11.57 -24.29 -9.02
CA GLY G 233 10.24 -24.28 -9.63
C GLY G 233 9.13 -24.88 -8.78
N GLU G 234 9.44 -25.13 -7.51
CA GLU G 234 8.45 -25.62 -6.54
C GLU G 234 8.15 -24.54 -5.50
N ILE G 235 6.90 -24.47 -5.07
CA ILE G 235 6.51 -23.54 -4.02
C ILE G 235 7.19 -23.92 -2.71
N LYS G 236 7.84 -22.93 -2.08
CA LYS G 236 8.58 -23.15 -0.85
C LYS G 236 8.01 -22.31 0.29
N GLY G 237 8.24 -22.77 1.52
CA GLY G 237 7.80 -22.05 2.70
C GLY G 237 8.76 -22.25 3.85
N HIS G 238 8.64 -21.37 4.84
CA HIS G 238 9.36 -21.49 6.09
C HIS G 238 8.41 -21.02 7.17
N TYR G 239 8.17 -21.87 8.17
CA TYR G 239 7.30 -21.49 9.29
C TYR G 239 8.02 -20.45 10.14
N LEU G 240 7.71 -19.19 9.90
CA LEU G 240 8.26 -18.10 10.71
C LEU G 240 7.52 -18.05 12.04
N ASN G 241 8.28 -18.19 13.13
CA ASN G 241 7.71 -18.28 14.46
C ASN G 241 7.28 -16.90 14.93
N VAL G 242 5.97 -16.75 15.16
CA VAL G 242 5.42 -15.48 15.64
C VAL G 242 5.12 -15.51 17.14
N THR G 243 5.45 -16.63 17.79
CA THR G 243 5.32 -16.75 19.25
C THR G 243 5.99 -15.56 19.93
N ALA G 244 5.27 -14.91 20.85
CA ALA G 244 5.69 -13.60 21.35
C ALA G 244 5.28 -13.34 22.81
N PRO G 245 5.88 -12.31 23.45
CA PRO G 245 5.55 -11.95 24.83
C PRO G 245 4.10 -11.51 25.02
N THR G 246 3.57 -10.79 24.02
CA THR G 246 2.24 -10.17 24.07
C THR G 246 1.48 -10.42 22.78
N CYS G 247 0.16 -10.25 22.83
CA CYS G 247 -0.68 -10.42 21.64
C CYS G 247 -0.33 -9.41 20.56
N GLU G 248 0.00 -8.18 20.97
CA GLU G 248 0.32 -7.11 20.01
C GLU G 248 1.60 -7.43 19.24
N GLU G 249 2.56 -8.00 19.94
CA GLU G 249 3.85 -8.37 19.36
C GLU G 249 3.68 -9.60 18.44
N MET G 250 2.87 -10.55 18.87
CA MET G 250 2.51 -11.72 18.05
C MET G 250 1.91 -11.28 16.70
N LEU G 251 0.93 -10.38 16.75
CA LEU G 251 0.27 -9.91 15.54
C LEU G 251 1.17 -9.01 14.68
N LYS G 252 2.07 -8.27 15.32
CA LYS G 252 3.06 -7.46 14.60
C LYS G 252 3.95 -8.35 13.73
N ARG G 253 4.35 -9.48 14.29
CA ARG G 253 5.20 -10.42 13.57
C ARG G 253 4.45 -11.12 12.45
N ALA G 254 3.23 -11.58 12.73
CA ALA G 254 2.37 -12.13 11.70
C ALA G 254 2.14 -11.16 10.55
N GLU G 255 1.91 -9.89 10.88
CA GLU G 255 1.68 -8.85 9.86
C GLU G 255 2.89 -8.65 8.95
N PHE G 256 4.09 -8.68 9.53
CA PHE G 256 5.31 -8.57 8.74
C PHE G 256 5.52 -9.75 7.79
N ALA G 257 5.27 -10.97 8.27
CA ALA G 257 5.26 -12.14 7.39
C ALA G 257 4.30 -11.98 6.21
N LYS G 258 3.14 -11.38 6.49
CA LYS G 258 2.14 -11.10 5.46
C LYS G 258 2.66 -10.06 4.46
N GLU G 259 3.35 -9.04 4.98
CA GLU G 259 3.92 -7.98 4.17
C GLU G 259 5.00 -8.54 3.24
N LEU G 260 5.74 -9.54 3.72
CA LEU G 260 6.76 -10.23 2.94
C LEU G 260 6.17 -11.31 2.04
N GLU G 261 4.84 -11.45 2.08
CA GLU G 261 4.12 -12.45 1.27
C GLU G 261 4.52 -13.89 1.59
N MET G 262 4.84 -14.15 2.86
CA MET G 262 5.16 -15.49 3.31
C MET G 262 3.89 -16.33 3.38
N PRO G 263 3.95 -17.58 2.92
CA PRO G 263 2.74 -18.42 2.90
C PRO G 263 2.37 -19.06 4.24
N ILE G 264 3.29 -19.08 5.21
CA ILE G 264 3.09 -19.88 6.41
C ILE G 264 3.85 -19.32 7.62
N ILE G 265 3.20 -19.39 8.78
CA ILE G 265 3.84 -19.04 10.03
C ILE G 265 3.65 -20.17 11.04
N MET G 266 4.38 -20.11 12.14
CA MET G 266 4.18 -21.08 13.21
C MET G 266 3.89 -20.42 14.55
N HIS G 267 3.27 -21.19 15.45
CA HIS G 267 2.89 -20.69 16.77
C HIS G 267 2.94 -21.82 17.80
N ASP G 268 3.45 -21.50 18.99
CA ASP G 268 3.53 -22.47 20.09
C ASP G 268 2.27 -22.35 20.95
N PHE G 269 1.26 -23.15 20.66
CA PHE G 269 -0.09 -22.86 21.18
C PHE G 269 -0.28 -22.93 22.68
N LEU G 270 0.47 -23.81 23.35
CA LEU G 270 0.36 -23.97 24.81
C LEU G 270 1.19 -23.00 25.62
N THR G 271 2.40 -22.70 25.15
CA THR G 271 3.25 -21.75 25.89
C THR G 271 2.75 -20.32 25.70
N ALA G 272 2.22 -20.02 24.51
CA ALA G 272 1.55 -18.74 24.27
C ALA G 272 0.16 -18.74 24.88
N GLY G 273 -0.60 -19.81 24.65
CA GLY G 273 -1.90 -19.98 25.30
C GLY G 273 -3.06 -19.88 24.33
N PHE G 274 -4.22 -20.39 24.73
CA PHE G 274 -5.36 -20.52 23.82
C PHE G 274 -6.01 -19.22 23.39
N THR G 275 -5.95 -18.20 24.25
CA THR G 275 -6.50 -16.88 23.92
C THR G 275 -5.71 -16.26 22.77
N ALA G 276 -4.38 -16.22 22.91
CA ALA G 276 -3.50 -15.74 21.84
C ALA G 276 -3.63 -16.61 20.59
N ASN G 277 -3.67 -17.92 20.76
CA ASN G 277 -3.80 -18.81 19.60
C ASN G 277 -5.08 -18.62 18.81
N THR G 278 -6.19 -18.43 19.52
CA THR G 278 -7.48 -18.23 18.85
C THR G 278 -7.48 -16.90 18.08
N THR G 279 -6.87 -15.87 18.67
CA THR G 279 -6.66 -14.58 18.00
C THR G 279 -5.87 -14.78 16.69
N LEU G 280 -4.79 -15.54 16.77
CA LEU G 280 -3.91 -15.75 15.62
C LEU G 280 -4.60 -16.57 14.53
N SER G 281 -5.32 -17.61 14.94
CA SER G 281 -6.07 -18.45 13.99
C SER G 281 -7.10 -17.64 13.20
N LYS G 282 -7.75 -16.69 13.85
CA LYS G 282 -8.72 -15.83 13.18
C LYS G 282 -8.01 -14.88 12.24
N TRP G 283 -6.88 -14.36 12.68
CA TRP G 283 -6.07 -13.49 11.85
C TRP G 283 -5.59 -14.24 10.60
N CYS G 284 -5.17 -15.50 10.77
CA CYS G 284 -4.71 -16.35 9.66
C CYS G 284 -5.80 -16.58 8.63
N ARG G 285 -7.00 -16.89 9.11
CA ARG G 285 -8.15 -17.01 8.22
C ARG G 285 -8.41 -15.69 7.47
N ASP G 286 -8.35 -14.57 8.20
CA ASP G 286 -8.62 -13.25 7.62
C ASP G 286 -7.58 -12.82 6.58
N ASN G 287 -6.38 -13.40 6.67
CA ASN G 287 -5.23 -12.98 5.89
C ASN G 287 -4.68 -14.05 4.94
N GLY G 288 -5.34 -15.20 4.87
CA GLY G 288 -4.90 -16.29 3.97
C GLY G 288 -3.56 -16.89 4.37
N MET G 289 -3.24 -16.81 5.65
CA MET G 289 -1.97 -17.30 6.15
C MET G 289 -2.11 -18.72 6.69
N LEU G 290 -1.22 -19.61 6.26
CA LEU G 290 -1.19 -20.98 6.81
C LEU G 290 -0.58 -20.98 8.21
N LEU G 291 -1.13 -21.81 9.09
CA LEU G 291 -0.71 -21.79 10.50
C LEU G 291 -0.19 -23.13 10.97
N HIS G 292 1.12 -23.21 11.18
CA HIS G 292 1.76 -24.41 11.70
C HIS G 292 1.78 -24.34 13.21
N ILE G 293 1.30 -25.38 13.88
CA ILE G 293 1.23 -25.33 15.35
C ILE G 293 2.25 -26.26 16.01
N HIS G 294 3.10 -25.69 16.85
CA HIS G 294 4.05 -26.45 17.67
C HIS G 294 3.43 -26.70 19.02
N ARG G 295 3.55 -27.94 19.51
CA ARG G 295 2.92 -28.35 20.76
C ARG G 295 3.85 -28.31 21.99
N ALA G 296 4.89 -27.46 21.94
CA ALA G 296 5.80 -27.26 23.08
C ALA G 296 5.07 -27.17 24.42
N MET G 297 5.58 -27.94 25.39
CA MET G 297 5.06 -28.04 26.75
C MET G 297 3.99 -29.13 26.94
N HIS G 298 3.51 -29.73 25.86
CA HIS G 298 2.44 -30.73 25.97
C HIS G 298 2.78 -31.88 26.92
N ALA G 299 4.02 -32.38 26.85
CA ALA G 299 4.44 -33.54 27.65
C ALA G 299 4.51 -33.28 29.15
N VAL G 300 4.51 -32.00 29.53
CA VAL G 300 4.39 -31.59 30.93
C VAL G 300 3.05 -32.08 31.51
N MET G 301 2.02 -32.08 30.67
CA MET G 301 0.64 -32.38 31.06
C MET G 301 0.19 -33.77 30.65
N ASP G 302 0.70 -34.27 29.53
CA ASP G 302 0.07 -35.40 28.84
C ASP G 302 0.79 -36.76 28.87
N ARG G 303 1.95 -36.83 29.52
CA ARG G 303 2.76 -38.03 29.43
C ARG G 303 2.34 -39.17 30.36
N GLN G 304 2.07 -38.84 31.62
CA GLN G 304 1.80 -39.85 32.63
C GLN G 304 0.35 -40.33 32.62
N LYS G 305 0.17 -41.64 32.74
CA LYS G 305 -1.15 -42.29 32.70
C LYS G 305 -2.07 -41.91 33.85
N ASN G 306 -1.50 -41.63 35.01
CA ASN G 306 -2.31 -41.43 36.22
C ASN G 306 -2.85 -40.01 36.40
N HIS G 307 -2.23 -39.03 35.76
CA HIS G 307 -2.53 -37.63 36.01
C HIS G 307 -2.19 -36.69 34.84
N GLY G 308 -3.05 -35.70 34.63
CA GLY G 308 -2.84 -34.70 33.58
C GLY G 308 -3.98 -34.69 32.56
N ILE G 309 -3.64 -34.34 31.32
CA ILE G 309 -4.64 -34.24 30.25
C ILE G 309 -4.05 -34.96 29.05
N HIS G 310 -4.78 -35.94 28.51
CA HIS G 310 -4.27 -36.65 27.37
C HIS G 310 -4.13 -35.72 26.17
N PHE G 311 -3.13 -35.99 25.33
CA PHE G 311 -2.90 -35.17 24.16
C PHE G 311 -4.10 -35.12 23.21
N ARG G 312 -4.91 -36.19 23.17
CA ARG G 312 -6.05 -36.21 22.28
C ARG G 312 -7.04 -35.07 22.59
N VAL G 313 -7.13 -34.70 23.86
CA VAL G 313 -7.97 -33.58 24.31
C VAL G 313 -7.33 -32.26 23.89
N LEU G 314 -6.03 -32.11 24.13
CA LEU G 314 -5.29 -30.92 23.69
C LEU G 314 -5.38 -30.76 22.18
N ALA G 315 -5.31 -31.88 21.45
CA ALA G 315 -5.43 -31.88 19.99
C ALA G 315 -6.81 -31.44 19.49
N LYS G 316 -7.87 -31.91 20.15
CA LYS G 316 -9.24 -31.48 19.82
C LYS G 316 -9.38 -29.97 20.06
N CYS G 317 -8.84 -29.50 21.18
CA CYS G 317 -8.85 -28.08 21.55
C CYS G 317 -8.10 -27.23 20.52
N LEU G 318 -6.98 -27.75 20.03
CA LEU G 318 -6.24 -27.04 18.99
C LEU G 318 -7.01 -27.00 17.68
N ARG G 319 -7.65 -28.10 17.30
CA ARG G 319 -8.43 -28.10 16.06
C ARG G 319 -9.57 -27.07 16.12
N MET G 320 -10.19 -26.95 17.29
CA MET G 320 -11.28 -25.99 17.50
C MET G 320 -10.77 -24.54 17.49
N SER G 321 -9.73 -24.26 18.28
CA SER G 321 -9.09 -22.94 18.30
C SER G 321 -8.59 -22.60 16.90
N GLY G 322 -7.87 -23.55 16.30
CA GLY G 322 -7.47 -23.45 14.91
C GLY G 322 -5.98 -23.60 14.68
N GLY G 323 -5.64 -24.47 13.72
CA GLY G 323 -4.27 -24.64 13.23
C GLY G 323 -4.35 -25.48 11.97
N ASP G 324 -3.46 -25.22 11.02
CA ASP G 324 -3.42 -25.98 9.77
C ASP G 324 -2.53 -27.22 9.85
N HIS G 325 -1.44 -27.13 10.62
CA HIS G 325 -0.60 -28.29 10.96
C HIS G 325 -0.56 -28.40 12.47
N ILE G 326 -0.43 -29.62 12.98
CA ILE G 326 -0.02 -29.79 14.37
C ILE G 326 0.90 -31.01 14.54
N HIS G 327 1.92 -30.84 15.37
CA HIS G 327 2.82 -31.94 15.72
C HIS G 327 2.08 -33.08 16.40
N THR G 328 2.32 -34.30 15.93
CA THR G 328 1.61 -35.48 16.41
C THR G 328 2.53 -36.58 16.97
N GLY G 329 3.83 -36.31 16.99
CA GLY G 329 4.83 -37.31 17.35
C GLY G 329 5.27 -38.13 16.15
N THR G 330 6.22 -39.04 16.37
CA THR G 330 6.82 -39.82 15.29
C THR G 330 6.59 -41.32 15.49
N VAL G 331 6.37 -41.71 16.74
CA VAL G 331 6.32 -43.13 17.16
C VAL G 331 7.74 -43.70 17.29
N VAL G 332 8.52 -43.54 16.22
CA VAL G 332 9.84 -44.18 16.09
C VAL G 332 11.05 -43.29 16.45
N GLY G 333 10.80 -42.01 16.70
CA GLY G 333 11.88 -41.04 16.97
C GLY G 333 12.29 -40.90 18.42
N LYS G 334 12.94 -39.77 18.73
CA LYS G 334 13.56 -39.53 20.05
C LYS G 334 12.55 -39.20 21.16
N LEU G 335 11.32 -38.88 20.77
CA LEU G 335 10.27 -38.51 21.72
C LEU G 335 9.16 -39.54 21.73
N GLU G 336 8.54 -39.72 22.89
CA GLU G 336 7.56 -40.77 23.12
C GLU G 336 6.31 -40.60 22.28
N GLY G 337 5.80 -41.72 21.76
CA GLY G 337 4.54 -41.76 21.04
C GLY G 337 4.13 -43.19 20.77
N ASP G 338 3.28 -43.74 21.62
CA ASP G 338 2.73 -45.09 21.44
C ASP G 338 1.91 -45.13 20.15
N LYS G 339 2.10 -46.19 19.35
CA LYS G 339 1.47 -46.29 18.03
C LYS G 339 -0.06 -46.33 18.08
N ALA G 340 -0.61 -47.10 19.03
CA ALA G 340 -2.06 -47.24 19.14
C ALA G 340 -2.68 -45.88 19.49
N VAL G 341 -2.13 -45.24 20.52
CA VAL G 341 -2.59 -43.95 21.01
C VAL G 341 -2.48 -42.87 19.93
N THR G 342 -1.38 -42.91 19.17
CA THR G 342 -1.09 -41.93 18.13
C THR G 342 -2.06 -42.01 16.94
N LEU G 343 -2.31 -43.23 16.46
CA LEU G 343 -3.21 -43.43 15.32
C LEU G 343 -4.62 -42.93 15.63
N GLY G 344 -5.04 -43.09 16.88
CA GLY G 344 -6.33 -42.58 17.35
C GLY G 344 -6.44 -41.06 17.26
N PHE G 345 -5.51 -40.34 17.89
CA PHE G 345 -5.61 -38.88 17.88
C PHE G 345 -5.21 -38.24 16.55
N VAL G 346 -4.47 -38.99 15.72
CA VAL G 346 -4.24 -38.55 14.35
C VAL G 346 -5.57 -38.54 13.59
N ASP G 347 -6.37 -39.60 13.74
CA ASP G 347 -7.71 -39.65 13.15
C ASP G 347 -8.63 -38.53 13.66
N LEU G 348 -8.58 -38.27 14.97
CA LEU G 348 -9.40 -37.23 15.58
C LEU G 348 -9.05 -35.83 15.05
N LEU G 349 -7.83 -35.68 14.55
CA LEU G 349 -7.34 -34.40 14.03
C LEU G 349 -7.63 -34.22 12.55
N ARG G 350 -7.71 -35.31 11.81
CA ARG G 350 -7.79 -35.23 10.36
C ARG G 350 -9.16 -35.54 9.79
N GLU G 351 -9.89 -36.44 10.45
CA GLU G 351 -11.14 -36.97 9.89
C GLU G 351 -12.37 -36.17 10.33
N ASN G 352 -13.46 -36.35 9.60
CA ASN G 352 -14.73 -35.69 9.92
C ASN G 352 -15.58 -36.50 10.91
N TYR G 353 -15.43 -37.82 10.87
CA TYR G 353 -16.22 -38.69 11.74
C TYR G 353 -15.35 -39.82 12.29
N ILE G 354 -15.24 -39.87 13.61
CA ILE G 354 -14.41 -40.88 14.26
C ILE G 354 -15.24 -41.67 15.27
N GLU G 355 -15.36 -42.97 15.00
CA GLU G 355 -16.13 -43.88 15.84
C GLU G 355 -15.37 -44.21 17.12
N GLN G 356 -16.10 -44.31 18.22
CA GLN G 356 -15.57 -44.78 19.50
C GLN G 356 -14.74 -46.06 19.29
N ASP G 357 -13.56 -46.08 19.91
CA ASP G 357 -12.61 -47.19 19.77
C ASP G 357 -11.59 -47.16 20.91
N ARG G 358 -11.91 -47.84 22.00
CA ARG G 358 -11.05 -47.88 23.20
C ARG G 358 -9.66 -48.51 22.98
N SER G 359 -9.54 -49.37 21.98
CA SER G 359 -8.23 -49.92 21.60
C SER G 359 -7.26 -48.85 21.11
N ARG G 360 -7.81 -47.73 20.62
CA ARG G 360 -7.00 -46.58 20.20
C ARG G 360 -7.25 -45.33 21.06
N GLY G 361 -7.82 -45.55 22.24
CA GLY G 361 -8.04 -44.48 23.21
C GLY G 361 -9.15 -43.52 22.85
N ILE G 362 -10.00 -43.91 21.89
CA ILE G 362 -11.13 -43.08 21.50
C ILE G 362 -12.35 -43.45 22.34
N TYR G 363 -12.55 -42.70 23.42
CA TYR G 363 -13.62 -42.94 24.38
C TYR G 363 -14.99 -42.55 23.86
N PHE G 364 -15.01 -41.58 22.95
CA PHE G 364 -16.27 -41.05 22.45
C PHE G 364 -16.24 -40.98 20.93
N THR G 365 -17.40 -41.22 20.32
CA THR G 365 -17.58 -40.96 18.91
C THR G 365 -17.56 -39.44 18.69
N GLN G 366 -16.80 -38.99 17.69
CA GLN G 366 -16.64 -37.56 17.47
C GLN G 366 -17.05 -37.19 16.06
N ASP G 367 -18.08 -36.36 15.96
CA ASP G 367 -18.51 -35.80 14.69
C ASP G 367 -18.00 -34.36 14.65
N TRP G 368 -17.24 -34.02 13.61
CA TRP G 368 -16.62 -32.71 13.49
C TRP G 368 -17.44 -31.70 12.67
N ALA G 369 -18.57 -32.14 12.11
CA ALA G 369 -19.50 -31.26 11.41
C ALA G 369 -18.84 -30.38 10.34
N SER G 370 -18.01 -31.02 9.51
CA SER G 370 -17.30 -30.35 8.40
C SER G 370 -16.26 -29.31 8.83
N MET G 371 -15.88 -29.30 10.11
CA MET G 371 -14.72 -28.52 10.54
C MET G 371 -13.48 -29.08 9.81
N PRO G 372 -12.70 -28.22 9.15
CA PRO G 372 -11.54 -28.68 8.38
C PRO G 372 -10.57 -29.50 9.21
N GLY G 373 -9.88 -30.43 8.56
CA GLY G 373 -8.90 -31.29 9.21
C GLY G 373 -7.54 -30.64 9.33
N VAL G 374 -6.73 -31.14 10.25
CA VAL G 374 -5.40 -30.60 10.52
C VAL G 374 -4.33 -31.57 9.99
N MET G 375 -3.33 -31.03 9.29
CA MET G 375 -2.18 -31.83 8.85
C MET G 375 -1.40 -32.35 10.06
N ALA G 376 -1.11 -33.64 10.07
CA ALA G 376 -0.28 -34.24 11.11
C ALA G 376 1.19 -33.93 10.82
N VAL G 377 1.97 -33.67 11.87
CA VAL G 377 3.40 -33.40 11.70
C VAL G 377 4.22 -34.38 12.55
N ALA G 378 5.05 -35.17 11.87
CA ALA G 378 5.95 -36.11 12.54
C ALA G 378 7.35 -35.50 12.57
N SER G 379 7.86 -35.26 13.77
CA SER G 379 9.13 -34.58 13.95
C SER G 379 9.85 -35.05 15.22
N GLY G 380 11.19 -35.12 15.17
CA GLY G 380 11.99 -35.39 16.36
C GLY G 380 12.74 -36.71 16.37
N GLY G 381 14.04 -36.65 16.10
CA GLY G 381 14.92 -37.81 16.15
C GLY G 381 14.68 -38.82 15.05
N ILE G 382 14.20 -38.34 13.90
CA ILE G 382 13.96 -39.22 12.78
C ILE G 382 14.97 -39.01 11.66
N HIS G 383 15.25 -40.08 10.92
CA HIS G 383 16.18 -40.04 9.79
C HIS G 383 15.70 -40.94 8.66
N VAL G 384 16.46 -40.98 7.57
CA VAL G 384 16.08 -41.70 6.34
C VAL G 384 15.61 -43.15 6.51
N TRP G 385 16.18 -43.86 7.48
CA TRP G 385 15.79 -45.25 7.76
C TRP G 385 14.35 -45.37 8.27
N HIS G 386 13.84 -44.32 8.89
CA HIS G 386 12.47 -44.28 9.43
C HIS G 386 11.41 -44.01 8.36
N MET G 387 11.83 -43.59 7.17
CA MET G 387 10.91 -43.12 6.13
C MET G 387 9.76 -44.10 5.77
N PRO G 388 10.07 -45.40 5.54
CA PRO G 388 8.98 -46.33 5.21
C PRO G 388 7.95 -46.47 6.33
N ALA G 389 8.42 -46.48 7.58
CA ALA G 389 7.52 -46.56 8.73
C ALA G 389 6.68 -45.27 8.88
N LEU G 390 7.30 -44.12 8.65
CA LEU G 390 6.61 -42.83 8.75
C LEU G 390 5.51 -42.69 7.70
N VAL G 391 5.81 -43.10 6.47
CA VAL G 391 4.83 -43.09 5.40
C VAL G 391 3.67 -44.04 5.71
N ASP G 392 4.00 -45.22 6.22
CA ASP G 392 3.00 -46.24 6.52
C ASP G 392 2.09 -45.87 7.69
N ILE G 393 2.67 -45.28 8.74
CA ILE G 393 1.90 -44.88 9.91
C ILE G 393 0.98 -43.68 9.62
N PHE G 394 1.53 -42.63 9.02
CA PHE G 394 0.82 -41.35 8.90
C PHE G 394 0.07 -41.11 7.60
N GLY G 395 0.44 -41.82 6.53
CA GLY G 395 -0.17 -41.62 5.21
C GLY G 395 0.25 -40.31 4.56
N ASP G 396 -0.53 -39.86 3.58
CA ASP G 396 -0.19 -38.65 2.80
C ASP G 396 -0.33 -37.33 3.55
N ASP G 397 -1.36 -37.21 4.39
CA ASP G 397 -1.72 -35.90 4.96
C ASP G 397 -0.93 -35.62 6.22
N ALA G 398 0.37 -35.52 6.03
CA ALA G 398 1.31 -35.35 7.11
C ALA G 398 2.48 -34.53 6.60
N VAL G 399 3.20 -33.93 7.53
CA VAL G 399 4.45 -33.27 7.20
C VAL G 399 5.52 -34.00 7.99
N LEU G 400 6.58 -34.41 7.30
CA LEU G 400 7.67 -35.14 7.95
C LEU G 400 8.86 -34.22 8.06
N GLN G 401 9.31 -33.98 9.30
CA GLN G 401 10.34 -32.97 9.56
C GLN G 401 11.64 -33.56 10.08
N PHE G 402 12.75 -33.14 9.47
CA PHE G 402 14.07 -33.67 9.78
C PHE G 402 15.03 -32.51 10.09
N GLY G 403 15.31 -32.30 11.37
CA GLY G 403 16.25 -31.24 11.77
C GLY G 403 17.69 -31.72 11.65
N GLY G 404 18.17 -32.40 12.69
CA GLY G 404 19.47 -33.07 12.66
C GLY G 404 19.58 -34.07 11.52
N GLY G 405 18.45 -34.69 11.16
CA GLY G 405 18.40 -35.62 10.03
C GLY G 405 18.67 -35.00 8.67
N THR G 406 18.72 -33.67 8.63
CA THR G 406 19.08 -32.95 7.40
C THR G 406 20.42 -32.24 7.60
N LEU G 407 20.50 -31.38 8.61
CA LEU G 407 21.69 -30.58 8.89
C LEU G 407 22.87 -31.41 9.39
N GLY G 408 22.59 -32.64 9.82
CA GLY G 408 23.61 -33.56 10.33
C GLY G 408 24.12 -34.54 9.29
N HIS G 409 23.73 -34.32 8.03
CA HIS G 409 24.18 -35.13 6.91
C HIS G 409 25.68 -34.88 6.68
N PRO G 410 26.45 -35.95 6.36
CA PRO G 410 27.90 -35.87 6.15
C PRO G 410 28.37 -34.75 5.20
N TRP G 411 27.56 -34.42 4.19
CA TRP G 411 27.94 -33.45 3.16
C TRP G 411 27.27 -32.07 3.32
N GLY G 412 26.39 -31.93 4.30
CA GLY G 412 25.74 -30.64 4.57
C GLY G 412 24.24 -30.62 4.34
N ASN G 413 23.71 -29.43 4.06
CA ASN G 413 22.27 -29.19 4.02
C ASN G 413 21.57 -29.63 2.74
N ALA G 414 22.05 -29.13 1.60
CA ALA G 414 21.42 -29.42 0.31
C ALA G 414 21.42 -30.92 0.01
N PRO G 415 22.57 -31.62 0.15
CA PRO G 415 22.57 -33.08 0.06
C PRO G 415 21.67 -33.72 1.11
N GLY G 416 21.71 -33.21 2.33
CA GLY G 416 20.84 -33.68 3.41
C GLY G 416 19.37 -33.65 3.03
N ALA G 417 18.96 -32.54 2.42
CA ALA G 417 17.59 -32.37 1.92
C ALA G 417 17.26 -33.36 0.81
N THR G 418 18.15 -33.45 -0.18
CA THR G 418 17.97 -34.37 -1.31
C THR G 418 17.86 -35.83 -0.86
N ALA G 419 18.68 -36.20 0.12
CA ALA G 419 18.62 -37.53 0.74
C ALA G 419 17.21 -37.84 1.25
N ASN G 420 16.62 -36.90 1.99
CA ASN G 420 15.28 -37.07 2.54
C ASN G 420 14.19 -37.06 1.46
N ARG G 421 14.32 -36.18 0.48
CA ARG G 421 13.36 -36.05 -0.61
C ARG G 421 13.34 -37.31 -1.50
N VAL G 422 14.52 -37.82 -1.84
CA VAL G 422 14.64 -39.08 -2.59
C VAL G 422 14.02 -40.22 -1.78
N ALA G 423 14.40 -40.32 -0.50
CA ALA G 423 13.88 -41.35 0.40
C ALA G 423 12.36 -41.37 0.49
N LEU G 424 11.75 -40.18 0.55
CA LEU G 424 10.28 -40.07 0.59
C LEU G 424 9.64 -40.50 -0.71
N GLU G 425 10.10 -39.93 -1.82
CA GLU G 425 9.53 -40.20 -3.14
C GLU G 425 9.67 -41.67 -3.55
N ALA G 426 10.75 -42.31 -3.11
CA ALA G 426 10.95 -43.75 -3.31
C ALA G 426 9.94 -44.55 -2.51
N CYS G 427 9.71 -44.14 -1.26
CA CYS G 427 8.71 -44.77 -0.39
C CYS G 427 7.28 -44.60 -0.93
N ILE G 428 7.02 -43.47 -1.58
CA ILE G 428 5.71 -43.21 -2.20
C ILE G 428 5.48 -44.11 -3.41
N GLN G 429 6.44 -44.10 -4.34
CA GLN G 429 6.39 -44.93 -5.55
C GLN G 429 6.17 -46.40 -5.19
N ALA G 430 7.00 -46.90 -4.27
CA ALA G 430 6.93 -48.28 -3.80
C ALA G 430 5.55 -48.63 -3.23
N ARG G 431 5.01 -47.75 -2.38
CA ARG G 431 3.67 -47.96 -1.81
C ARG G 431 2.59 -47.96 -2.89
N ASN G 432 2.70 -47.05 -3.85
CA ASN G 432 1.75 -46.97 -4.97
C ASN G 432 1.91 -48.12 -5.98
N GLU G 433 2.94 -48.94 -5.79
CA GLU G 433 3.14 -50.15 -6.61
C GLU G 433 2.60 -51.40 -5.91
N GLY G 434 2.16 -51.23 -4.67
CA GLY G 434 1.52 -52.31 -3.90
C GLY G 434 2.45 -52.99 -2.92
N ARG G 435 3.65 -52.44 -2.75
CA ARG G 435 4.66 -53.04 -1.88
C ARG G 435 4.38 -52.75 -0.41
N ASP G 436 4.75 -53.70 0.45
CA ASP G 436 4.52 -53.60 1.89
C ASP G 436 5.69 -52.87 2.54
N LEU G 437 5.45 -51.63 2.95
CA LEU G 437 6.48 -50.76 3.51
C LEU G 437 7.04 -51.27 4.84
N MET G 438 6.21 -52.00 5.60
CA MET G 438 6.66 -52.58 6.87
C MET G 438 7.53 -53.83 6.67
N ARG G 439 7.33 -54.53 5.56
CA ARG G 439 8.15 -55.69 5.21
C ARG G 439 9.35 -55.32 4.36
N GLU G 440 9.12 -54.53 3.32
CA GLU G 440 10.14 -54.17 2.34
C GLU G 440 10.83 -52.84 2.64
N GLY G 441 10.65 -52.34 3.86
CA GLY G 441 11.19 -51.04 4.28
C GLY G 441 12.66 -50.81 3.96
N GLY G 442 13.52 -51.61 4.56
CA GLY G 442 14.96 -51.55 4.33
C GLY G 442 15.36 -51.74 2.88
N ASP G 443 14.63 -52.60 2.18
CA ASP G 443 14.90 -52.89 0.76
C ASP G 443 14.65 -51.68 -0.14
N ILE G 444 13.56 -50.96 0.10
CA ILE G 444 13.19 -49.77 -0.67
C ILE G 444 14.24 -48.66 -0.52
N ILE G 445 14.70 -48.44 0.71
CA ILE G 445 15.75 -47.46 1.01
C ILE G 445 17.08 -47.85 0.33
N ARG G 446 17.44 -49.13 0.44
CA ARG G 446 18.65 -49.65 -0.20
C ARG G 446 18.60 -49.56 -1.73
N GLU G 447 17.44 -49.87 -2.30
CA GLU G 447 17.22 -49.73 -3.76
C GLU G 447 17.44 -48.30 -4.24
N ALA G 448 16.91 -47.34 -3.50
CA ALA G 448 17.02 -45.94 -3.86
C ALA G 448 18.42 -45.39 -3.64
N ALA G 449 19.14 -45.96 -2.69
CA ALA G 449 20.52 -45.57 -2.35
C ALA G 449 21.49 -45.73 -3.53
N ARG G 450 21.21 -46.70 -4.40
CA ARG G 450 22.03 -46.95 -5.60
C ARG G 450 22.03 -45.73 -6.53
N TRP G 451 20.88 -45.11 -6.66
CA TRP G 451 20.70 -43.96 -7.55
C TRP G 451 21.11 -42.65 -6.87
N SER G 452 21.12 -42.64 -5.53
CA SER G 452 21.37 -41.42 -4.78
C SER G 452 22.54 -41.52 -3.80
N PRO G 453 23.70 -40.94 -4.18
CA PRO G 453 24.86 -40.91 -3.29
C PRO G 453 24.57 -40.15 -1.99
N GLU G 454 23.73 -39.11 -2.07
CA GLU G 454 23.25 -38.37 -0.89
C GLU G 454 22.57 -39.34 0.08
N LEU G 455 21.65 -40.15 -0.45
CA LEU G 455 20.93 -41.12 0.35
C LEU G 455 21.87 -42.18 0.94
N ALA G 456 22.77 -42.69 0.09
CA ALA G 456 23.77 -43.68 0.50
C ALA G 456 24.54 -43.18 1.71
N ALA G 457 25.04 -41.95 1.64
CA ALA G 457 25.80 -41.34 2.73
C ALA G 457 24.97 -41.17 4.00
N ALA G 458 23.69 -40.81 3.85
CA ALA G 458 22.78 -40.64 4.97
C ALA G 458 22.49 -41.97 5.68
N CYS G 459 22.25 -43.01 4.87
CA CYS G 459 22.01 -44.37 5.37
C CYS G 459 23.17 -44.92 6.20
N GLU G 460 24.39 -44.74 5.70
CA GLU G 460 25.60 -45.26 6.36
C GLU G 460 25.81 -44.63 7.72
N LEU G 461 25.59 -43.31 7.80
CA LEU G 461 25.83 -42.56 9.03
C LEU G 461 24.88 -42.95 10.17
N TRP G 462 23.62 -43.22 9.83
CA TRP G 462 22.58 -43.42 10.84
C TRP G 462 22.02 -44.84 10.90
N LYS G 463 22.73 -45.80 10.30
CA LYS G 463 22.35 -47.22 10.34
C LYS G 463 21.99 -47.74 11.73
N GLU G 464 22.87 -47.47 12.70
CA GLU G 464 22.76 -48.05 14.04
C GLU G 464 21.84 -47.27 14.99
N ILE G 465 21.29 -46.14 14.51
CA ILE G 465 20.55 -45.23 15.38
C ILE G 465 19.05 -45.59 15.49
N LYS G 466 18.69 -46.09 16.66
CA LYS G 466 17.31 -46.43 16.98
C LYS G 466 16.95 -45.86 18.34
N PHE G 467 15.68 -45.50 18.51
CA PHE G 467 15.16 -45.04 19.79
C PHE G 467 14.09 -46.02 20.24
N GLU G 468 14.47 -46.92 21.14
CA GLU G 468 13.59 -47.98 21.59
C GLU G 468 13.51 -48.04 23.12
N PHE G 469 12.46 -47.45 23.65
CA PHE G 469 12.21 -47.41 25.10
C PHE G 469 10.75 -47.72 25.36
N GLU G 470 10.45 -48.11 26.59
CA GLU G 470 9.07 -48.33 27.01
C GLU G 470 8.34 -47.00 27.18
N ALA G 471 7.18 -46.89 26.51
CA ALA G 471 6.33 -45.70 26.60
C ALA G 471 5.53 -45.67 27.89
N GLN G 472 5.35 -44.47 28.43
CA GLN G 472 4.54 -44.23 29.62
C GLN G 472 3.07 -44.10 29.24
N ASP G 473 2.80 -43.31 28.21
CA ASP G 473 1.44 -43.04 27.75
C ASP G 473 0.95 -44.15 26.81
N THR G 474 0.38 -45.19 27.40
CA THR G 474 -0.06 -46.37 26.66
C THR G 474 -1.48 -46.78 27.05
N ILE G 475 -2.14 -47.55 26.19
CA ILE G 475 -3.48 -48.07 26.50
C ILE G 475 -3.40 -49.12 27.60
N SER H 14 10.04 -35.99 -9.30
CA SER H 14 11.06 -35.24 -10.08
C SER H 14 12.47 -35.42 -9.52
N TYR H 15 12.55 -36.04 -8.35
CA TYR H 15 13.83 -36.35 -7.69
C TYR H 15 14.21 -37.81 -7.87
N LEU H 16 13.37 -38.53 -8.62
CA LEU H 16 13.61 -39.92 -8.97
C LEU H 16 13.98 -40.03 -10.46
N PRO H 17 14.56 -41.16 -10.89
CA PRO H 17 14.76 -41.40 -12.32
C PRO H 17 13.43 -41.33 -13.08
N PRO H 18 13.46 -40.85 -14.34
CA PRO H 18 12.25 -40.77 -15.16
C PRO H 18 11.51 -42.10 -15.21
N LEU H 19 10.18 -42.04 -15.16
CA LEU H 19 9.35 -43.24 -15.10
C LEU H 19 9.15 -43.87 -16.48
N SER H 20 9.16 -45.20 -16.51
CA SER H 20 8.82 -45.95 -17.70
C SER H 20 7.30 -46.00 -17.88
N ASP H 21 6.85 -46.41 -19.07
CA ASP H 21 5.42 -46.53 -19.35
C ASP H 21 4.72 -47.53 -18.43
N ALA H 22 5.44 -48.58 -18.05
CA ALA H 22 4.91 -49.58 -17.13
C ALA H 22 4.77 -49.03 -15.71
N GLN H 23 5.71 -48.18 -15.31
CA GLN H 23 5.67 -47.51 -14.00
C GLN H 23 4.57 -46.46 -13.93
N ILE H 24 4.42 -45.69 -15.01
CA ILE H 24 3.36 -44.70 -15.14
C ILE H 24 1.97 -45.37 -15.07
N ALA H 25 1.79 -46.44 -15.84
CA ALA H 25 0.53 -47.20 -15.85
C ALA H 25 0.22 -47.84 -14.50
N ARG H 26 1.28 -48.24 -13.78
CA ARG H 26 1.16 -48.81 -12.44
C ARG H 26 0.72 -47.77 -11.40
N GLN H 27 1.17 -46.52 -11.58
CA GLN H 27 0.75 -45.41 -10.73
C GLN H 27 -0.72 -45.07 -10.98
N ILE H 28 -1.11 -45.03 -12.26
CA ILE H 28 -2.47 -44.75 -12.69
C ILE H 28 -3.45 -45.83 -12.23
N GLN H 29 -3.05 -47.09 -12.36
CA GLN H 29 -3.89 -48.21 -11.93
C GLN H 29 -4.15 -48.18 -10.42
N TYR H 30 -3.14 -47.77 -9.66
CA TYR H 30 -3.27 -47.61 -8.22
C TYR H 30 -4.38 -46.62 -7.85
N ALA H 31 -4.44 -45.52 -8.59
CA ALA H 31 -5.48 -44.51 -8.42
C ALA H 31 -6.87 -45.10 -8.69
N ILE H 32 -7.00 -45.77 -9.84
CA ILE H 32 -8.24 -46.42 -10.25
C ILE H 32 -8.71 -47.45 -9.22
N ASP H 33 -7.77 -48.25 -8.71
CA ASP H 33 -8.07 -49.26 -7.70
C ASP H 33 -8.59 -48.67 -6.39
N GLN H 34 -8.19 -47.45 -6.09
CA GLN H 34 -8.64 -46.74 -4.89
C GLN H 34 -9.99 -46.05 -5.09
N GLY H 35 -10.43 -45.98 -6.34
CA GLY H 35 -11.70 -45.34 -6.69
C GLY H 35 -11.56 -43.89 -7.11
N TYR H 36 -10.33 -43.45 -7.30
CA TYR H 36 -10.06 -42.07 -7.72
C TYR H 36 -10.33 -41.90 -9.21
N HIS H 37 -10.57 -40.66 -9.62
CA HIS H 37 -10.92 -40.34 -10.99
C HIS H 37 -9.78 -39.63 -11.70
N PRO H 38 -9.18 -40.30 -12.71
CA PRO H 38 -8.06 -39.73 -13.45
C PRO H 38 -8.47 -38.58 -14.36
N CYS H 39 -7.53 -37.68 -14.60
CA CYS H 39 -7.76 -36.53 -15.49
C CYS H 39 -6.41 -36.13 -16.08
N VAL H 40 -6.46 -35.63 -17.32
CA VAL H 40 -5.25 -35.22 -18.02
C VAL H 40 -5.28 -33.70 -18.24
N GLU H 41 -4.18 -33.05 -17.91
CA GLU H 41 -4.03 -31.61 -18.14
C GLU H 41 -2.66 -31.27 -18.71
N PHE H 42 -2.59 -30.12 -19.39
CA PHE H 42 -1.37 -29.70 -20.06
C PHE H 42 -1.13 -28.19 -19.92
N ASN H 43 0.13 -27.80 -20.00
CA ASN H 43 0.54 -26.40 -19.91
C ASN H 43 1.88 -26.19 -20.59
N GLU H 44 2.15 -24.95 -20.99
CA GLU H 44 3.44 -24.59 -21.60
C GLU H 44 4.62 -24.62 -20.61
N THR H 45 4.33 -24.39 -19.32
CA THR H 45 5.34 -24.44 -18.26
C THR H 45 4.93 -25.42 -17.16
N SER H 46 5.92 -26.03 -16.51
CA SER H 46 5.66 -26.97 -15.42
C SER H 46 5.87 -26.33 -14.04
N ASN H 47 6.08 -25.01 -14.04
CA ASN H 47 6.27 -24.25 -12.81
C ASN H 47 5.04 -24.33 -11.88
N ALA H 48 5.29 -24.51 -10.59
CA ALA H 48 4.23 -24.69 -9.60
C ALA H 48 3.47 -23.40 -9.25
N GLU H 49 4.04 -22.26 -9.64
CA GLU H 49 3.40 -20.95 -9.47
C GLU H 49 2.23 -20.79 -10.45
N ILE H 50 2.23 -21.58 -11.51
CA ILE H 50 1.09 -21.64 -12.43
C ILE H 50 -0.03 -22.41 -11.75
N ARG H 51 -1.08 -21.68 -11.39
CA ARG H 51 -2.18 -22.26 -10.60
C ARG H 51 -3.00 -23.27 -11.41
N TYR H 52 -3.33 -22.90 -12.65
CA TYR H 52 -4.17 -23.74 -13.49
C TYR H 52 -3.48 -24.19 -14.76
N TRP H 53 -3.58 -25.48 -15.03
CA TRP H 53 -3.18 -26.04 -16.31
C TRP H 53 -4.44 -26.16 -17.15
N THR H 54 -4.28 -26.37 -18.45
CA THR H 54 -5.45 -26.54 -19.31
C THR H 54 -5.89 -28.00 -19.30
N MET H 55 -7.17 -28.21 -19.01
CA MET H 55 -7.74 -29.55 -18.93
C MET H 55 -7.88 -30.15 -20.33
N TRP H 56 -7.41 -31.39 -20.49
CA TRP H 56 -7.64 -32.16 -21.71
C TRP H 56 -8.99 -32.86 -21.63
N LYS H 57 -9.93 -32.42 -22.48
CA LYS H 57 -11.29 -32.96 -22.53
C LYS H 57 -12.00 -32.86 -21.18
N LEU H 58 -12.35 -34.02 -20.61
CA LEU H 58 -12.97 -34.11 -19.29
C LEU H 58 -12.31 -35.20 -18.46
N PRO H 59 -12.50 -35.16 -17.12
CA PRO H 59 -11.96 -36.24 -16.29
C PRO H 59 -12.55 -37.58 -16.69
N LEU H 60 -11.74 -38.62 -16.65
CA LEU H 60 -12.19 -39.97 -17.02
C LEU H 60 -12.90 -40.63 -15.84
N PHE H 61 -14.20 -40.35 -15.72
CA PHE H 61 -15.02 -40.94 -14.66
C PHE H 61 -15.34 -42.39 -15.01
N ASN H 62 -15.12 -43.27 -14.03
CA ASN H 62 -15.41 -44.71 -14.16
C ASN H 62 -14.54 -45.50 -15.16
N CYS H 63 -13.34 -44.98 -15.43
CA CYS H 63 -12.35 -45.75 -16.18
C CYS H 63 -11.73 -46.81 -15.27
N THR H 64 -11.87 -48.08 -15.68
CA THR H 64 -11.31 -49.20 -14.92
C THR H 64 -9.97 -49.66 -15.52
N ASN H 65 -9.67 -49.16 -16.70
CA ASN H 65 -8.46 -49.52 -17.42
C ASN H 65 -7.45 -48.37 -17.50
N ALA H 66 -6.23 -48.61 -17.02
CA ALA H 66 -5.17 -47.61 -17.01
C ALA H 66 -4.67 -47.26 -18.41
N GLN H 67 -4.83 -48.20 -19.35
CA GLN H 67 -4.45 -47.99 -20.75
C GLN H 67 -5.29 -46.90 -21.42
N ASP H 68 -6.58 -46.84 -21.07
CA ASP H 68 -7.49 -45.81 -21.57
C ASP H 68 -7.03 -44.41 -21.18
N VAL H 69 -6.41 -44.30 -20.00
CA VAL H 69 -5.83 -43.04 -19.53
C VAL H 69 -4.57 -42.71 -20.34
N LEU H 70 -3.70 -43.70 -20.53
CA LEU H 70 -2.51 -43.55 -21.36
C LEU H 70 -2.83 -43.17 -22.81
N ASN H 71 -3.96 -43.68 -23.32
CA ASN H 71 -4.43 -43.36 -24.66
C ASN H 71 -4.73 -41.87 -24.83
N GLU H 72 -5.34 -41.27 -23.82
CA GLU H 72 -5.66 -39.84 -23.82
C GLU H 72 -4.40 -38.98 -23.71
N VAL H 73 -3.39 -39.49 -23.01
CA VAL H 73 -2.09 -38.84 -22.90
C VAL H 73 -1.40 -38.78 -24.28
N GLN H 74 -1.43 -39.89 -25.01
CA GLN H 74 -0.84 -39.97 -26.36
C GLN H 74 -1.50 -39.01 -27.33
N GLN H 75 -2.84 -38.99 -27.30
CA GLN H 75 -3.65 -38.10 -28.15
C GLN H 75 -3.39 -36.63 -27.84
N CYS H 76 -3.18 -36.33 -26.56
CA CYS H 76 -2.84 -34.97 -26.12
C CYS H 76 -1.43 -34.58 -26.58
N ARG H 77 -0.49 -35.52 -26.47
CA ARG H 77 0.90 -35.32 -26.88
C ARG H 77 1.03 -35.00 -28.38
N SER H 78 0.25 -35.72 -29.19
CA SER H 78 0.26 -35.53 -30.64
C SER H 78 -0.22 -34.14 -31.05
N GLU H 79 -1.26 -33.65 -30.38
CA GLU H 79 -1.80 -32.31 -30.65
C GLU H 79 -0.98 -31.20 -30.02
N TYR H 80 -0.38 -31.48 -28.87
CA TYR H 80 0.44 -30.50 -28.15
C TYR H 80 1.81 -31.07 -27.76
N PRO H 81 2.74 -31.13 -28.73
CA PRO H 81 4.08 -31.67 -28.44
C PRO H 81 4.98 -30.68 -27.71
N ASN H 82 4.62 -29.40 -27.75
CA ASN H 82 5.40 -28.34 -27.11
C ASN H 82 4.95 -28.03 -25.68
N CYS H 83 4.04 -28.85 -25.15
CA CYS H 83 3.48 -28.64 -23.81
C CYS H 83 3.82 -29.77 -22.84
N PHE H 84 3.95 -29.42 -21.56
CA PHE H 84 4.07 -30.39 -20.48
C PHE H 84 2.73 -31.07 -20.30
N ILE H 85 2.74 -32.36 -19.99
CA ILE H 85 1.51 -33.09 -19.73
C ILE H 85 1.65 -33.84 -18.39
N ARG H 86 0.59 -33.78 -17.59
CA ARG H 86 0.55 -34.55 -16.35
C ARG H 86 -0.77 -35.26 -16.16
N VAL H 87 -0.73 -36.31 -15.33
CA VAL H 87 -1.93 -37.05 -14.97
C VAL H 87 -2.24 -36.76 -13.51
N VAL H 88 -3.50 -36.39 -13.25
CA VAL H 88 -3.97 -36.16 -11.90
C VAL H 88 -5.16 -37.07 -11.59
N ALA H 89 -5.36 -37.37 -10.32
CA ALA H 89 -6.53 -38.11 -9.88
C ALA H 89 -7.13 -37.40 -8.68
N PHE H 90 -8.45 -37.44 -8.58
CA PHE H 90 -9.14 -36.82 -7.44
C PHE H 90 -10.14 -37.74 -6.77
N ASP H 91 -10.33 -37.48 -5.48
CA ASP H 91 -11.34 -38.12 -4.66
C ASP H 91 -12.52 -37.15 -4.62
N ASN H 92 -13.66 -37.57 -5.18
CA ASN H 92 -14.84 -36.69 -5.23
C ASN H 92 -15.59 -36.59 -3.90
N ILE H 93 -15.44 -37.61 -3.06
CA ILE H 93 -16.08 -37.64 -1.75
C ILE H 93 -15.42 -36.63 -0.80
N LYS H 94 -14.09 -36.63 -0.77
CA LYS H 94 -13.33 -35.65 0.00
C LYS H 94 -13.15 -34.36 -0.79
N GLN H 95 -13.46 -34.43 -2.08
CA GLN H 95 -13.21 -33.35 -3.05
C GLN H 95 -11.79 -32.77 -2.95
N CYS H 96 -10.81 -33.63 -3.19
CA CYS H 96 -9.41 -33.21 -3.19
C CYS H 96 -8.62 -34.01 -4.22
N GLN H 97 -7.58 -33.38 -4.76
CA GLN H 97 -6.66 -34.04 -5.67
C GLN H 97 -5.70 -34.90 -4.84
N VAL H 98 -5.58 -36.17 -5.23
CA VAL H 98 -4.85 -37.16 -4.42
C VAL H 98 -3.55 -37.66 -5.07
N MET H 99 -3.37 -37.35 -6.35
CA MET H 99 -2.07 -37.54 -7.01
C MET H 99 -1.88 -36.63 -8.21
N SER H 100 -0.61 -36.36 -8.51
CA SER H 100 -0.20 -35.52 -9.63
C SER H 100 1.25 -35.81 -9.95
N PHE H 101 1.51 -36.23 -11.19
CA PHE H 101 2.87 -36.45 -11.66
C PHE H 101 2.97 -36.19 -13.16
N ILE H 102 4.05 -35.52 -13.58
CA ILE H 102 4.29 -35.22 -14.98
C ILE H 102 4.59 -36.50 -15.75
N VAL H 103 3.92 -36.68 -16.89
CA VAL H 103 4.10 -37.86 -17.73
C VAL H 103 4.89 -37.57 -19.02
N TYR H 104 4.95 -36.29 -19.39
CA TYR H 104 5.65 -35.86 -20.60
C TYR H 104 6.23 -34.46 -20.48
N LYS H 105 7.53 -34.34 -20.76
CA LYS H 105 8.21 -33.05 -20.88
C LYS H 105 8.53 -32.79 -22.36
N PRO H 106 8.18 -31.61 -22.88
CA PRO H 106 8.38 -31.28 -24.30
C PRO H 106 9.86 -31.22 -24.71
#